data_3BZE
#
_entry.id   3BZE
#
_cell.length_a   104.778
_cell.length_b   73.354
_cell.length_c   131.535
_cell.angle_alpha   90.00
_cell.angle_beta   112.70
_cell.angle_gamma   90.00
#
_symmetry.space_group_name_H-M   'P 1 21 1'
#
loop_
_entity.id
_entity.type
_entity.pdbx_description
1 polymer 'HLA class I histocompatibility antigen, alpha chain E'
2 polymer Beta-2-microglobulin
3 polymer 'leader peptide of HLA class I histocompatibility antigen, alpha chain G'
4 water water
#
loop_
_entity_poly.entity_id
_entity_poly.type
_entity_poly.pdbx_seq_one_letter_code
_entity_poly.pdbx_strand_id
1 'polypeptide(L)'
;SHSLKYFHTSVSRPGRGEPRFISVGYVDDTQFVRFDNDAASPRMVPRAPWMEQEGSEYWDRETRSARDTAQIFRVNLRTL
RGYYNQSEAGSHTLQWMHGCELGPDRRFLRGYEQFAYDGKDYLTLNEDLRSWTAVDTAAQISEQKSNDASEAEHQRAYLE
DTCVEWLHKYLEKGKETLLHLEPPKTHVTHHPISDHEATLRCWALGFYPAEITLTWQQDGEGHTQDTELVETRPAGDGTF
QKWAAVVVPSGEEQRYTCHVQHEGLPEPVTLRW
;
A,C,E,G
2 'polypeptide(L)'
;MIQRTPKIQVYSRHPAENGKSNFLNCYVSGFHPSDIEVDLLKNGERIEKVEHSDLSFSKDWSFYLLYYTEFTPTEKDEYA
CRVNHVTLSQPKIVKWDRDM
;
B,D,F,H
3 'polypeptide(L)' VMAPRTLFL P,Q,R,S
#
# COMPACT_ATOMS: atom_id res chain seq x y z
N SER A 1 40.24 21.15 -22.50
CA SER A 1 39.44 20.46 -23.54
C SER A 1 38.72 21.46 -24.43
N HIS A 2 38.89 21.31 -25.74
CA HIS A 2 38.27 22.18 -26.71
C HIS A 2 37.91 21.38 -27.93
N SER A 3 36.93 21.84 -28.68
CA SER A 3 36.51 21.15 -29.87
C SER A 3 36.18 22.08 -31.01
N LEU A 4 36.33 21.58 -32.23
CA LEU A 4 36.02 22.35 -33.42
C LEU A 4 35.11 21.47 -34.25
N LYS A 5 33.82 21.81 -34.24
CA LYS A 5 32.86 21.00 -34.98
C LYS A 5 32.12 21.78 -36.04
N TYR A 6 31.75 21.07 -37.10
CA TYR A 6 30.96 21.65 -38.16
C TYR A 6 29.71 20.78 -38.34
N PHE A 7 28.64 21.40 -38.80
CA PHE A 7 27.37 20.74 -39.04
C PHE A 7 26.90 21.14 -40.44
N HIS A 8 26.80 20.15 -41.33
CA HIS A 8 26.41 20.36 -42.71
C HIS A 8 25.05 19.77 -43.01
N THR A 9 24.17 20.56 -43.65
CA THR A 9 22.83 20.10 -43.97
C THR A 9 22.43 20.42 -45.40
N SER A 10 21.95 19.42 -46.11
CA SER A 10 21.53 19.59 -47.50
C SER A 10 20.11 19.05 -47.61
N VAL A 11 19.19 19.88 -48.11
CA VAL A 11 17.80 19.49 -48.27
C VAL A 11 17.35 19.66 -49.71
N SER A 12 16.85 18.58 -50.29
CA SER A 12 16.39 18.64 -51.67
C SER A 12 15.08 19.39 -51.74
N ARG A 13 14.78 19.95 -52.92
CA ARG A 13 13.54 20.70 -53.15
C ARG A 13 13.05 20.38 -54.55
N PRO A 14 12.37 19.24 -54.72
CA PRO A 14 11.85 18.83 -56.02
C PRO A 14 11.51 20.00 -56.94
N GLY A 15 10.68 20.92 -56.46
CA GLY A 15 10.32 22.07 -57.26
C GLY A 15 11.46 23.02 -57.59
N ARG A 16 11.80 23.89 -56.63
CA ARG A 16 12.82 24.93 -56.77
C ARG A 16 14.24 24.36 -56.87
N GLY A 17 14.53 23.67 -57.96
CA GLY A 17 15.89 23.32 -58.34
C GLY A 17 16.86 22.91 -57.24
N GLU A 18 18.11 23.34 -57.38
CA GLU A 18 19.19 23.03 -56.46
C GLU A 18 18.77 23.02 -55.00
N PRO A 19 19.12 21.94 -54.28
CA PRO A 19 18.77 21.81 -52.85
C PRO A 19 19.52 22.75 -51.93
N ARG A 20 18.88 23.15 -50.84
CA ARG A 20 19.50 24.05 -49.91
C ARG A 20 20.68 23.38 -49.23
N PHE A 21 21.72 24.17 -49.01
CA PHE A 21 22.89 23.67 -48.34
C PHE A 21 23.29 24.68 -47.31
N ILE A 22 23.51 24.22 -46.07
CA ILE A 22 23.89 25.07 -44.97
C ILE A 22 25.03 24.44 -44.17
N SER A 23 25.91 25.28 -43.67
CA SER A 23 27.01 24.79 -42.88
C SER A 23 27.22 25.75 -41.72
N VAL A 24 27.45 25.21 -40.53
CA VAL A 24 27.76 26.06 -39.40
C VAL A 24 28.95 25.47 -38.67
N GLY A 25 29.84 26.35 -38.22
CA GLY A 25 31.02 25.92 -37.51
C GLY A 25 30.97 26.41 -36.09
N TYR A 26 31.52 25.62 -35.17
CA TYR A 26 31.54 25.95 -33.75
C TYR A 26 32.88 25.67 -33.12
N VAL A 27 33.19 26.47 -32.11
CA VAL A 27 34.38 26.27 -31.32
C VAL A 27 33.71 26.10 -29.96
N ASP A 28 33.65 24.87 -29.49
CA ASP A 28 32.99 24.56 -28.23
C ASP A 28 31.50 24.89 -28.32
N ASP A 29 31.03 25.87 -27.56
CA ASP A 29 29.61 26.22 -27.61
C ASP A 29 29.38 27.52 -28.35
N THR A 30 30.40 27.97 -29.05
CA THR A 30 30.33 29.24 -29.76
C THR A 30 30.38 29.11 -31.26
N GLN A 31 29.30 29.51 -31.93
CA GLN A 31 29.28 29.43 -33.37
C GLN A 31 30.17 30.53 -33.90
N PHE A 32 31.05 30.21 -34.85
CA PHE A 32 31.93 31.24 -35.40
C PHE A 32 31.82 31.50 -36.91
N VAL A 33 31.17 30.60 -37.64
CA VAL A 33 30.98 30.76 -39.09
C VAL A 33 29.72 30.06 -39.60
N ARG A 34 29.41 30.29 -40.86
CA ARG A 34 28.25 29.71 -41.49
C ARG A 34 28.29 29.94 -42.98
N PHE A 35 27.57 29.11 -43.72
CA PHE A 35 27.49 29.21 -45.14
C PHE A 35 26.08 28.82 -45.50
N ASP A 36 25.50 29.54 -46.43
CA ASP A 36 24.15 29.27 -46.86
C ASP A 36 24.02 29.64 -48.32
N ASN A 37 23.92 28.61 -49.17
CA ASN A 37 23.77 28.81 -50.61
C ASN A 37 22.47 29.54 -50.95
N ASP A 38 21.65 29.87 -49.95
CA ASP A 38 20.40 30.54 -50.23
C ASP A 38 20.26 31.95 -49.67
N ALA A 39 21.35 32.49 -49.13
CA ALA A 39 21.31 33.84 -48.56
C ALA A 39 21.85 34.90 -49.51
N ALA A 40 21.88 36.15 -49.05
CA ALA A 40 22.38 37.26 -49.87
C ALA A 40 23.75 36.93 -50.47
N SER A 41 24.71 36.65 -49.60
CA SER A 41 26.06 36.29 -50.01
C SER A 41 26.56 34.84 -49.84
N PRO A 42 26.31 33.91 -50.74
CA PRO A 42 26.95 32.61 -50.50
C PRO A 42 28.44 32.92 -50.17
N ARG A 43 28.95 32.69 -48.96
CA ARG A 43 30.25 32.93 -48.72
C ARG A 43 30.17 32.36 -47.49
N MET A 44 31.10 31.54 -47.29
CA MET A 44 31.33 31.40 -45.86
C MET A 44 31.47 32.79 -45.26
N VAL A 45 30.79 33.06 -44.17
CA VAL A 45 30.87 34.38 -43.53
C VAL A 45 31.13 34.28 -42.04
N PRO A 46 31.59 35.40 -41.44
CA PRO A 46 31.90 35.48 -40.00
C PRO A 46 30.62 35.54 -39.18
N ARG A 47 30.58 34.80 -38.07
CA ARG A 47 29.42 34.80 -37.19
C ARG A 47 29.83 35.04 -35.75
N ALA A 48 31.11 35.35 -35.54
CA ALA A 48 31.66 35.64 -34.23
C ALA A 48 32.55 36.87 -34.43
N PRO A 49 32.54 37.81 -33.47
CA PRO A 49 33.35 39.04 -33.58
C PRO A 49 34.83 38.81 -33.93
N TRP A 50 35.47 37.88 -33.23
CA TRP A 50 36.87 37.57 -33.47
C TRP A 50 37.21 36.92 -34.82
N MET A 51 36.33 37.03 -35.80
CA MET A 51 36.58 36.44 -37.11
C MET A 51 36.36 37.47 -38.21
N GLU A 52 36.40 38.74 -37.85
CA GLU A 52 36.20 39.78 -38.85
C GLU A 52 37.50 40.40 -39.34
N GLN A 53 38.64 39.87 -38.89
CA GLN A 53 39.94 40.39 -39.32
C GLN A 53 40.63 39.35 -40.19
N GLU A 54 39.85 38.60 -40.95
CA GLU A 54 40.42 37.58 -41.82
C GLU A 54 40.29 38.01 -43.27
N GLY A 55 41.31 37.70 -44.07
CA GLY A 55 41.30 38.11 -45.47
C GLY A 55 40.58 37.22 -46.44
N SER A 56 40.54 37.65 -47.69
CA SER A 56 39.90 36.93 -48.78
C SER A 56 40.45 35.51 -48.92
N GLU A 57 41.74 35.37 -48.73
CA GLU A 57 42.37 34.07 -48.84
C GLU A 57 41.61 33.03 -48.01
N TYR A 58 41.27 33.38 -46.77
CA TYR A 58 40.54 32.48 -45.88
C TYR A 58 39.10 32.24 -46.32
N TRP A 59 38.35 33.32 -46.52
CA TRP A 59 36.97 33.19 -46.91
C TRP A 59 36.77 32.53 -48.26
N ASP A 60 37.65 32.79 -49.21
CA ASP A 60 37.54 32.18 -50.52
C ASP A 60 37.71 30.66 -50.45
N ARG A 61 38.69 30.22 -49.67
CA ARG A 61 38.97 28.80 -49.53
C ARG A 61 37.80 28.07 -48.87
N GLU A 62 37.34 28.58 -47.73
CA GLU A 62 36.25 27.98 -47.00
C GLU A 62 35.01 27.98 -47.88
N THR A 63 34.83 29.06 -48.64
CA THR A 63 33.70 29.17 -49.55
C THR A 63 33.84 28.07 -50.60
N ARG A 64 35.07 27.82 -50.97
CA ARG A 64 35.25 26.80 -51.94
C ARG A 64 34.94 25.41 -51.40
N SER A 65 35.35 25.18 -50.17
CA SER A 65 35.03 23.93 -49.51
C SER A 65 33.52 23.74 -49.33
N ALA A 66 32.83 24.79 -48.88
CA ALA A 66 31.40 24.70 -48.68
C ALA A 66 30.69 24.42 -50.01
N ARG A 67 31.06 25.18 -51.05
CA ARG A 67 30.44 24.98 -52.35
C ARG A 67 30.72 23.60 -52.96
N ASP A 68 31.93 23.08 -52.78
CA ASP A 68 32.25 21.76 -53.34
C ASP A 68 31.42 20.71 -52.63
N THR A 69 31.31 20.85 -51.30
CA THR A 69 30.54 19.92 -50.50
C THR A 69 29.09 19.93 -50.97
N ALA A 70 28.56 21.13 -51.19
CA ALA A 70 27.19 21.27 -51.66
C ALA A 70 26.97 20.52 -52.97
N GLN A 71 27.87 20.68 -53.95
CA GLN A 71 27.71 20.00 -55.22
C GLN A 71 27.75 18.48 -55.06
N ILE A 72 28.67 17.99 -54.23
CA ILE A 72 28.76 16.55 -54.04
C ILE A 72 27.45 16.08 -53.41
N PHE A 73 27.00 16.80 -52.38
CA PHE A 73 25.75 16.45 -51.71
C PHE A 73 24.52 16.49 -52.63
N ARG A 74 24.59 17.27 -53.69
CA ARG A 74 23.50 17.31 -54.63
C ARG A 74 23.52 15.92 -55.26
N VAL A 75 24.69 15.53 -55.73
CA VAL A 75 24.85 14.23 -56.35
C VAL A 75 24.46 13.12 -55.35
N ASN A 76 24.90 13.22 -54.11
CA ASN A 76 24.62 12.21 -53.10
C ASN A 76 23.13 12.04 -52.81
N LEU A 77 22.36 13.12 -52.94
CA LEU A 77 20.92 13.03 -52.70
C LEU A 77 20.24 12.22 -53.80
N ARG A 78 20.74 12.30 -55.03
CA ARG A 78 20.15 11.53 -56.14
C ARG A 78 20.53 10.09 -55.90
N THR A 79 21.78 9.89 -55.55
CA THR A 79 22.26 8.55 -55.28
C THR A 79 21.44 7.93 -54.13
N LEU A 80 21.39 8.59 -52.97
CA LEU A 80 20.63 8.08 -51.82
C LEU A 80 19.14 7.85 -52.18
N ARG A 81 18.61 8.65 -53.09
CA ARG A 81 17.24 8.49 -53.50
C ARG A 81 17.10 7.12 -54.19
N GLY A 82 18.07 6.77 -55.03
CA GLY A 82 18.05 5.49 -55.71
C GLY A 82 18.17 4.33 -54.73
N TYR A 83 18.88 4.52 -53.63
CA TYR A 83 19.07 3.46 -52.64
C TYR A 83 17.80 3.10 -51.87
N TYR A 84 17.00 4.11 -51.52
CA TYR A 84 15.77 3.85 -50.78
C TYR A 84 14.56 3.70 -51.69
N ASN A 85 14.81 3.66 -53.00
CA ASN A 85 13.76 3.54 -54.00
C ASN A 85 12.68 4.58 -53.76
N GLN A 86 13.12 5.79 -53.43
CA GLN A 86 12.26 6.93 -53.15
C GLN A 86 12.05 7.68 -54.46
N SER A 87 10.83 8.19 -54.69
CA SER A 87 10.52 8.92 -55.91
C SER A 87 11.15 10.30 -55.90
N GLU A 88 11.08 10.95 -57.06
CA GLU A 88 11.65 12.29 -57.24
C GLU A 88 10.75 13.41 -56.71
N ALA A 89 9.60 13.05 -56.18
CA ALA A 89 8.66 14.04 -55.68
C ALA A 89 8.95 14.56 -54.27
N GLY A 90 9.40 13.67 -53.40
CA GLY A 90 9.67 14.06 -52.02
C GLY A 90 10.97 14.76 -51.69
N SER A 91 10.95 15.48 -50.57
CA SER A 91 12.10 16.22 -50.07
C SER A 91 12.84 15.36 -49.05
N HIS A 92 14.16 15.37 -49.13
CA HIS A 92 15.00 14.56 -48.25
C HIS A 92 16.20 15.31 -47.66
N THR A 93 16.73 14.77 -46.58
CA THR A 93 17.84 15.41 -45.89
C THR A 93 19.07 14.54 -45.77
N LEU A 94 20.21 15.13 -46.12
CA LEU A 94 21.50 14.49 -46.00
C LEU A 94 22.25 15.36 -45.02
N GLN A 95 22.70 14.77 -43.93
CA GLN A 95 23.46 15.52 -42.94
C GLN A 95 24.86 14.94 -42.78
N TRP A 96 25.81 15.81 -42.43
CA TRP A 96 27.20 15.43 -42.24
C TRP A 96 27.78 16.28 -41.15
N MET A 97 28.40 15.64 -40.17
CA MET A 97 29.03 16.40 -39.11
C MET A 97 30.43 15.82 -38.86
N HIS A 98 31.36 16.70 -38.48
CA HIS A 98 32.72 16.26 -38.20
C HIS A 98 33.29 17.17 -37.14
N GLY A 99 34.22 16.63 -36.37
CA GLY A 99 34.82 17.45 -35.35
C GLY A 99 36.03 16.81 -34.71
N CYS A 100 36.89 17.64 -34.15
CA CYS A 100 38.06 17.16 -33.46
C CYS A 100 38.00 17.75 -32.07
N GLU A 101 38.54 17.04 -31.10
CA GLU A 101 38.55 17.49 -29.70
C GLU A 101 39.97 17.43 -29.14
N LEU A 102 40.32 18.41 -28.32
CA LEU A 102 41.63 18.44 -27.67
C LEU A 102 41.44 17.91 -26.25
N GLY A 103 42.46 17.26 -25.74
CA GLY A 103 42.54 16.93 -24.34
C GLY A 103 43.18 18.07 -23.59
N PRO A 104 43.23 17.93 -22.29
CA PRO A 104 43.73 18.95 -21.38
C PRO A 104 45.10 19.45 -21.74
N ASP A 105 45.95 18.51 -22.10
CA ASP A 105 47.24 18.84 -22.62
C ASP A 105 47.12 19.81 -23.78
N ARG A 106 45.93 19.94 -24.34
CA ARG A 106 45.79 20.83 -25.49
C ARG A 106 46.15 20.15 -26.82
N ARG A 107 46.26 18.82 -26.80
CA ARG A 107 46.58 18.09 -28.00
C ARG A 107 45.44 17.15 -28.41
N PHE A 108 45.41 16.78 -29.68
CA PHE A 108 44.40 15.89 -30.26
C PHE A 108 43.99 14.76 -29.35
N LEU A 109 42.72 14.75 -28.95
CA LEU A 109 42.22 13.67 -28.10
C LEU A 109 41.44 12.68 -28.94
N ARG A 110 40.51 13.20 -29.76
CA ARG A 110 39.71 12.34 -30.62
C ARG A 110 39.08 13.11 -31.76
N GLY A 111 38.62 12.33 -32.73
CA GLY A 111 38.00 12.88 -33.91
C GLY A 111 36.77 12.07 -34.26
N TYR A 112 35.85 12.68 -35.00
CA TYR A 112 34.63 11.99 -35.37
C TYR A 112 34.03 12.49 -36.67
N GLU A 113 33.27 11.62 -37.33
CA GLU A 113 32.63 11.98 -38.59
C GLU A 113 31.51 11.00 -38.91
N GLN A 114 30.33 11.52 -39.22
CA GLN A 114 29.18 10.68 -39.62
C GLN A 114 28.19 11.39 -40.55
N PHE A 115 27.50 10.58 -41.36
CA PHE A 115 26.51 11.05 -42.30
C PHE A 115 25.16 10.50 -41.86
N ALA A 116 24.10 11.18 -42.25
CA ALA A 116 22.73 10.80 -41.94
C ALA A 116 21.83 11.11 -43.10
N TYR A 117 20.87 10.23 -43.35
CA TYR A 117 19.91 10.46 -44.41
C TYR A 117 18.54 10.50 -43.70
N ASP A 118 17.75 11.51 -44.04
CA ASP A 118 16.43 11.73 -43.45
C ASP A 118 16.39 11.57 -41.93
N GLY A 119 17.34 12.18 -41.25
CA GLY A 119 17.38 12.11 -39.80
C GLY A 119 17.82 10.81 -39.17
N LYS A 120 18.39 9.91 -39.95
CA LYS A 120 18.85 8.62 -39.43
C LYS A 120 20.35 8.35 -39.77
N ASP A 121 21.06 7.69 -38.86
CA ASP A 121 22.47 7.35 -39.09
C ASP A 121 22.60 6.58 -40.38
N TYR A 122 23.51 7.00 -41.25
CA TYR A 122 23.71 6.31 -42.52
C TYR A 122 25.09 5.68 -42.58
N LEU A 123 26.12 6.52 -42.63
CA LEU A 123 27.48 6.05 -42.72
C LEU A 123 28.29 6.71 -41.62
N THR A 124 29.03 5.90 -40.89
CA THR A 124 29.85 6.40 -39.83
C THR A 124 31.33 6.06 -39.98
N LEU A 125 32.18 6.95 -39.48
CA LEU A 125 33.63 6.77 -39.51
C LEU A 125 34.13 6.10 -38.23
N ASN A 126 34.79 4.95 -38.36
CA ASN A 126 35.31 4.20 -37.23
C ASN A 126 36.15 5.01 -36.27
N GLU A 127 36.08 4.61 -35.01
CA GLU A 127 36.80 5.25 -33.90
C GLU A 127 38.29 5.53 -34.18
N ASP A 128 38.97 4.57 -34.79
CA ASP A 128 40.39 4.75 -35.09
C ASP A 128 40.59 5.63 -36.32
N LEU A 129 39.49 5.98 -36.97
CA LEU A 129 39.54 6.84 -38.16
C LEU A 129 40.21 6.21 -39.37
N ARG A 130 40.20 4.88 -39.48
CA ARG A 130 40.87 4.27 -40.63
C ARG A 130 39.99 3.50 -41.60
N SER A 131 38.69 3.59 -41.41
CA SER A 131 37.72 2.92 -42.27
C SER A 131 36.32 3.35 -41.89
N TRP A 132 35.37 3.02 -42.75
CA TRP A 132 33.99 3.37 -42.49
C TRP A 132 33.13 2.16 -42.13
N THR A 133 31.95 2.45 -41.62
CA THR A 133 31.00 1.41 -41.21
C THR A 133 29.56 1.83 -41.46
N ALA A 134 28.86 1.08 -42.29
CA ALA A 134 27.47 1.39 -42.55
C ALA A 134 26.70 1.11 -41.27
N VAL A 135 25.91 2.08 -40.82
CA VAL A 135 25.12 1.92 -39.62
C VAL A 135 23.70 1.58 -40.05
N ASP A 136 23.36 1.98 -41.28
CA ASP A 136 22.05 1.71 -41.85
C ASP A 136 22.30 0.63 -42.88
N THR A 137 21.57 -0.47 -42.81
CA THR A 137 21.78 -1.57 -43.74
C THR A 137 21.86 -1.11 -45.17
N ALA A 138 21.13 -0.04 -45.47
CA ALA A 138 21.09 0.53 -46.81
C ALA A 138 22.35 1.34 -47.14
N ALA A 139 23.25 1.47 -46.18
CA ALA A 139 24.47 2.22 -46.39
C ALA A 139 25.69 1.36 -46.72
N GLN A 140 25.46 0.05 -46.80
CA GLN A 140 26.52 -0.91 -47.09
C GLN A 140 27.28 -0.70 -48.41
N ILE A 141 26.58 -0.34 -49.48
CA ILE A 141 27.30 -0.11 -50.72
C ILE A 141 28.16 1.17 -50.62
N SER A 142 27.83 2.05 -49.69
CA SER A 142 28.58 3.27 -49.51
C SER A 142 29.82 2.95 -48.69
N GLU A 143 29.67 2.03 -47.75
CA GLU A 143 30.78 1.62 -46.90
C GLU A 143 31.89 0.99 -47.74
N GLN A 144 31.52 0.13 -48.69
CA GLN A 144 32.53 -0.51 -49.51
C GLN A 144 33.12 0.48 -50.51
N LYS A 145 32.27 1.25 -51.17
CA LYS A 145 32.70 2.25 -52.13
C LYS A 145 33.77 3.09 -51.44
N SER A 146 33.49 3.45 -50.18
CA SER A 146 34.37 4.27 -49.35
C SER A 146 35.62 3.64 -48.77
N ASN A 147 35.53 2.40 -48.32
CA ASN A 147 36.70 1.74 -47.77
C ASN A 147 37.66 1.34 -48.90
N ASP A 148 37.10 0.84 -50.02
CA ASP A 148 37.89 0.43 -51.15
C ASP A 148 38.62 1.63 -51.75
N ALA A 149 37.96 2.79 -51.76
CA ALA A 149 38.55 3.99 -52.30
C ALA A 149 39.50 4.60 -51.28
N SER A 150 39.53 4.03 -50.09
CA SER A 150 40.42 4.52 -49.04
C SER A 150 40.15 5.98 -48.69
N GLU A 151 38.88 6.35 -48.55
CA GLU A 151 38.55 7.74 -48.24
C GLU A 151 38.78 8.18 -46.80
N ALA A 152 38.87 7.22 -45.87
CA ALA A 152 39.08 7.55 -44.46
C ALA A 152 40.35 8.34 -44.22
N GLU A 153 41.42 8.01 -44.94
CA GLU A 153 42.72 8.67 -44.81
C GLU A 153 42.68 10.19 -44.96
N HIS A 154 41.99 10.69 -45.97
CA HIS A 154 41.94 12.13 -46.13
C HIS A 154 41.15 12.75 -45.00
N GLN A 155 40.21 11.98 -44.43
CA GLN A 155 39.41 12.49 -43.33
C GLN A 155 40.21 12.42 -42.05
N ARG A 156 40.97 11.36 -41.87
CA ARG A 156 41.80 11.21 -40.69
C ARG A 156 42.86 12.31 -40.65
N ALA A 157 43.44 12.61 -41.82
CA ALA A 157 44.46 13.64 -41.92
C ALA A 157 43.85 14.95 -41.46
N TYR A 158 42.69 15.27 -42.01
CA TYR A 158 41.99 16.49 -41.65
C TYR A 158 41.65 16.57 -40.15
N LEU A 159 41.15 15.48 -39.59
CA LEU A 159 40.76 15.43 -38.19
C LEU A 159 41.96 15.55 -37.24
N GLU A 160 43.10 14.95 -37.61
CA GLU A 160 44.27 15.01 -36.75
C GLU A 160 45.21 16.19 -36.96
N ASP A 161 45.46 16.55 -38.21
CA ASP A 161 46.36 17.65 -38.44
C ASP A 161 45.62 19.00 -38.61
N THR A 162 44.94 19.19 -39.75
CA THR A 162 44.24 20.45 -40.06
C THR A 162 43.27 20.97 -39.00
N CYS A 163 42.29 20.14 -38.65
CA CYS A 163 41.30 20.52 -37.66
C CYS A 163 41.96 20.97 -36.37
N VAL A 164 42.81 20.12 -35.79
CA VAL A 164 43.50 20.46 -34.56
C VAL A 164 44.29 21.76 -34.72
N GLU A 165 45.06 21.86 -35.80
CA GLU A 165 45.88 23.06 -36.05
C GLU A 165 45.09 24.34 -36.01
N TRP A 166 43.93 24.34 -36.66
CA TRP A 166 43.09 25.51 -36.72
C TRP A 166 42.33 25.74 -35.42
N LEU A 167 41.99 24.66 -34.73
CA LEU A 167 41.28 24.80 -33.47
C LEU A 167 42.17 25.67 -32.57
N HIS A 168 43.48 25.51 -32.75
CA HIS A 168 44.47 26.27 -31.98
C HIS A 168 44.49 27.72 -32.42
N LYS A 169 44.47 27.93 -33.73
CA LYS A 169 44.43 29.29 -34.21
C LYS A 169 43.14 29.99 -33.77
N TYR A 170 42.02 29.28 -33.78
CA TYR A 170 40.75 29.91 -33.40
C TYR A 170 40.71 30.32 -31.92
N LEU A 171 41.14 29.42 -31.04
CA LEU A 171 41.19 29.71 -29.62
C LEU A 171 42.07 30.96 -29.38
N GLU A 172 43.16 31.09 -30.12
CA GLU A 172 44.05 32.25 -29.98
C GLU A 172 43.39 33.54 -30.44
N LYS A 173 42.64 33.48 -31.54
CA LYS A 173 41.98 34.64 -32.07
C LYS A 173 40.83 35.10 -31.15
N GLY A 174 40.10 34.16 -30.58
CA GLY A 174 38.99 34.53 -29.71
C GLY A 174 39.17 34.25 -28.22
N LYS A 175 40.42 34.27 -27.76
CA LYS A 175 40.71 34.01 -26.34
C LYS A 175 39.93 34.86 -25.34
N GLU A 176 39.91 36.19 -25.54
CA GLU A 176 39.18 37.09 -24.63
C GLU A 176 37.86 36.45 -24.25
N THR A 177 37.17 35.93 -25.25
CA THR A 177 35.89 35.30 -25.03
C THR A 177 36.06 33.80 -24.77
N LEU A 178 36.23 33.03 -25.83
CA LEU A 178 36.39 31.58 -25.76
C LEU A 178 37.00 30.93 -24.52
N LEU A 179 38.03 31.55 -23.94
CA LEU A 179 38.67 30.95 -22.77
C LEU A 179 38.11 31.38 -21.42
N HIS A 180 37.22 32.37 -21.44
CA HIS A 180 36.62 32.87 -20.21
C HIS A 180 35.41 32.07 -19.73
N LEU A 181 35.46 31.60 -18.49
CA LEU A 181 34.36 30.84 -17.92
C LEU A 181 33.38 31.78 -17.23
N GLU A 182 32.12 31.78 -17.68
CA GLU A 182 31.10 32.64 -17.12
C GLU A 182 30.13 31.83 -16.26
N PRO A 183 30.32 31.80 -14.93
CA PRO A 183 29.43 31.04 -14.07
C PRO A 183 28.03 31.65 -14.07
N PRO A 184 27.03 30.87 -13.67
CA PRO A 184 25.64 31.28 -13.62
C PRO A 184 25.23 32.19 -12.45
N LYS A 185 24.22 33.03 -12.72
CA LYS A 185 23.65 33.89 -11.70
C LYS A 185 22.52 32.98 -11.23
N THR A 186 22.43 32.75 -9.93
CA THR A 186 21.42 31.85 -9.40
C THR A 186 20.46 32.34 -8.34
N HIS A 187 19.32 31.64 -8.27
CA HIS A 187 18.23 31.88 -7.32
C HIS A 187 17.11 30.84 -7.46
N VAL A 188 16.28 30.71 -6.43
CA VAL A 188 15.16 29.78 -6.45
C VAL A 188 13.85 30.56 -6.34
N THR A 189 12.93 30.29 -7.25
CA THR A 189 11.64 30.97 -7.24
C THR A 189 10.59 30.07 -6.59
N HIS A 190 9.61 30.71 -5.97
CA HIS A 190 8.54 29.99 -5.30
C HIS A 190 7.24 30.27 -6.04
N HIS A 191 6.55 29.19 -6.42
CA HIS A 191 5.30 29.31 -7.15
C HIS A 191 4.22 28.39 -6.56
N PRO A 192 3.36 28.93 -5.68
CA PRO A 192 2.30 28.10 -5.09
C PRO A 192 1.37 27.55 -6.17
N ILE A 193 1.01 26.28 -6.03
CA ILE A 193 0.14 25.60 -6.99
C ILE A 193 -1.25 25.50 -6.42
N SER A 194 -1.32 25.32 -5.11
CA SER A 194 -2.57 25.20 -4.38
C SER A 194 -2.26 25.58 -2.95
N ASP A 195 -3.15 25.24 -2.02
CA ASP A 195 -2.94 25.58 -0.61
C ASP A 195 -2.12 24.49 0.05
N HIS A 196 -1.92 23.39 -0.66
CA HIS A 196 -1.16 22.24 -0.15
C HIS A 196 0.25 22.18 -0.72
N GLU A 197 0.35 22.42 -2.03
CA GLU A 197 1.64 22.35 -2.72
C GLU A 197 2.11 23.66 -3.31
N ALA A 198 3.32 23.65 -3.83
CA ALA A 198 3.94 24.82 -4.46
C ALA A 198 5.18 24.33 -5.21
N THR A 199 5.41 24.89 -6.39
CA THR A 199 6.58 24.49 -7.16
C THR A 199 7.81 25.32 -6.80
N LEU A 200 8.93 24.64 -6.56
CA LEU A 200 10.19 25.31 -6.25
C LEU A 200 11.03 25.23 -7.54
N ARG A 201 11.35 26.38 -8.11
CA ARG A 201 12.12 26.42 -9.34
C ARG A 201 13.44 27.17 -9.17
N CYS A 202 14.52 26.43 -9.36
CA CYS A 202 15.90 26.90 -9.24
C CYS A 202 16.41 27.45 -10.57
N TRP A 203 16.90 28.68 -10.59
CA TRP A 203 17.38 29.27 -11.83
C TRP A 203 18.90 29.34 -11.98
N ALA A 204 19.35 29.27 -13.23
CA ALA A 204 20.75 29.38 -13.59
C ALA A 204 20.74 30.21 -14.86
N LEU A 205 21.25 31.43 -14.78
CA LEU A 205 21.24 32.35 -15.92
C LEU A 205 22.60 32.90 -16.36
N GLY A 206 22.69 33.15 -17.67
CA GLY A 206 23.90 33.70 -18.27
C GLY A 206 25.21 32.98 -18.04
N PHE A 207 25.22 31.65 -18.16
CA PHE A 207 26.46 30.91 -17.96
C PHE A 207 27.05 30.44 -19.29
N TYR A 208 28.32 30.06 -19.23
CA TYR A 208 29.05 29.56 -20.39
C TYR A 208 30.32 28.85 -19.94
N PRO A 209 30.60 27.67 -20.49
CA PRO A 209 29.86 26.91 -21.50
C PRO A 209 28.49 26.42 -21.08
N ALA A 210 27.83 25.67 -21.96
CA ALA A 210 26.49 25.15 -21.74
C ALA A 210 26.35 24.08 -20.67
N GLU A 211 27.33 23.19 -20.60
CA GLU A 211 27.32 22.10 -19.65
C GLU A 211 27.07 22.66 -18.26
N ILE A 212 26.07 22.10 -17.55
CA ILE A 212 25.72 22.53 -16.20
C ILE A 212 24.81 21.45 -15.63
N THR A 213 24.67 21.51 -14.31
CA THR A 213 23.86 20.37 -13.91
C THR A 213 23.08 20.90 -12.67
N LEU A 214 21.73 20.92 -12.50
CA LEU A 214 21.03 21.46 -11.26
C LEU A 214 20.37 20.22 -10.68
N THR A 215 20.55 20.02 -9.38
CA THR A 215 19.98 18.82 -8.80
C THR A 215 19.20 19.14 -7.53
N TRP A 216 17.92 18.76 -7.52
CA TRP A 216 17.09 18.98 -6.35
C TRP A 216 17.25 17.84 -5.36
N GLN A 217 17.27 18.17 -4.08
CA GLN A 217 17.39 17.16 -3.03
C GLN A 217 16.78 17.73 -1.74
N GLN A 218 15.99 16.95 -1.08
CA GLN A 218 15.37 17.44 0.09
C GLN A 218 15.83 16.55 1.12
N ASP A 219 14.93 16.01 1.83
CA ASP A 219 15.94 15.42 2.52
C ASP A 219 15.87 14.21 3.21
N GLY A 220 14.77 13.63 3.66
CA GLY A 220 14.95 12.25 4.04
C GLY A 220 15.16 11.81 2.62
N GLU A 221 16.37 11.52 2.22
CA GLU A 221 16.70 11.39 0.81
C GLU A 221 16.69 9.93 0.36
N GLY A 222 15.53 9.36 0.21
CA GLY A 222 15.18 8.24 -0.63
C GLY A 222 15.29 8.79 -2.02
N HIS A 223 16.08 8.18 -2.88
CA HIS A 223 16.31 8.67 -4.25
C HIS A 223 16.95 10.08 -4.29
N THR A 224 16.28 11.08 -4.87
CA THR A 224 14.95 10.97 -5.45
C THR A 224 14.46 12.37 -5.87
N GLN A 225 14.58 12.69 -7.14
CA GLN A 225 14.07 13.99 -7.58
C GLN A 225 12.60 13.90 -7.96
N ASP A 226 12.43 13.28 -9.08
CA ASP A 226 11.27 13.61 -9.90
C ASP A 226 11.17 15.12 -10.12
N THR A 227 12.12 15.61 -10.86
CA THR A 227 12.15 16.99 -11.09
C THR A 227 11.73 17.27 -12.48
N GLU A 228 11.09 18.39 -12.70
CA GLU A 228 10.85 18.84 -14.06
C GLU A 228 12.11 19.57 -14.52
N LEU A 229 12.67 19.11 -15.64
CA LEU A 229 13.91 19.69 -16.18
C LEU A 229 13.79 20.11 -17.66
N VAL A 230 13.99 21.40 -17.95
CA VAL A 230 13.91 21.87 -19.33
C VAL A 230 15.29 21.82 -20.02
N GLU A 231 15.30 21.59 -21.33
CA GLU A 231 16.53 21.54 -22.12
C GLU A 231 17.33 22.84 -22.02
N THR A 232 18.56 22.77 -21.52
CA THR A 232 19.42 23.95 -21.43
C THR A 232 19.16 24.79 -22.70
N ARG A 233 18.85 26.06 -22.54
CA ARG A 233 18.53 26.92 -23.69
C ARG A 233 19.41 28.18 -23.81
N PRO A 234 19.60 28.70 -25.04
CA PRO A 234 20.41 29.88 -25.36
C PRO A 234 19.73 31.22 -25.09
N ALA A 235 20.41 32.06 -24.32
CA ALA A 235 19.85 33.35 -23.96
C ALA A 235 19.80 34.26 -25.16
N GLY A 236 20.63 33.97 -26.14
CA GLY A 236 20.68 34.79 -27.33
C GLY A 236 21.84 35.78 -27.34
N ASP A 237 22.63 35.82 -26.27
CA ASP A 237 23.78 36.73 -26.19
C ASP A 237 25.08 35.95 -26.03
N GLY A 238 25.05 34.67 -26.41
CA GLY A 238 26.23 33.83 -26.29
C GLY A 238 26.18 32.99 -25.03
N THR A 239 25.35 33.38 -24.05
CA THR A 239 25.24 32.61 -22.82
C THR A 239 24.03 31.67 -22.77
N PHE A 240 23.96 30.82 -21.74
CA PHE A 240 22.85 29.88 -21.59
C PHE A 240 22.06 30.00 -20.30
N GLN A 241 20.88 29.39 -20.33
CA GLN A 241 19.98 29.38 -19.19
C GLN A 241 19.42 27.98 -18.96
N LYS A 242 18.90 27.76 -17.76
CA LYS A 242 18.28 26.49 -17.42
C LYS A 242 17.65 26.62 -16.02
N TRP A 243 16.79 25.67 -15.68
CA TRP A 243 16.17 25.62 -14.35
C TRP A 243 15.60 24.24 -14.08
N ALA A 244 15.46 23.88 -12.82
CA ALA A 244 14.92 22.58 -12.47
C ALA A 244 13.87 22.91 -11.44
N ALA A 245 12.70 22.26 -11.57
CA ALA A 245 11.61 22.51 -10.63
C ALA A 245 11.08 21.24 -9.98
N VAL A 246 10.50 21.43 -8.81
CA VAL A 246 9.91 20.35 -8.05
C VAL A 246 8.66 20.90 -7.33
N VAL A 247 7.87 20.00 -6.75
CA VAL A 247 6.64 20.35 -6.05
C VAL A 247 6.80 20.03 -4.56
N VAL A 248 6.65 21.03 -3.74
CA VAL A 248 6.86 20.86 -2.37
C VAL A 248 5.59 21.05 -1.62
N PRO A 249 5.49 20.36 -0.51
CA PRO A 249 4.38 20.57 0.36
C PRO A 249 4.58 21.88 1.00
N SER A 250 3.54 22.63 0.96
CA SER A 250 3.57 23.96 1.55
C SER A 250 4.11 23.90 2.99
N GLY A 251 4.90 24.90 3.37
CA GLY A 251 5.48 24.91 4.70
C GLY A 251 6.74 24.06 4.78
N GLU A 252 6.88 23.12 3.84
CA GLU A 252 8.05 22.25 3.80
C GLU A 252 9.09 22.72 2.80
N GLU A 253 8.88 23.91 2.23
CA GLU A 253 9.80 24.46 1.25
C GLU A 253 11.28 24.31 1.69
N GLN A 254 11.62 24.97 2.80
CA GLN A 254 12.98 24.98 3.34
C GLN A 254 13.77 23.65 3.44
N ARG A 255 13.10 22.52 3.30
CA ARG A 255 13.80 21.24 3.38
C ARG A 255 14.40 20.91 2.01
N TYR A 256 14.40 21.89 1.12
CA TYR A 256 14.91 21.64 -0.22
C TYR A 256 16.11 22.44 -0.67
N THR A 257 17.05 21.74 -1.29
CA THR A 257 18.26 22.36 -1.80
C THR A 257 18.46 22.03 -3.26
N CYS A 258 18.99 23.01 -3.98
CA CYS A 258 19.27 22.85 -5.39
C CYS A 258 20.76 23.00 -5.55
N HIS A 259 21.43 21.94 -5.99
CA HIS A 259 22.87 21.96 -6.18
C HIS A 259 23.25 22.40 -7.59
N VAL A 260 24.05 23.46 -7.68
CA VAL A 260 24.48 23.94 -8.99
C VAL A 260 25.96 23.63 -9.27
N GLN A 261 26.17 22.85 -10.34
CA GLN A 261 27.48 22.42 -10.80
C GLN A 261 27.76 22.93 -12.21
N HIS A 262 28.87 23.64 -12.34
CA HIS A 262 29.28 24.21 -13.63
C HIS A 262 30.78 24.45 -13.56
N GLU A 263 31.41 24.62 -14.71
CA GLU A 263 32.85 24.85 -14.78
C GLU A 263 33.29 26.20 -14.16
N GLY A 264 32.59 27.29 -14.48
CA GLY A 264 32.95 28.62 -13.99
C GLY A 264 32.83 28.97 -12.50
N LEU A 265 32.25 28.08 -11.71
CA LEU A 265 32.11 28.32 -10.28
C LEU A 265 33.26 27.63 -9.55
N PRO A 266 33.97 28.31 -8.67
CA PRO A 266 35.05 27.65 -7.96
C PRO A 266 34.66 26.32 -7.33
N GLU A 267 33.40 26.18 -6.95
CA GLU A 267 32.83 24.92 -6.46
C GLU A 267 31.30 24.96 -6.55
N PRO A 268 30.62 23.85 -6.27
CA PRO A 268 29.16 23.88 -6.35
C PRO A 268 28.44 24.76 -5.32
N VAL A 269 27.54 25.62 -5.83
CA VAL A 269 26.72 26.53 -5.03
C VAL A 269 25.46 25.76 -4.59
N THR A 270 24.95 26.04 -3.40
CA THR A 270 23.75 25.35 -2.94
C THR A 270 22.67 26.39 -2.71
N LEU A 271 21.47 26.14 -3.25
CA LEU A 271 20.35 27.06 -3.10
C LEU A 271 19.21 26.47 -2.30
N ARG A 272 18.56 27.31 -1.48
CA ARG A 272 17.46 26.86 -0.63
C ARG A 272 16.12 27.61 -0.74
N TRP A 273 16.19 28.92 -0.93
CA TRP A 273 15.00 29.78 -1.03
C TRP A 273 14.49 30.21 0.35
N MET B 1 10.63 7.03 -43.09
CA MET B 1 11.33 8.30 -42.79
C MET B 1 11.04 8.72 -41.36
N ILE B 2 12.04 9.28 -40.70
CA ILE B 2 11.92 9.72 -39.32
C ILE B 2 11.47 11.16 -39.21
N GLN B 3 10.69 11.44 -38.18
CA GLN B 3 10.20 12.78 -37.94
C GLN B 3 10.05 13.03 -36.46
N ARG B 4 10.59 14.15 -36.00
CA ARG B 4 10.50 14.47 -34.59
C ARG B 4 9.79 15.80 -34.44
N THR B 5 8.94 15.86 -33.42
CA THR B 5 8.17 17.07 -33.11
C THR B 5 9.04 18.07 -32.40
N PRO B 6 8.87 19.36 -32.70
CA PRO B 6 9.69 20.37 -32.03
C PRO B 6 9.32 20.72 -30.59
N LYS B 7 10.32 20.74 -29.71
CA LYS B 7 10.11 21.14 -28.33
C LYS B 7 10.22 22.64 -28.43
N ILE B 8 9.41 23.33 -27.64
CA ILE B 8 9.35 24.76 -27.70
C ILE B 8 9.47 25.44 -26.36
N GLN B 9 10.27 26.50 -26.30
CA GLN B 9 10.41 27.28 -25.08
C GLN B 9 10.33 28.76 -25.41
N VAL B 10 9.46 29.48 -24.71
CA VAL B 10 9.31 30.91 -24.92
C VAL B 10 9.84 31.58 -23.67
N TYR B 11 10.68 32.61 -23.83
CA TYR B 11 11.27 33.27 -22.68
C TYR B 11 12.00 34.55 -23.09
N SER B 12 12.39 35.31 -22.07
CA SER B 12 13.09 36.58 -22.28
C SER B 12 14.61 36.44 -22.09
N ARG B 13 15.36 37.24 -22.84
CA ARG B 13 16.82 37.22 -22.74
C ARG B 13 17.21 37.47 -21.29
N HIS B 14 16.83 38.65 -20.77
CA HIS B 14 17.11 39.03 -19.39
C HIS B 14 15.83 39.03 -18.56
N PRO B 15 15.94 38.90 -17.23
CA PRO B 15 14.73 38.90 -16.41
C PRO B 15 13.75 40.01 -16.82
N ALA B 16 12.49 39.65 -16.93
CA ALA B 16 11.45 40.59 -17.33
C ALA B 16 11.16 41.62 -16.27
N GLU B 17 11.18 42.89 -16.69
CA GLU B 17 10.88 44.02 -15.81
C GLU B 17 10.05 45.00 -16.63
N ASN B 18 8.79 45.18 -16.23
CA ASN B 18 7.87 46.05 -16.94
C ASN B 18 8.44 47.43 -17.30
N GLY B 19 8.50 47.68 -18.61
CA GLY B 19 9.02 48.94 -19.09
C GLY B 19 10.45 48.86 -19.58
N LYS B 20 11.20 47.89 -19.08
CA LYS B 20 12.58 47.73 -19.49
C LYS B 20 12.72 46.92 -20.76
N SER B 21 13.47 47.45 -21.73
CA SER B 21 13.66 46.76 -22.99
C SER B 21 14.28 45.39 -22.71
N ASN B 22 13.96 44.44 -23.57
CA ASN B 22 14.44 43.08 -23.39
C ASN B 22 14.32 42.39 -24.73
N PHE B 23 14.51 41.07 -24.72
CA PHE B 23 14.39 40.29 -25.93
C PHE B 23 13.48 39.09 -25.70
N LEU B 24 12.52 38.92 -26.61
CA LEU B 24 11.60 37.78 -26.54
C LEU B 24 12.22 36.64 -27.36
N ASN B 25 12.41 35.48 -26.73
CA ASN B 25 12.98 34.34 -27.42
C ASN B 25 12.08 33.14 -27.59
N CYS B 26 12.20 32.47 -28.71
CA CYS B 26 11.47 31.23 -28.93
C CYS B 26 12.50 30.24 -29.46
N TYR B 27 12.82 29.25 -28.64
CA TYR B 27 13.79 28.24 -29.02
C TYR B 27 13.09 26.93 -29.38
N VAL B 28 13.22 26.52 -30.63
CA VAL B 28 12.65 25.27 -31.08
C VAL B 28 13.81 24.28 -31.26
N SER B 29 13.62 23.05 -30.80
CA SER B 29 14.68 22.09 -30.93
C SER B 29 14.12 20.69 -30.99
N GLY B 30 15.00 19.73 -31.31
CA GLY B 30 14.60 18.34 -31.36
C GLY B 30 13.70 17.98 -32.52
N PHE B 31 13.64 18.80 -33.55
CA PHE B 31 12.75 18.46 -34.65
C PHE B 31 13.43 17.95 -35.93
N HIS B 32 12.63 17.33 -36.79
CA HIS B 32 13.09 16.80 -38.07
C HIS B 32 11.86 16.55 -38.94
N PRO B 33 11.85 17.02 -40.19
CA PRO B 33 12.83 17.78 -41.00
C PRO B 33 13.06 19.21 -40.51
N SER B 34 13.92 19.94 -41.22
CA SER B 34 14.28 21.32 -40.86
C SER B 34 13.27 22.37 -41.27
N ASP B 35 12.36 22.01 -42.18
CA ASP B 35 11.32 22.95 -42.62
C ASP B 35 10.48 23.31 -41.41
N ILE B 36 10.42 24.60 -41.06
CA ILE B 36 9.64 25.00 -39.89
C ILE B 36 9.33 26.51 -39.93
N GLU B 37 8.11 26.88 -39.48
CA GLU B 37 7.72 28.28 -39.44
C GLU B 37 7.57 28.69 -37.96
N VAL B 38 8.12 29.83 -37.57
CA VAL B 38 8.03 30.34 -36.21
C VAL B 38 7.70 31.85 -36.17
N ASP B 39 6.61 32.19 -35.46
CA ASP B 39 6.13 33.57 -35.31
C ASP B 39 6.12 34.00 -33.86
N LEU B 40 6.60 35.20 -33.57
CA LEU B 40 6.53 35.71 -32.21
C LEU B 40 5.32 36.64 -32.27
N LEU B 41 4.42 36.53 -31.30
CA LEU B 41 3.19 37.33 -31.29
C LEU B 41 3.01 38.30 -30.13
N LYS B 42 2.22 39.33 -30.37
CA LYS B 42 1.93 40.32 -29.36
C LYS B 42 0.42 40.57 -29.36
N ASN B 43 -0.27 40.00 -28.35
CA ASN B 43 -1.72 40.14 -28.26
C ASN B 43 -2.27 39.50 -29.51
N GLY B 44 -1.68 38.35 -29.87
CA GLY B 44 -2.12 37.63 -31.04
C GLY B 44 -1.63 38.25 -32.33
N GLU B 45 -1.04 39.44 -32.23
CA GLU B 45 -0.51 40.17 -33.38
C GLU B 45 0.82 39.54 -33.82
N ARG B 46 0.99 39.39 -35.13
CA ARG B 46 2.21 38.79 -35.64
C ARG B 46 3.37 39.77 -35.76
N ILE B 47 4.23 39.80 -34.75
CA ILE B 47 5.38 40.70 -34.76
C ILE B 47 6.24 40.48 -36.01
N GLU B 48 6.71 41.55 -36.62
CA GLU B 48 7.52 41.44 -37.82
C GLU B 48 8.98 41.84 -37.58
N LYS B 49 9.86 41.40 -38.48
CA LYS B 49 11.29 41.66 -38.35
C LYS B 49 11.90 40.84 -37.23
N VAL B 50 11.48 39.58 -37.12
CA VAL B 50 12.01 38.67 -36.13
C VAL B 50 13.19 37.95 -36.80
N GLU B 51 14.29 37.85 -36.09
CA GLU B 51 15.48 37.19 -36.62
C GLU B 51 15.66 35.83 -35.95
N HIS B 52 16.47 34.97 -36.58
CA HIS B 52 16.72 33.64 -36.04
C HIS B 52 18.16 33.22 -36.30
N SER B 53 18.63 32.24 -35.52
CA SER B 53 19.99 31.73 -35.66
C SER B 53 20.13 30.84 -36.88
N ASP B 54 21.36 30.47 -37.21
CA ASP B 54 21.61 29.63 -38.37
C ASP B 54 21.31 28.16 -38.07
N LEU B 55 20.60 27.53 -38.99
CA LEU B 55 20.21 26.15 -38.84
C LEU B 55 21.34 25.21 -38.46
N SER B 56 21.21 24.62 -37.29
CA SER B 56 22.20 23.67 -36.83
C SER B 56 21.46 22.48 -36.26
N PHE B 57 22.19 21.47 -35.83
CA PHE B 57 21.57 20.27 -35.27
C PHE B 57 22.50 19.63 -34.26
N SER B 58 21.96 18.74 -33.43
CA SER B 58 22.77 18.09 -32.42
C SER B 58 23.10 16.64 -32.77
N LYS B 59 23.86 15.97 -31.91
CA LYS B 59 24.30 14.60 -32.14
C LYS B 59 23.24 13.61 -32.60
N ASP B 60 21.98 13.81 -32.20
CA ASP B 60 20.90 12.91 -32.61
C ASP B 60 20.28 13.32 -33.95
N TRP B 61 20.93 14.27 -34.59
CA TRP B 61 20.53 14.81 -35.89
C TRP B 61 19.37 15.78 -35.91
N SER B 62 18.72 16.01 -34.78
CA SER B 62 17.58 16.93 -34.74
C SER B 62 18.03 18.39 -34.76
N PHE B 63 17.34 19.19 -35.54
CA PHE B 63 17.66 20.60 -35.69
C PHE B 63 17.20 21.48 -34.50
N TYR B 64 17.80 22.67 -34.40
CA TYR B 64 17.42 23.62 -33.36
C TYR B 64 17.68 25.04 -33.87
N LEU B 65 16.77 25.96 -33.51
CA LEU B 65 16.87 27.35 -33.93
C LEU B 65 16.37 28.25 -32.79
N LEU B 66 16.94 29.44 -32.68
CA LEU B 66 16.51 30.41 -31.69
C LEU B 66 15.91 31.56 -32.50
N TYR B 67 14.65 31.90 -32.23
CA TYR B 67 14.01 33.01 -32.91
C TYR B 67 13.90 34.12 -31.90
N TYR B 68 14.06 35.36 -32.36
CA TYR B 68 14.01 36.48 -31.43
C TYR B 68 13.60 37.82 -31.99
N THR B 69 13.34 38.74 -31.08
CA THR B 69 12.94 40.08 -31.44
C THR B 69 13.03 40.93 -30.19
N GLU B 70 13.31 42.22 -30.38
CA GLU B 70 13.40 43.15 -29.28
C GLU B 70 11.98 43.44 -28.82
N PHE B 71 11.76 43.55 -27.51
CA PHE B 71 10.43 43.85 -27.02
C PHE B 71 10.46 44.46 -25.64
N THR B 72 9.35 45.09 -25.27
CA THR B 72 9.21 45.72 -23.97
C THR B 72 7.99 45.16 -23.25
N PRO B 73 8.22 44.27 -22.27
CA PRO B 73 7.12 43.66 -21.54
C PRO B 73 6.33 44.63 -20.66
N THR B 74 5.01 44.47 -20.65
CA THR B 74 4.13 45.30 -19.83
C THR B 74 3.38 44.30 -18.95
N GLU B 75 2.43 44.80 -18.17
CA GLU B 75 1.65 43.92 -17.32
C GLU B 75 0.41 43.49 -18.10
N LYS B 76 -0.02 44.38 -18.99
CA LYS B 76 -1.20 44.18 -19.81
C LYS B 76 -0.97 43.39 -21.10
N ASP B 77 0.20 43.57 -21.72
CA ASP B 77 0.50 42.88 -22.98
C ASP B 77 0.79 41.38 -22.88
N GLU B 78 0.36 40.61 -23.86
CA GLU B 78 0.59 39.18 -23.85
C GLU B 78 1.41 38.75 -25.06
N TYR B 79 2.36 37.86 -24.81
CA TYR B 79 3.25 37.39 -25.87
C TYR B 79 3.22 35.88 -26.02
N ALA B 80 3.51 35.40 -27.21
CA ALA B 80 3.49 33.98 -27.45
C ALA B 80 4.30 33.61 -28.67
N CYS B 81 4.48 32.31 -28.87
CA CYS B 81 5.23 31.81 -30.02
C CYS B 81 4.25 30.91 -30.73
N ARG B 82 4.22 31.01 -32.07
CA ARG B 82 3.36 30.16 -32.87
C ARG B 82 4.30 29.35 -33.76
N VAL B 83 4.24 28.03 -33.64
CA VAL B 83 5.09 27.17 -34.44
C VAL B 83 4.35 26.22 -35.35
N ASN B 84 4.75 26.17 -36.60
CA ASN B 84 4.14 25.22 -37.50
C ASN B 84 5.21 24.29 -38.05
N HIS B 85 4.92 22.99 -38.07
CA HIS B 85 5.84 21.95 -38.52
C HIS B 85 5.02 20.78 -39.08
N VAL B 86 5.63 20.06 -40.02
CA VAL B 86 4.98 18.94 -40.67
C VAL B 86 4.43 17.90 -39.68
N THR B 87 4.95 17.89 -38.46
CA THR B 87 4.50 16.93 -37.46
C THR B 87 3.34 17.45 -36.61
N LEU B 88 2.89 18.66 -36.86
CA LEU B 88 1.80 19.21 -36.08
C LEU B 88 0.53 19.26 -36.90
N SER B 89 -0.51 18.56 -36.41
CA SER B 89 -1.79 18.52 -37.11
C SER B 89 -2.32 19.95 -37.28
N GLN B 90 -1.91 20.82 -36.36
CA GLN B 90 -2.29 22.23 -36.41
C GLN B 90 -1.24 23.08 -35.69
N PRO B 91 -1.09 24.35 -36.10
CA PRO B 91 -0.11 25.26 -35.49
C PRO B 91 -0.18 25.25 -33.99
N LYS B 92 0.96 25.15 -33.33
CA LYS B 92 1.00 25.13 -31.88
C LYS B 92 1.37 26.51 -31.36
N ILE B 93 0.67 26.95 -30.33
CA ILE B 93 0.91 28.25 -29.74
C ILE B 93 1.28 28.07 -28.29
N VAL B 94 2.39 28.64 -27.86
CA VAL B 94 2.81 28.53 -26.47
C VAL B 94 3.04 29.96 -26.06
N LYS B 95 2.42 30.35 -24.96
CA LYS B 95 2.52 31.73 -24.52
C LYS B 95 3.61 31.99 -23.52
N TRP B 96 4.21 33.17 -23.64
CA TRP B 96 5.27 33.59 -22.75
C TRP B 96 4.80 33.71 -21.32
N ASP B 97 5.53 33.09 -20.42
CA ASP B 97 5.25 33.17 -18.99
C ASP B 97 6.58 33.68 -18.39
N ARG B 98 6.58 34.91 -17.90
CA ARG B 98 7.79 35.48 -17.34
C ARG B 98 8.39 34.66 -16.18
N ASP B 99 7.62 33.69 -15.69
CA ASP B 99 8.08 32.84 -14.58
C ASP B 99 8.72 31.53 -15.07
N MET B 100 8.93 31.42 -16.37
CA MET B 100 9.52 30.20 -16.91
C MET B 100 10.53 30.41 -18.05
N SER C 1 21.04 -2.45 -30.96
CA SER C 1 19.62 -1.98 -30.89
C SER C 1 18.58 -3.10 -30.92
N HIS C 2 17.99 -3.39 -29.77
CA HIS C 2 16.95 -4.42 -29.65
C HIS C 2 15.71 -3.78 -29.06
N SER C 3 14.53 -4.41 -29.27
CA SER C 3 13.23 -3.83 -28.79
C SER C 3 12.25 -4.83 -28.13
N LEU C 4 11.37 -4.34 -27.26
CA LEU C 4 10.40 -5.19 -26.59
C LEU C 4 9.09 -4.44 -26.34
N LYS C 5 8.24 -4.37 -27.36
CA LYS C 5 6.96 -3.69 -27.24
C LYS C 5 5.80 -4.65 -27.48
N TYR C 6 4.64 -4.29 -26.95
CA TYR C 6 3.44 -5.11 -27.11
C TYR C 6 2.38 -4.40 -27.94
N PHE C 7 1.44 -5.17 -28.47
CA PHE C 7 0.37 -4.61 -29.29
C PHE C 7 -1.02 -5.15 -28.86
N HIS C 8 -1.69 -4.33 -28.06
CA HIS C 8 -2.99 -4.64 -27.48
C HIS C 8 -4.18 -4.27 -28.35
N THR C 9 -5.13 -5.19 -28.56
CA THR C 9 -6.32 -4.93 -29.36
C THR C 9 -7.60 -5.45 -28.71
N SER C 10 -8.60 -4.58 -28.63
CA SER C 10 -9.88 -4.92 -28.03
C SER C 10 -10.97 -4.50 -28.99
N VAL C 11 -11.80 -5.45 -29.38
CA VAL C 11 -12.91 -5.22 -30.31
C VAL C 11 -14.25 -5.56 -29.69
N SER C 12 -15.13 -4.58 -29.66
CA SER C 12 -16.45 -4.80 -29.09
C SER C 12 -17.29 -5.70 -29.99
N ARG C 13 -17.99 -6.65 -29.38
CA ARG C 13 -18.84 -7.58 -30.11
C ARG C 13 -20.25 -7.63 -29.52
N PRO C 14 -21.03 -6.60 -29.78
CA PRO C 14 -22.39 -6.52 -29.26
C PRO C 14 -23.00 -7.90 -29.03
N GLY C 15 -23.27 -8.63 -30.10
CA GLY C 15 -23.84 -9.93 -30.00
C GLY C 15 -23.28 -10.98 -29.03
N ARG C 16 -21.99 -11.25 -29.11
CA ARG C 16 -21.26 -12.06 -28.13
C ARG C 16 -20.87 -11.34 -26.84
N GLY C 17 -21.48 -10.18 -26.60
CA GLY C 17 -21.20 -9.43 -25.39
C GLY C 17 -19.79 -8.92 -25.23
N GLU C 18 -19.09 -9.42 -24.21
CA GLU C 18 -17.73 -9.01 -23.94
C GLU C 18 -16.90 -8.79 -25.21
N PRO C 19 -16.14 -7.69 -25.27
CA PRO C 19 -15.31 -7.40 -26.44
C PRO C 19 -14.08 -8.32 -26.53
N ARG C 20 -13.63 -8.53 -27.77
CA ARG C 20 -12.49 -9.37 -28.08
C ARG C 20 -11.17 -8.75 -27.60
N PHE C 21 -10.36 -9.48 -26.85
CA PHE C 21 -9.10 -8.92 -26.42
C PHE C 21 -7.91 -9.79 -26.78
N ILE C 22 -6.97 -9.21 -27.53
CA ILE C 22 -5.78 -9.93 -27.97
C ILE C 22 -4.50 -9.14 -27.67
N SER C 23 -3.44 -9.87 -27.32
CA SER C 23 -2.16 -9.24 -27.02
C SER C 23 -1.04 -10.07 -27.60
N VAL C 24 -0.10 -9.41 -28.25
CA VAL C 24 1.04 -10.13 -28.80
C VAL C 24 2.32 -9.39 -28.42
N GLY C 25 3.32 -10.18 -28.06
CA GLY C 25 4.59 -9.62 -27.65
C GLY C 25 5.64 -9.81 -28.71
N TYR C 26 6.55 -8.83 -28.78
CA TYR C 26 7.61 -8.84 -29.77
C TYR C 26 9.02 -8.51 -29.30
N VAL C 27 9.95 -9.41 -29.60
CA VAL C 27 11.35 -9.16 -29.32
C VAL C 27 11.89 -8.92 -30.74
N ASP C 28 11.90 -7.63 -31.09
CA ASP C 28 12.32 -7.17 -32.41
C ASP C 28 11.36 -7.75 -33.44
N ASP C 29 11.90 -8.55 -34.36
CA ASP C 29 11.09 -9.16 -35.40
C ASP C 29 10.62 -10.58 -35.07
N THR C 30 10.57 -10.94 -33.78
CA THR C 30 10.13 -12.27 -33.37
C THR C 30 9.03 -12.24 -32.31
N GLN C 31 7.88 -12.83 -32.62
CA GLN C 31 6.78 -12.87 -31.66
C GLN C 31 7.12 -13.95 -30.65
N PHE C 32 6.98 -13.64 -29.36
CA PHE C 32 7.30 -14.65 -28.35
C PHE C 32 6.18 -15.04 -27.42
N VAL C 33 5.09 -14.27 -27.41
CA VAL C 33 3.94 -14.53 -26.55
C VAL C 33 2.67 -13.95 -27.14
N ARG C 34 1.55 -14.20 -26.49
CA ARG C 34 0.29 -13.69 -26.95
C ARG C 34 -0.76 -14.07 -25.92
N PHE C 35 -1.95 -13.53 -26.07
CA PHE C 35 -3.06 -13.78 -25.16
C PHE C 35 -4.31 -13.53 -26.01
N ASP C 36 -5.31 -14.39 -25.92
CA ASP C 36 -6.53 -14.19 -26.69
C ASP C 36 -7.74 -14.84 -26.02
N ASN C 37 -8.52 -14.04 -25.29
CA ASN C 37 -9.69 -14.54 -24.59
C ASN C 37 -10.66 -15.42 -25.40
N ASP C 38 -10.48 -15.47 -26.72
CA ASP C 38 -11.35 -16.28 -27.58
C ASP C 38 -10.69 -17.60 -28.00
N ALA C 39 -9.57 -17.92 -27.35
CA ALA C 39 -8.85 -19.16 -27.62
C ALA C 39 -9.22 -20.16 -26.54
N ALA C 40 -8.94 -21.45 -26.80
CA ALA C 40 -9.25 -22.53 -25.85
C ALA C 40 -8.60 -22.26 -24.49
N SER C 41 -7.46 -21.57 -24.51
CA SER C 41 -6.76 -21.22 -23.27
C SER C 41 -6.72 -19.68 -23.15
N PRO C 42 -7.64 -19.12 -22.35
CA PRO C 42 -7.75 -17.68 -22.10
C PRO C 42 -6.66 -17.09 -21.21
N ARG C 43 -5.40 -17.39 -21.51
CA ARG C 43 -4.25 -16.88 -20.74
C ARG C 43 -2.98 -16.63 -21.58
N MET C 44 -1.99 -15.97 -21.01
CA MET C 44 -0.76 -15.68 -21.74
C MET C 44 -0.03 -16.99 -21.97
N VAL C 45 0.33 -17.25 -23.22
CA VAL C 45 1.01 -18.49 -23.60
C VAL C 45 2.21 -18.20 -24.51
N PRO C 46 3.09 -19.19 -24.72
CA PRO C 46 4.25 -18.91 -25.59
C PRO C 46 3.91 -18.91 -27.09
N ARG C 47 4.87 -18.44 -27.87
CA ARG C 47 4.75 -18.39 -29.33
C ARG C 47 6.18 -18.50 -29.87
N ALA C 48 7.11 -18.76 -28.96
CA ALA C 48 8.52 -18.90 -29.28
C ALA C 48 9.09 -20.02 -28.42
N PRO C 49 9.84 -20.96 -29.04
CA PRO C 49 10.44 -22.08 -28.33
C PRO C 49 11.26 -21.64 -27.11
N TRP C 50 11.99 -20.55 -27.25
CA TRP C 50 12.82 -20.05 -26.16
C TRP C 50 12.05 -19.40 -25.01
N MET C 51 10.73 -19.27 -25.14
CA MET C 51 9.90 -18.72 -24.08
C MET C 51 9.01 -19.79 -23.46
N GLU C 52 9.54 -21.00 -23.34
CA GLU C 52 8.82 -22.14 -22.77
C GLU C 52 9.55 -22.71 -21.57
N GLN C 53 10.67 -22.08 -21.23
CA GLN C 53 11.47 -22.51 -20.09
C GLN C 53 11.08 -21.64 -18.91
N GLU C 54 9.94 -20.96 -19.02
CA GLU C 54 9.47 -20.08 -17.95
C GLU C 54 8.52 -20.72 -16.94
N GLY C 55 8.72 -20.35 -15.68
CA GLY C 55 7.89 -20.87 -14.61
C GLY C 55 6.45 -20.39 -14.68
N SER C 56 5.59 -21.03 -13.88
CA SER C 56 4.19 -20.67 -13.85
C SER C 56 3.97 -19.29 -13.25
N GLU C 57 4.82 -18.91 -12.31
CA GLU C 57 4.69 -17.60 -11.69
C GLU C 57 4.65 -16.54 -12.79
N TYR C 58 5.74 -16.40 -13.53
CA TYR C 58 5.82 -15.45 -14.62
C TYR C 58 4.54 -15.42 -15.45
N TRP C 59 4.14 -16.59 -15.96
CA TRP C 59 3.02 -16.69 -16.89
C TRP C 59 1.64 -16.37 -16.29
N ASP C 60 1.63 -16.00 -15.01
CA ASP C 60 0.38 -15.67 -14.33
C ASP C 60 0.28 -14.15 -14.17
N ARG C 61 1.30 -13.76 -13.58
CA ARG C 61 1.37 -12.32 -13.44
C ARG C 61 1.05 -11.67 -14.79
N GLU C 62 1.52 -12.31 -15.87
CA GLU C 62 1.28 -11.84 -17.21
C GLU C 62 -0.15 -12.08 -17.58
N THR C 63 -0.70 -13.22 -17.17
CA THR C 63 -2.10 -13.53 -17.46
C THR C 63 -2.92 -12.49 -16.68
N ARG C 64 -2.45 -12.16 -15.49
CA ARG C 64 -3.13 -11.19 -14.66
C ARG C 64 -3.13 -9.85 -15.40
N SER C 65 -1.95 -9.45 -15.88
CA SER C 65 -1.80 -8.21 -16.62
C SER C 65 -2.70 -8.13 -17.85
N ALA C 66 -2.70 -9.18 -18.65
CA ALA C 66 -3.56 -9.20 -19.84
C ALA C 66 -5.05 -9.07 -19.53
N ARG C 67 -5.53 -9.80 -18.51
CA ARG C 67 -6.94 -9.74 -18.14
C ARG C 67 -7.34 -8.41 -17.51
N ASP C 68 -6.45 -7.83 -16.70
CA ASP C 68 -6.76 -6.54 -16.10
C ASP C 68 -6.91 -5.54 -17.23
N THR C 69 -5.97 -5.58 -18.17
CA THR C 69 -6.02 -4.67 -19.31
C THR C 69 -7.31 -4.88 -20.06
N ALA C 70 -7.64 -6.14 -20.32
CA ALA C 70 -8.88 -6.46 -21.04
C ALA C 70 -10.08 -5.86 -20.31
N GLN C 71 -10.05 -5.95 -18.98
CA GLN C 71 -11.11 -5.42 -18.15
C GLN C 71 -11.29 -3.93 -18.41
N ILE C 72 -10.23 -3.19 -18.13
CA ILE C 72 -10.21 -1.74 -18.30
C ILE C 72 -10.63 -1.37 -19.72
N PHE C 73 -10.09 -2.06 -20.71
CA PHE C 73 -10.46 -1.76 -22.08
C PHE C 73 -11.93 -2.04 -22.32
N ARG C 74 -12.48 -2.96 -21.54
CA ARG C 74 -13.91 -3.28 -21.68
C ARG C 74 -14.64 -2.00 -21.29
N VAL C 75 -14.18 -1.39 -20.20
CA VAL C 75 -14.73 -0.15 -19.68
C VAL C 75 -14.43 0.98 -20.67
N ASN C 76 -13.17 1.09 -21.06
CA ASN C 76 -12.77 2.14 -21.99
C ASN C 76 -13.69 2.21 -23.23
N LEU C 77 -14.02 1.07 -23.81
CA LEU C 77 -14.87 1.04 -24.99
C LEU C 77 -16.24 1.65 -24.76
N ARG C 78 -16.77 1.48 -23.55
CA ARG C 78 -18.07 2.08 -23.23
C ARG C 78 -17.89 3.58 -23.10
N THR C 79 -16.84 4.00 -22.42
CA THR C 79 -16.53 5.40 -22.24
C THR C 79 -16.39 6.05 -23.61
N LEU C 80 -15.61 5.40 -24.48
CA LEU C 80 -15.38 5.91 -25.82
C LEU C 80 -16.68 6.00 -26.61
N ARG C 81 -17.57 5.03 -26.39
CA ARG C 81 -18.85 4.99 -27.08
C ARG C 81 -19.70 6.21 -26.71
N GLY C 82 -19.32 6.89 -25.63
CA GLY C 82 -20.04 8.07 -25.19
C GLY C 82 -19.37 9.31 -25.71
N TYR C 83 -18.05 9.28 -25.79
CA TYR C 83 -17.33 10.43 -26.28
C TYR C 83 -17.66 10.60 -27.77
N TYR C 84 -18.20 9.55 -28.37
CA TYR C 84 -18.54 9.55 -29.78
C TYR C 84 -20.02 9.31 -30.04
N ASN C 85 -20.84 9.45 -29.00
CA ASN C 85 -22.28 9.24 -29.12
C ASN C 85 -22.63 8.15 -30.12
N GLN C 86 -22.18 6.93 -29.87
CA GLN C 86 -22.42 5.80 -30.76
C GLN C 86 -23.31 4.73 -30.13
N SER C 87 -24.04 4.01 -30.97
CA SER C 87 -24.94 2.96 -30.50
C SER C 87 -24.17 1.69 -30.18
N GLU C 88 -24.66 0.96 -29.18
CA GLU C 88 -24.10 -0.30 -28.75
C GLU C 88 -24.17 -1.25 -29.94
N ALA C 89 -24.86 -0.81 -30.98
CA ALA C 89 -25.02 -1.59 -32.19
C ALA C 89 -23.67 -1.82 -32.89
N GLY C 90 -23.00 -0.71 -33.20
CA GLY C 90 -21.74 -0.80 -33.90
C GLY C 90 -20.55 -1.36 -33.14
N SER C 91 -19.66 -2.01 -33.90
CA SER C 91 -18.45 -2.60 -33.36
C SER C 91 -17.34 -1.57 -33.44
N HIS C 92 -16.46 -1.55 -32.43
CA HIS C 92 -15.37 -0.58 -32.42
C HIS C 92 -14.06 -1.17 -31.93
N THR C 93 -12.96 -0.49 -32.25
CA THR C 93 -11.64 -0.96 -31.89
C THR C 93 -10.82 -0.01 -31.04
N LEU C 94 -10.24 -0.54 -29.98
CA LEU C 94 -9.35 0.21 -29.09
C LEU C 94 -7.98 -0.49 -29.12
N GLN C 95 -6.96 0.21 -29.62
CA GLN C 95 -5.63 -0.36 -29.69
C GLN C 95 -4.66 0.35 -28.78
N TRP C 96 -3.67 -0.38 -28.29
CA TRP C 96 -2.68 0.18 -27.39
C TRP C 96 -1.30 -0.46 -27.59
N MET C 97 -0.26 0.36 -27.52
CA MET C 97 1.10 -0.12 -27.69
C MET C 97 2.13 0.66 -26.91
N HIS C 98 3.11 -0.06 -26.38
CA HIS C 98 4.16 0.55 -25.59
C HIS C 98 5.46 -0.21 -25.88
N GLY C 99 6.60 0.35 -25.48
CA GLY C 99 7.82 -0.37 -25.75
C GLY C 99 9.12 0.27 -25.31
N CYS C 100 10.18 -0.54 -25.36
CA CYS C 100 11.53 -0.11 -25.00
C CYS C 100 12.58 -0.60 -25.99
N GLU C 101 13.29 0.35 -26.58
CA GLU C 101 14.35 0.03 -27.52
C GLU C 101 15.71 0.22 -26.85
N LEU C 102 16.64 -0.71 -27.11
CA LEU C 102 17.98 -0.62 -26.57
C LEU C 102 18.93 -0.09 -27.64
N GLY C 103 19.71 0.93 -27.31
CA GLY C 103 20.64 1.48 -28.28
C GLY C 103 21.86 0.59 -28.44
N PRO C 104 22.86 1.15 -29.07
CA PRO C 104 24.14 0.49 -29.23
C PRO C 104 24.65 -0.11 -27.95
N ASP C 105 24.82 0.67 -26.88
CA ASP C 105 25.30 0.10 -25.65
C ASP C 105 24.17 -0.54 -24.92
N ARG C 106 23.00 -0.28 -25.46
CA ARG C 106 21.81 -0.92 -25.01
C ARG C 106 20.99 -0.73 -23.76
N ARG C 107 20.98 0.49 -23.31
CA ARG C 107 20.03 1.32 -22.69
C ARG C 107 18.76 1.98 -23.16
N PHE C 108 18.06 2.60 -22.22
CA PHE C 108 16.79 3.26 -22.50
C PHE C 108 17.45 4.07 -23.61
N LEU C 109 17.12 3.74 -24.85
CA LEU C 109 17.67 4.44 -26.01
C LEU C 109 16.43 5.31 -26.09
N ARG C 110 15.27 4.67 -25.91
CA ARG C 110 13.99 5.37 -25.95
C ARG C 110 12.83 4.43 -25.62
N GLY C 111 11.63 5.01 -25.52
CA GLY C 111 10.42 4.27 -25.23
C GLY C 111 9.23 5.05 -25.76
N TYR C 112 8.06 4.43 -25.78
CA TYR C 112 6.88 5.14 -26.28
C TYR C 112 5.62 4.51 -25.73
N GLU C 113 4.49 4.89 -26.31
CA GLU C 113 3.21 4.37 -25.88
C GLU C 113 2.25 5.17 -26.72
N GLN C 114 1.06 4.63 -26.95
CA GLN C 114 -0.09 5.39 -27.43
C GLN C 114 -1.31 4.51 -27.64
N PHE C 115 -2.46 5.15 -27.73
CA PHE C 115 -3.74 4.48 -27.91
C PHE C 115 -4.41 4.93 -29.21
N ALA C 116 -5.28 4.09 -29.76
CA ALA C 116 -5.99 4.40 -30.99
C ALA C 116 -7.41 3.91 -30.82
N TYR C 117 -8.35 4.62 -31.43
CA TYR C 117 -9.75 4.23 -31.37
C TYR C 117 -10.21 4.09 -32.81
N ASP C 118 -10.75 2.93 -33.14
CA ASP C 118 -11.22 2.63 -34.48
C ASP C 118 -10.16 2.93 -35.58
N GLY C 119 -8.91 2.61 -35.29
CA GLY C 119 -7.83 2.80 -36.25
C GLY C 119 -7.27 4.20 -36.41
N LYS C 120 -7.56 5.07 -35.44
CA LYS C 120 -7.11 6.45 -35.48
C LYS C 120 -6.41 6.87 -34.20
N ASP C 121 -5.26 7.52 -34.35
CA ASP C 121 -4.51 8.00 -33.19
C ASP C 121 -5.49 8.65 -32.22
N TYR C 122 -5.42 8.27 -30.95
CA TYR C 122 -6.33 8.82 -29.95
C TYR C 122 -5.61 9.53 -28.82
N LEU C 123 -4.82 8.80 -28.07
CA LEU C 123 -4.07 9.41 -26.97
C LEU C 123 -2.64 8.90 -27.05
N THR C 124 -1.69 9.83 -27.02
CA THR C 124 -0.28 9.49 -27.09
C THR C 124 0.40 10.04 -25.84
N LEU C 125 1.22 9.26 -25.15
CA LEU C 125 1.89 9.81 -23.98
C LEU C 125 2.89 10.84 -24.53
N ASN C 126 3.08 11.95 -23.82
CA ASN C 126 4.02 12.98 -24.27
C ASN C 126 5.49 12.56 -24.08
N GLU C 127 6.32 12.95 -25.03
CA GLU C 127 7.74 12.62 -25.03
C GLU C 127 8.46 12.70 -23.70
N ASP C 128 8.17 13.74 -22.92
CA ASP C 128 8.83 13.92 -21.62
C ASP C 128 8.31 12.98 -20.56
N LEU C 129 7.40 12.09 -20.96
CA LEU C 129 6.78 11.10 -20.07
C LEU C 129 6.20 11.71 -18.80
N ARG C 130 5.40 12.77 -18.95
CA ARG C 130 4.81 13.43 -17.80
C ARG C 130 3.44 14.05 -18.08
N SER C 131 2.85 13.72 -19.23
CA SER C 131 1.54 14.26 -19.56
C SER C 131 0.96 13.60 -20.79
N TRP C 132 -0.37 13.65 -20.88
CA TRP C 132 -1.07 13.06 -22.00
C TRP C 132 -1.73 14.12 -22.86
N THR C 133 -1.64 13.92 -24.17
CA THR C 133 -2.23 14.86 -25.12
C THR C 133 -3.30 14.20 -25.97
N ALA C 134 -4.49 14.78 -25.99
CA ALA C 134 -5.55 14.24 -26.83
C ALA C 134 -5.19 14.60 -28.27
N VAL C 135 -5.31 13.64 -29.19
CA VAL C 135 -5.00 13.89 -30.59
C VAL C 135 -6.31 14.04 -31.33
N ASP C 136 -7.27 13.19 -31.03
CA ASP C 136 -8.59 13.26 -31.63
C ASP C 136 -9.39 14.27 -30.79
N THR C 137 -10.46 14.87 -31.36
CA THR C 137 -11.18 15.94 -30.63
C THR C 137 -12.13 15.42 -29.65
N ALA C 138 -12.22 14.12 -29.67
CA ALA C 138 -13.14 13.45 -28.80
C ALA C 138 -12.40 12.94 -27.57
N ALA C 139 -11.09 13.11 -27.52
CA ALA C 139 -10.30 12.59 -26.41
C ALA C 139 -10.02 13.63 -25.35
N GLN C 140 -10.45 14.87 -25.57
CA GLN C 140 -10.19 15.93 -24.62
C GLN C 140 -10.53 15.62 -23.16
N ILE C 141 -11.69 15.01 -22.91
CA ILE C 141 -12.04 14.67 -21.53
C ILE C 141 -11.05 13.61 -21.05
N SER C 142 -10.76 12.63 -21.90
CA SER C 142 -9.83 11.56 -21.57
C SER C 142 -8.48 12.18 -21.26
N GLU C 143 -8.14 13.21 -22.03
CA GLU C 143 -6.87 13.88 -21.86
C GLU C 143 -6.62 14.41 -20.46
N GLN C 144 -7.36 15.45 -20.09
CA GLN C 144 -7.17 16.09 -18.79
C GLN C 144 -7.49 15.20 -17.58
N LYS C 145 -7.66 13.92 -17.86
CA LYS C 145 -7.98 12.92 -16.86
C LYS C 145 -6.73 12.14 -16.51
N SER C 146 -6.15 11.55 -17.53
CA SER C 146 -4.95 10.79 -17.35
C SER C 146 -3.97 11.74 -16.68
N ASN C 147 -4.25 13.03 -16.84
CA ASN C 147 -3.43 14.11 -16.30
C ASN C 147 -3.77 14.51 -14.87
N ASP C 148 -5.04 14.77 -14.59
CA ASP C 148 -5.41 15.13 -13.23
C ASP C 148 -5.05 13.94 -12.33
N ALA C 149 -5.34 12.75 -12.82
CA ALA C 149 -5.04 11.51 -12.08
C ALA C 149 -3.54 11.25 -12.01
N SER C 150 -2.76 11.98 -12.80
CA SER C 150 -1.33 11.80 -12.80
C SER C 150 -0.99 10.31 -12.92
N GLU C 151 -1.30 9.73 -14.07
CA GLU C 151 -1.07 8.32 -14.34
C GLU C 151 0.14 8.08 -15.25
N ALA C 152 0.75 9.16 -15.73
CA ALA C 152 1.89 9.09 -16.64
C ALA C 152 3.17 8.58 -15.97
N GLU C 153 3.20 8.66 -14.66
CA GLU C 153 4.35 8.25 -13.87
C GLU C 153 4.72 6.76 -13.99
N HIS C 154 3.71 5.89 -13.90
CA HIS C 154 3.91 4.46 -13.96
C HIS C 154 4.33 3.89 -15.32
N GLN C 155 3.90 4.52 -16.41
CA GLN C 155 4.28 4.04 -17.73
C GLN C 155 5.76 4.37 -17.90
N ARG C 156 6.10 5.50 -17.30
CA ARG C 156 7.45 6.04 -17.32
C ARG C 156 8.41 5.01 -16.74
N ALA C 157 8.02 4.44 -15.61
CA ALA C 157 8.80 3.45 -14.90
C ALA C 157 8.91 2.15 -15.70
N TYR C 158 7.78 1.69 -16.19
CA TYR C 158 7.74 0.46 -16.96
C TYR C 158 8.65 0.49 -18.21
N LEU C 159 8.27 1.41 -18.94
CA LEU C 159 8.84 1.40 -20.22
C LEU C 159 10.29 1.50 -20.09
N GLU C 160 10.61 2.33 -19.10
CA GLU C 160 11.98 2.60 -18.71
C GLU C 160 12.61 1.52 -17.77
N ASP C 161 11.84 0.74 -17.05
CA ASP C 161 12.50 0.00 -16.02
C ASP C 161 12.15 -1.40 -16.09
N THR C 162 10.91 -1.68 -15.81
CA THR C 162 10.53 -3.04 -15.88
C THR C 162 10.82 -3.48 -17.29
N CYS C 163 10.56 -2.62 -18.25
CA CYS C 163 10.65 -3.07 -19.65
C CYS C 163 12.07 -3.53 -20.03
N VAL C 164 12.99 -2.58 -20.15
CA VAL C 164 14.39 -2.82 -20.49
C VAL C 164 14.93 -4.05 -19.75
N GLU C 165 14.58 -4.12 -18.47
CA GLU C 165 15.00 -5.21 -17.62
C GLU C 165 14.60 -6.56 -18.20
N TRP C 166 13.39 -6.67 -18.73
CA TRP C 166 12.94 -7.94 -19.30
C TRP C 166 13.40 -8.17 -20.74
N LEU C 167 13.70 -7.09 -21.46
CA LEU C 167 14.19 -7.21 -22.84
C LEU C 167 15.54 -7.92 -22.75
N HIS C 168 16.29 -7.58 -21.70
CA HIS C 168 17.56 -8.21 -21.47
C HIS C 168 17.28 -9.70 -21.35
N LYS C 169 16.65 -10.09 -20.25
CA LYS C 169 16.34 -11.48 -19.99
C LYS C 169 15.88 -12.28 -21.20
N TYR C 170 15.02 -11.70 -22.03
CA TYR C 170 14.52 -12.41 -23.21
C TYR C 170 15.60 -12.68 -24.23
N LEU C 171 16.39 -11.65 -24.54
CA LEU C 171 17.47 -11.78 -25.50
C LEU C 171 18.40 -12.88 -25.02
N GLU C 172 18.33 -13.13 -23.71
CA GLU C 172 19.11 -14.16 -23.05
C GLU C 172 18.43 -15.50 -23.31
N LYS C 173 17.15 -15.58 -22.97
CA LYS C 173 16.35 -16.79 -23.16
C LYS C 173 16.19 -17.25 -24.60
N GLY C 174 16.70 -16.46 -25.55
CA GLY C 174 16.59 -16.85 -26.95
C GLY C 174 17.78 -16.43 -27.81
N LYS C 175 18.94 -16.29 -27.20
CA LYS C 175 20.15 -15.88 -27.92
C LYS C 175 20.46 -16.69 -29.18
N GLU C 176 20.42 -18.01 -29.05
CA GLU C 176 20.71 -18.90 -30.16
C GLU C 176 19.80 -18.68 -31.38
N THR C 177 18.93 -17.68 -31.29
CA THR C 177 17.99 -17.36 -32.36
C THR C 177 17.88 -15.86 -32.64
N LEU C 178 17.62 -15.09 -31.59
CA LEU C 178 17.43 -13.65 -31.72
C LEU C 178 18.65 -12.86 -32.22
N LEU C 179 19.77 -13.01 -31.54
CA LEU C 179 21.01 -12.32 -31.90
C LEU C 179 21.63 -12.85 -33.21
N HIS C 180 21.09 -13.98 -33.67
CA HIS C 180 21.55 -14.64 -34.89
C HIS C 180 21.11 -13.95 -36.18
N LEU C 181 22.06 -13.77 -37.11
CA LEU C 181 21.77 -13.10 -38.36
C LEU C 181 21.66 -14.09 -39.52
N GLU C 182 20.52 -14.07 -40.20
CA GLU C 182 20.27 -14.96 -41.32
C GLU C 182 20.29 -14.15 -42.60
N PRO C 183 21.31 -14.36 -43.45
CA PRO C 183 21.45 -13.63 -44.70
C PRO C 183 20.49 -14.15 -45.76
N PRO C 184 20.08 -13.28 -46.68
CA PRO C 184 19.15 -13.78 -47.69
C PRO C 184 19.82 -14.67 -48.74
N LYS C 185 19.01 -15.55 -49.31
CA LYS C 185 19.45 -16.42 -50.38
C LYS C 185 18.97 -15.65 -51.60
N THR C 186 19.86 -15.32 -52.52
CA THR C 186 19.44 -14.50 -53.65
C THR C 186 19.59 -15.08 -55.06
N HIS C 187 18.63 -14.78 -55.93
CA HIS C 187 18.67 -15.21 -57.33
C HIS C 187 17.79 -14.29 -58.21
N VAL C 188 17.95 -14.40 -59.53
CA VAL C 188 17.18 -13.56 -60.43
C VAL C 188 16.42 -14.42 -61.40
N THR C 189 15.19 -14.03 -61.72
CA THR C 189 14.37 -14.79 -62.67
C THR C 189 14.01 -13.92 -63.85
N HIS C 190 13.82 -14.57 -64.99
CA HIS C 190 13.50 -13.85 -66.22
C HIS C 190 12.08 -14.15 -66.70
N HIS C 191 11.30 -13.10 -66.96
CA HIS C 191 9.92 -13.24 -67.39
C HIS C 191 9.51 -12.41 -68.60
N PRO C 192 9.74 -12.96 -69.80
CA PRO C 192 9.38 -12.21 -71.01
C PRO C 192 7.94 -11.71 -70.96
N ILE C 193 7.74 -10.49 -71.43
CA ILE C 193 6.44 -9.84 -71.42
C ILE C 193 5.86 -9.79 -72.82
N SER C 194 6.72 -9.51 -73.78
CA SER C 194 6.34 -9.42 -75.17
C SER C 194 7.56 -9.81 -75.94
N ASP C 195 7.67 -9.30 -77.16
CA ASP C 195 8.80 -9.61 -78.01
C ASP C 195 9.96 -8.67 -77.76
N HIS C 196 9.69 -7.53 -77.13
CA HIS C 196 10.72 -6.55 -76.91
C HIS C 196 11.00 -6.22 -75.45
N GLU C 197 10.09 -6.63 -74.57
CA GLU C 197 10.26 -6.37 -73.15
C GLU C 197 10.25 -7.66 -72.32
N ALA C 198 10.72 -7.54 -71.10
CA ALA C 198 10.78 -8.67 -70.19
C ALA C 198 11.02 -8.12 -68.79
N THR C 199 10.75 -8.96 -67.79
CA THR C 199 10.93 -8.57 -66.42
C THR C 199 12.08 -9.34 -65.79
N LEU C 200 12.81 -8.66 -64.95
CA LEU C 200 13.92 -9.24 -64.22
C LEU C 200 13.48 -9.07 -62.78
N ARG C 201 13.30 -10.19 -62.10
CA ARG C 201 12.88 -10.12 -60.71
C ARG C 201 13.99 -10.60 -59.81
N CYS C 202 14.40 -9.70 -58.92
CA CYS C 202 15.45 -10.00 -57.97
C CYS C 202 14.84 -10.52 -56.66
N TRP C 203 15.22 -11.73 -56.26
CA TRP C 203 14.69 -12.33 -55.04
C TRP C 203 15.62 -12.32 -53.84
N ALA C 204 15.02 -12.23 -52.66
CA ALA C 204 15.75 -12.26 -51.38
C ALA C 204 14.89 -13.18 -50.49
N LEU C 205 15.41 -14.38 -50.18
CA LEU C 205 14.67 -15.34 -49.38
C LEU C 205 15.32 -15.82 -48.09
N GLY C 206 14.47 -16.07 -47.09
CA GLY C 206 14.90 -16.57 -45.80
C GLY C 206 15.90 -15.75 -45.01
N PHE C 207 15.70 -14.43 -44.94
CA PHE C 207 16.63 -13.63 -44.17
C PHE C 207 15.98 -13.23 -42.86
N TYR C 208 16.77 -12.68 -41.94
CA TYR C 208 16.29 -12.20 -40.65
C TYR C 208 17.39 -11.33 -40.07
N PRO C 209 17.03 -10.15 -39.50
CA PRO C 209 15.71 -9.55 -39.36
C PRO C 209 15.06 -9.15 -40.69
N ALA C 210 13.88 -8.52 -40.62
CA ALA C 210 13.14 -8.13 -41.82
C ALA C 210 13.82 -7.06 -42.66
N GLU C 211 14.54 -6.18 -41.99
CA GLU C 211 15.23 -5.09 -42.65
C GLU C 211 16.03 -5.52 -43.84
N ILE C 212 15.80 -4.85 -44.97
CA ILE C 212 16.53 -5.21 -46.16
C ILE C 212 16.39 -4.16 -47.24
N THR C 213 17.35 -4.19 -48.17
CA THR C 213 17.42 -3.27 -49.27
C THR C 213 17.65 -3.90 -50.63
N LEU C 214 16.69 -3.73 -51.54
CA LEU C 214 16.83 -4.25 -52.89
C LEU C 214 16.82 -3.13 -53.93
N THR C 215 17.83 -3.13 -54.81
CA THR C 215 17.97 -2.12 -55.87
C THR C 215 18.56 -2.71 -57.15
N TRP C 216 18.21 -2.11 -58.28
CA TRP C 216 18.71 -2.53 -59.58
C TRP C 216 19.53 -1.37 -60.15
N GLN C 217 20.64 -1.72 -60.82
CA GLN C 217 21.49 -0.70 -61.43
C GLN C 217 21.68 -1.10 -62.90
N GLN C 218 21.78 -0.11 -63.77
CA GLN C 218 21.98 -0.35 -65.19
C GLN C 218 23.34 0.19 -65.57
N ASP C 219 24.31 -0.71 -65.77
CA ASP C 219 25.68 -0.32 -66.09
C ASP C 219 26.21 0.48 -64.89
N GLY C 220 26.08 -0.09 -63.70
CA GLY C 220 26.54 0.55 -62.48
C GLY C 220 25.70 1.74 -62.07
N GLU C 221 24.96 2.29 -63.02
CA GLU C 221 24.11 3.45 -62.76
C GLU C 221 22.79 3.03 -62.12
N GLY C 222 21.71 3.14 -62.87
CA GLY C 222 20.39 2.78 -62.36
C GLY C 222 19.81 3.83 -61.44
N HIS C 223 18.67 4.38 -61.83
CA HIS C 223 18.01 4.00 -63.07
C HIS C 223 16.70 4.75 -63.25
N THR C 224 16.07 5.13 -62.14
CA THR C 224 14.81 5.85 -62.19
C THR C 224 13.81 5.17 -63.11
N GLN C 225 14.22 4.04 -63.69
CA GLN C 225 13.37 3.28 -64.59
C GLN C 225 12.06 2.87 -63.91
N ASP C 226 11.83 1.56 -63.86
CA ASP C 226 10.62 1.03 -63.24
C ASP C 226 10.95 -0.13 -62.31
N THR C 227 11.25 0.13 -61.06
CA THR C 227 11.50 -0.84 -60.09
C THR C 227 10.30 -0.96 -59.26
N GLU C 228 9.64 -2.06 -59.45
CA GLU C 228 8.59 -2.45 -58.52
C GLU C 228 9.22 -3.13 -57.31
N LEU C 229 8.64 -2.90 -56.15
CA LEU C 229 9.19 -3.46 -54.92
C LEU C 229 8.09 -3.91 -53.95
N VAL C 230 7.87 -5.21 -53.86
CA VAL C 230 6.84 -5.72 -52.95
C VAL C 230 7.17 -5.50 -51.50
N GLU C 231 6.13 -5.33 -50.71
CA GLU C 231 6.23 -5.15 -49.28
C GLU C 231 6.84 -6.46 -48.74
N THR C 232 7.78 -6.35 -47.82
CA THR C 232 8.43 -7.50 -47.21
C THR C 232 7.41 -8.40 -46.54
N ARG C 233 7.49 -9.69 -46.79
CA ARG C 233 6.54 -10.64 -46.25
C ARG C 233 7.16 -11.79 -45.47
N PRO C 234 6.45 -12.31 -44.47
CA PRO C 234 6.97 -13.43 -43.69
C PRO C 234 6.91 -14.72 -44.49
N ALA C 235 7.89 -15.61 -44.28
CA ALA C 235 7.93 -16.89 -44.99
C ALA C 235 7.06 -17.89 -44.24
N GLY C 236 6.91 -17.69 -42.93
CA GLY C 236 6.10 -18.57 -42.12
C GLY C 236 6.92 -19.38 -41.13
N ASP C 237 8.24 -19.35 -41.30
CA ASP C 237 9.17 -20.08 -40.46
C ASP C 237 10.06 -19.15 -39.69
N GLY C 238 9.58 -17.95 -39.39
CA GLY C 238 10.42 -17.01 -38.66
C GLY C 238 11.27 -16.09 -39.52
N THR C 239 11.48 -16.46 -40.80
CA THR C 239 12.27 -15.61 -41.70
C THR C 239 11.40 -14.78 -42.65
N PHE C 240 12.05 -13.96 -43.46
CA PHE C 240 11.34 -13.10 -44.39
C PHE C 240 11.78 -13.23 -45.86
N GLN C 241 10.94 -12.72 -46.77
CA GLN C 241 11.19 -12.73 -48.20
C GLN C 241 10.84 -11.34 -48.73
N LYS C 242 11.31 -11.03 -49.94
CA LYS C 242 11.04 -9.74 -50.57
C LYS C 242 11.66 -9.78 -51.96
N TRP C 243 11.10 -9.05 -52.91
CA TRP C 243 11.68 -9.00 -54.25
C TRP C 243 11.54 -7.64 -54.94
N ALA C 244 12.43 -7.37 -55.88
CA ALA C 244 12.46 -6.12 -56.61
C ALA C 244 12.46 -6.40 -58.10
N ALA C 245 11.58 -5.74 -58.84
CA ALA C 245 11.51 -6.01 -60.26
C ALA C 245 11.69 -4.79 -61.13
N VAL C 246 12.23 -5.02 -62.32
CA VAL C 246 12.49 -3.95 -63.26
C VAL C 246 12.13 -4.45 -64.66
N VAL C 247 11.53 -3.58 -65.46
CA VAL C 247 11.14 -3.92 -66.83
C VAL C 247 12.25 -3.51 -67.78
N VAL C 248 12.76 -4.51 -68.51
CA VAL C 248 13.89 -4.29 -69.39
C VAL C 248 13.65 -4.69 -70.85
N PRO C 249 14.34 -4.05 -71.81
CA PRO C 249 14.12 -4.43 -73.21
C PRO C 249 14.82 -5.78 -73.43
N SER C 250 14.22 -6.65 -74.24
CA SER C 250 14.82 -7.97 -74.48
C SER C 250 16.14 -7.86 -75.21
N GLY C 251 17.15 -8.55 -74.69
CA GLY C 251 18.47 -8.51 -75.28
C GLY C 251 19.41 -7.67 -74.43
N GLU C 252 18.85 -6.81 -73.59
CA GLU C 252 19.65 -5.95 -72.74
C GLU C 252 19.64 -6.38 -71.28
N GLU C 253 19.11 -7.56 -71.00
CA GLU C 253 19.04 -8.05 -69.63
C GLU C 253 20.39 -8.03 -68.93
N GLN C 254 21.46 -8.28 -69.67
CA GLN C 254 22.80 -8.31 -69.07
C GLN C 254 23.22 -7.00 -68.40
N ARG C 255 22.88 -5.87 -69.01
CA ARG C 255 23.26 -4.58 -68.47
C ARG C 255 22.74 -4.32 -67.05
N TYR C 256 21.81 -5.14 -66.58
CA TYR C 256 21.23 -4.89 -65.26
C TYR C 256 21.76 -5.72 -64.12
N THR C 257 22.04 -5.06 -63.01
CA THR C 257 22.55 -5.77 -61.86
C THR C 257 21.74 -5.51 -60.61
N CYS C 258 21.53 -6.56 -59.82
CA CYS C 258 20.76 -6.43 -58.58
C CYS C 258 21.75 -6.26 -57.45
N HIS C 259 21.41 -5.43 -56.48
CA HIS C 259 22.26 -5.21 -55.32
C HIS C 259 21.40 -5.38 -54.07
N VAL C 260 21.92 -6.13 -53.11
CA VAL C 260 21.17 -6.45 -51.90
C VAL C 260 21.99 -6.11 -50.69
N GLN C 261 21.37 -5.61 -49.66
CA GLN C 261 22.13 -5.29 -48.49
C GLN C 261 21.35 -5.89 -47.36
N HIS C 262 22.04 -6.53 -46.45
CA HIS C 262 21.39 -7.13 -45.32
C HIS C 262 22.45 -7.17 -44.23
N GLU C 263 22.03 -6.86 -43.00
CA GLU C 263 22.95 -6.86 -41.87
C GLU C 263 23.63 -8.20 -41.79
N GLY C 264 22.89 -9.24 -42.15
CA GLY C 264 23.45 -10.57 -42.10
C GLY C 264 24.48 -10.82 -43.18
N LEU C 265 24.61 -9.91 -44.14
CA LEU C 265 25.58 -10.08 -45.23
C LEU C 265 26.93 -9.42 -44.94
N PRO C 266 28.03 -10.19 -45.07
CA PRO C 266 29.43 -9.77 -44.85
C PRO C 266 29.75 -8.54 -45.71
N GLU C 267 29.40 -8.63 -46.99
CA GLU C 267 29.58 -7.52 -47.93
C GLU C 267 28.41 -7.52 -48.92
N PRO C 268 27.90 -6.33 -49.29
CA PRO C 268 26.78 -6.21 -50.23
C PRO C 268 26.85 -7.15 -51.41
N VAL C 269 25.69 -7.62 -51.81
CA VAL C 269 25.67 -8.55 -52.90
C VAL C 269 25.14 -8.03 -54.23
N THR C 270 25.72 -8.59 -55.31
CA THR C 270 25.41 -8.30 -56.70
C THR C 270 25.04 -9.54 -57.53
N LEU C 271 23.84 -9.54 -58.14
CA LEU C 271 23.32 -10.65 -58.98
C LEU C 271 23.14 -10.17 -60.41
N ARG C 272 23.01 -11.10 -61.34
CA ARG C 272 22.85 -10.72 -62.73
C ARG C 272 21.88 -11.53 -63.59
N TRP C 273 21.69 -12.80 -63.26
CA TRP C 273 20.82 -13.68 -64.05
C TRP C 273 21.58 -14.30 -65.23
N MET D 1 -14.50 6.91 -37.93
CA MET D 1 -13.88 5.57 -38.09
C MET D 1 -13.04 5.50 -39.37
N ILE D 2 -11.78 5.10 -39.20
CA ILE D 2 -10.86 4.99 -40.33
C ILE D 2 -10.80 3.56 -40.85
N GLN D 3 -11.22 3.36 -42.09
CA GLN D 3 -11.21 2.03 -42.69
C GLN D 3 -10.05 1.89 -43.67
N ARG D 4 -9.37 0.75 -43.61
CA ARG D 4 -8.25 0.49 -44.50
C ARG D 4 -8.41 -0.84 -45.22
N THR D 5 -8.43 -0.77 -46.54
CA THR D 5 -8.54 -1.97 -47.38
C THR D 5 -7.29 -2.82 -47.22
N PRO D 6 -7.45 -4.14 -47.10
CA PRO D 6 -6.31 -5.05 -46.93
C PRO D 6 -5.45 -5.24 -48.19
N LYS D 7 -4.13 -5.27 -47.99
CA LYS D 7 -3.19 -5.51 -49.08
C LYS D 7 -3.12 -7.02 -49.06
N ILE D 8 -2.98 -7.64 -50.23
CA ILE D 8 -2.94 -9.08 -50.30
C ILE D 8 -1.80 -9.64 -51.15
N GLN D 9 -1.07 -10.59 -50.59
CA GLN D 9 0.01 -11.24 -51.33
C GLN D 9 -0.15 -12.75 -51.21
N VAL D 10 -0.12 -13.45 -52.34
CA VAL D 10 -0.23 -14.90 -52.32
C VAL D 10 1.10 -15.45 -52.82
N TYR D 11 1.70 -16.36 -52.06
CA TYR D 11 3.00 -16.90 -52.45
C TYR D 11 3.33 -18.17 -51.68
N SER D 12 4.44 -18.80 -52.05
CA SER D 12 4.88 -20.05 -51.40
C SER D 12 6.03 -19.79 -50.45
N ARG D 13 6.15 -20.59 -49.38
CA ARG D 13 7.25 -20.42 -48.43
C ARG D 13 8.61 -20.78 -49.03
N HIS D 14 8.60 -21.54 -50.13
CA HIS D 14 9.85 -21.93 -50.80
C HIS D 14 9.64 -21.93 -52.30
N PRO D 15 10.72 -21.71 -53.05
CA PRO D 15 10.58 -21.69 -54.50
C PRO D 15 9.74 -22.89 -54.92
N ALA D 16 8.63 -22.62 -55.61
CA ALA D 16 7.72 -23.66 -56.07
C ALA D 16 8.35 -24.63 -57.05
N GLU D 17 8.11 -25.92 -56.79
CA GLU D 17 8.61 -26.97 -57.65
C GLU D 17 7.52 -28.03 -57.69
N ASN D 18 6.98 -28.29 -58.87
CA ASN D 18 5.93 -29.28 -59.01
C ASN D 18 6.36 -30.60 -58.39
N GLY D 19 5.57 -31.09 -57.44
CA GLY D 19 5.88 -32.35 -56.79
C GLY D 19 6.48 -32.21 -55.40
N LYS D 20 7.30 -31.19 -55.20
CA LYS D 20 7.92 -30.97 -53.89
C LYS D 20 6.91 -30.32 -52.96
N SER D 21 6.91 -30.74 -51.70
CA SER D 21 6.00 -30.17 -50.73
C SER D 21 6.34 -28.68 -50.62
N ASN D 22 5.52 -27.93 -49.90
CA ASN D 22 5.73 -26.49 -49.70
C ASN D 22 4.56 -25.99 -48.86
N PHE D 23 4.50 -24.67 -48.63
CA PHE D 23 3.41 -24.07 -47.89
C PHE D 23 2.83 -22.95 -48.74
N LEU D 24 1.51 -22.83 -48.77
CA LEU D 24 0.83 -21.78 -49.53
C LEU D 24 0.52 -20.67 -48.53
N ASN D 25 0.90 -19.45 -48.89
CA ASN D 25 0.72 -18.31 -48.00
C ASN D 25 -0.13 -17.18 -48.55
N CYS D 26 -0.87 -16.56 -47.65
CA CYS D 26 -1.67 -15.43 -48.03
C CYS D 26 -1.42 -14.45 -46.90
N TYR D 27 -0.78 -13.33 -47.23
CA TYR D 27 -0.46 -12.33 -46.21
C TYR D 27 -1.37 -11.14 -46.47
N VAL D 28 -2.16 -10.81 -45.47
CA VAL D 28 -3.08 -9.69 -45.59
C VAL D 28 -2.58 -8.67 -44.59
N SER D 29 -2.45 -7.42 -45.04
CA SER D 29 -1.96 -6.38 -44.15
C SER D 29 -2.53 -5.03 -44.50
N GLY D 30 -2.28 -4.06 -43.63
CA GLY D 30 -2.74 -2.70 -43.82
C GLY D 30 -4.23 -2.49 -43.74
N PHE D 31 -4.94 -3.43 -43.12
CA PHE D 31 -6.39 -3.32 -43.00
C PHE D 31 -6.90 -2.94 -41.62
N HIS D 32 -8.08 -2.32 -41.60
CA HIS D 32 -8.72 -1.88 -40.36
C HIS D 32 -10.20 -1.74 -40.64
N PRO D 33 -11.05 -2.33 -39.78
CA PRO D 33 -10.77 -3.13 -38.58
C PRO D 33 -10.14 -4.51 -38.86
N SER D 34 -9.82 -5.22 -37.78
CA SER D 34 -9.20 -6.53 -37.86
C SER D 34 -10.11 -7.70 -38.23
N ASP D 35 -11.42 -7.50 -38.16
CA ASP D 35 -12.34 -8.56 -38.53
C ASP D 35 -12.09 -8.80 -40.01
N ILE D 36 -11.84 -10.05 -40.38
CA ILE D 36 -11.53 -10.37 -41.77
C ILE D 36 -11.61 -11.86 -42.02
N GLU D 37 -12.03 -12.23 -43.22
CA GLU D 37 -12.13 -13.64 -43.62
C GLU D 37 -11.10 -13.97 -44.69
N VAL D 38 -10.37 -15.07 -44.49
CA VAL D 38 -9.37 -15.49 -45.45
C VAL D 38 -9.39 -17.00 -45.67
N ASP D 39 -9.58 -17.41 -46.93
CA ASP D 39 -9.59 -18.83 -47.29
C ASP D 39 -8.56 -19.09 -48.40
N LEU D 40 -7.92 -20.26 -48.35
CA LEU D 40 -6.97 -20.62 -49.39
C LEU D 40 -7.72 -21.60 -50.28
N LEU D 41 -7.62 -21.42 -51.59
CA LEU D 41 -8.34 -22.28 -52.52
C LEU D 41 -7.50 -23.15 -53.45
N LYS D 42 -8.03 -24.33 -53.76
CA LYS D 42 -7.39 -25.22 -54.72
C LYS D 42 -8.42 -25.41 -55.84
N ASN D 43 -8.08 -24.91 -57.01
CA ASN D 43 -8.96 -24.99 -58.17
C ASN D 43 -10.38 -24.55 -57.85
N GLY D 44 -10.48 -23.51 -57.03
CA GLY D 44 -11.79 -22.97 -56.66
C GLY D 44 -12.41 -23.59 -55.42
N GLU D 45 -11.98 -24.78 -55.04
CA GLU D 45 -12.56 -25.46 -53.88
C GLU D 45 -11.79 -25.10 -52.62
N ARG D 46 -12.52 -24.68 -51.58
CA ARG D 46 -11.89 -24.29 -50.33
C ARG D 46 -10.94 -25.35 -49.80
N ILE D 47 -9.84 -24.91 -49.20
CA ILE D 47 -8.85 -25.82 -48.64
C ILE D 47 -9.06 -25.94 -47.13
N GLU D 48 -9.25 -27.17 -46.65
CA GLU D 48 -9.46 -27.40 -45.22
C GLU D 48 -8.07 -27.13 -44.67
N LYS D 49 -7.94 -27.14 -43.34
CA LYS D 49 -6.70 -27.25 -42.58
C LYS D 49 -5.76 -26.06 -42.82
N VAL D 50 -6.25 -24.85 -42.56
CA VAL D 50 -5.44 -23.65 -42.78
C VAL D 50 -5.27 -22.79 -41.53
N GLU D 51 -4.02 -22.60 -41.11
CA GLU D 51 -3.73 -21.80 -39.93
C GLU D 51 -3.44 -20.33 -40.20
N HIS D 52 -3.28 -19.57 -39.13
CA HIS D 52 -3.05 -18.15 -39.25
C HIS D 52 -2.43 -17.55 -38.01
N SER D 53 -1.40 -16.74 -38.23
CA SER D 53 -0.67 -16.09 -37.15
C SER D 53 -1.58 -15.16 -36.31
N ASP D 54 -1.09 -14.76 -35.15
CA ASP D 54 -1.84 -13.89 -34.25
C ASP D 54 -2.05 -12.46 -34.72
N LEU D 55 -3.27 -11.96 -34.53
CA LEU D 55 -3.65 -10.61 -34.94
C LEU D 55 -2.74 -9.52 -34.35
N SER D 56 -1.87 -8.98 -35.17
CA SER D 56 -0.97 -7.94 -34.73
C SER D 56 -1.20 -6.72 -35.61
N PHE D 57 -0.49 -5.64 -35.32
CA PHE D 57 -0.63 -4.45 -36.14
C PHE D 57 0.67 -3.68 -36.12
N SER D 58 0.82 -2.76 -37.05
CA SER D 58 2.04 -1.96 -37.16
C SER D 58 1.87 -0.52 -36.64
N LYS D 59 2.94 0.28 -36.72
CA LYS D 59 2.95 1.68 -36.27
C LYS D 59 1.72 2.49 -36.64
N ASP D 60 1.18 2.25 -37.84
CA ASP D 60 0.04 3.01 -38.32
C ASP D 60 -1.29 2.41 -37.86
N TRP D 61 -1.21 1.47 -36.93
CA TRP D 61 -2.38 0.81 -36.37
C TRP D 61 -3.06 -0.23 -37.23
N SER D 62 -2.67 -0.37 -38.50
CA SER D 62 -3.31 -1.34 -39.38
C SER D 62 -2.83 -2.74 -39.02
N PHE D 63 -3.74 -3.70 -39.09
CA PHE D 63 -3.46 -5.09 -38.73
C PHE D 63 -2.83 -5.90 -39.87
N TYR D 64 -2.22 -7.02 -39.52
CA TYR D 64 -1.65 -7.89 -40.52
C TYR D 64 -1.68 -9.32 -40.01
N LEU D 65 -2.00 -10.24 -40.92
CA LEU D 65 -2.08 -11.67 -40.61
C LEU D 65 -1.53 -12.52 -41.72
N LEU D 66 -0.94 -13.63 -41.32
CA LEU D 66 -0.41 -14.61 -42.27
C LEU D 66 -1.29 -15.86 -42.20
N TYR D 67 -1.84 -16.26 -43.34
CA TYR D 67 -2.65 -17.46 -43.43
C TYR D 67 -1.83 -18.44 -44.26
N TYR D 68 -1.78 -19.70 -43.83
CA TYR D 68 -0.99 -20.67 -44.56
C TYR D 68 -1.44 -22.10 -44.37
N THR D 69 -1.14 -22.94 -45.35
CA THR D 69 -1.49 -24.34 -45.33
C THR D 69 -0.43 -25.12 -46.09
N GLU D 70 -0.17 -26.36 -45.70
CA GLU D 70 0.81 -27.15 -46.43
C GLU D 70 0.19 -27.49 -47.77
N PHE D 71 1.01 -27.93 -48.71
CA PHE D 71 0.51 -28.28 -50.02
C PHE D 71 1.65 -28.68 -50.95
N THR D 72 1.28 -29.28 -52.07
CA THR D 72 2.26 -29.69 -53.05
C THR D 72 1.83 -29.17 -54.42
N PRO D 73 2.50 -28.11 -54.88
CA PRO D 73 2.19 -27.50 -56.18
C PRO D 73 2.32 -28.49 -57.32
N THR D 74 1.54 -28.25 -58.36
CA THR D 74 1.54 -29.11 -59.53
C THR D 74 1.44 -28.22 -60.75
N GLU D 75 1.68 -28.78 -61.91
CA GLU D 75 1.61 -27.99 -63.13
C GLU D 75 0.16 -27.54 -63.38
N LYS D 76 -0.79 -28.42 -63.17
CA LYS D 76 -2.21 -28.11 -63.44
C LYS D 76 -3.03 -27.37 -62.39
N ASP D 77 -2.81 -27.65 -61.11
CA ASP D 77 -3.60 -27.00 -60.09
C ASP D 77 -3.41 -25.48 -59.95
N GLU D 78 -4.53 -24.76 -59.85
CA GLU D 78 -4.52 -23.30 -59.70
C GLU D 78 -4.92 -22.97 -58.26
N TYR D 79 -4.09 -22.21 -57.58
CA TYR D 79 -4.36 -21.83 -56.19
C TYR D 79 -4.69 -20.36 -56.09
N ALA D 80 -5.39 -19.98 -55.03
CA ALA D 80 -5.77 -18.58 -54.86
C ALA D 80 -6.17 -18.26 -53.44
N CYS D 81 -6.20 -16.98 -53.12
CA CYS D 81 -6.58 -16.50 -51.80
C CYS D 81 -7.88 -15.73 -51.95
N ARG D 82 -8.88 -16.04 -51.12
CA ARG D 82 -10.15 -15.34 -51.16
C ARG D 82 -10.24 -14.53 -49.88
N VAL D 83 -10.43 -13.21 -50.00
CA VAL D 83 -10.47 -12.35 -48.83
C VAL D 83 -11.75 -11.51 -48.75
N ASN D 84 -12.39 -11.51 -47.58
CA ASN D 84 -13.59 -10.73 -47.36
C ASN D 84 -13.37 -9.76 -46.22
N HIS D 85 -13.65 -8.49 -46.46
CA HIS D 85 -13.45 -7.46 -45.45
C HIS D 85 -14.48 -6.36 -45.61
N VAL D 86 -14.80 -5.73 -44.48
CA VAL D 86 -15.80 -4.66 -44.42
C VAL D 86 -15.54 -3.48 -45.37
N THR D 87 -14.45 -3.52 -46.12
CA THR D 87 -14.13 -2.45 -47.06
C THR D 87 -14.25 -2.94 -48.49
N LEU D 88 -14.62 -4.20 -48.64
CA LEU D 88 -14.76 -4.81 -49.97
C LEU D 88 -16.25 -5.05 -50.27
N SER D 89 -16.75 -4.46 -51.35
CA SER D 89 -18.15 -4.65 -51.71
C SER D 89 -18.44 -6.13 -52.01
N GLN D 90 -17.39 -6.94 -52.04
CA GLN D 90 -17.49 -8.37 -52.32
C GLN D 90 -16.09 -8.97 -52.11
N PRO D 91 -16.03 -10.20 -51.57
CA PRO D 91 -14.74 -10.85 -51.33
C PRO D 91 -13.85 -10.89 -52.57
N LYS D 92 -12.63 -10.41 -52.43
CA LYS D 92 -11.67 -10.35 -53.53
C LYS D 92 -10.83 -11.61 -53.62
N ILE D 93 -10.65 -12.08 -54.85
CA ILE D 93 -9.85 -13.28 -55.10
C ILE D 93 -8.59 -12.92 -55.86
N VAL D 94 -7.45 -13.32 -55.31
CA VAL D 94 -6.17 -13.08 -55.96
C VAL D 94 -5.54 -14.44 -56.12
N LYS D 95 -5.32 -14.81 -57.37
CA LYS D 95 -4.75 -16.11 -57.64
C LYS D 95 -3.27 -16.15 -57.37
N TRP D 96 -2.75 -17.36 -57.17
CA TRP D 96 -1.33 -17.50 -56.90
C TRP D 96 -0.52 -17.57 -58.19
N ASP D 97 0.60 -16.87 -58.19
CA ASP D 97 1.51 -16.85 -59.33
C ASP D 97 2.87 -17.24 -58.78
N ARG D 98 3.36 -18.41 -59.17
CA ARG D 98 4.65 -18.88 -58.66
C ARG D 98 5.82 -17.93 -58.93
N ASP D 99 5.64 -16.99 -59.85
CA ASP D 99 6.71 -16.06 -60.17
C ASP D 99 6.64 -14.76 -59.40
N MET D 100 5.73 -14.69 -58.44
CA MET D 100 5.58 -13.48 -57.64
C MET D 100 5.50 -13.71 -56.15
N SER E 1 6.90 -4.66 61.03
CA SER E 1 5.43 -4.57 61.25
C SER E 1 4.86 -5.97 61.48
N HIS E 2 4.18 -6.15 62.62
CA HIS E 2 3.61 -7.45 63.01
C HIS E 2 2.14 -7.40 63.43
N SER E 3 1.58 -8.56 63.78
CA SER E 3 0.18 -8.63 64.20
C SER E 3 -0.19 -9.87 65.00
N LEU E 4 -1.22 -9.70 65.83
CA LEU E 4 -1.77 -10.79 66.62
C LEU E 4 -3.25 -10.82 66.33
N LYS E 5 -3.72 -11.91 65.72
CA LYS E 5 -5.13 -12.03 65.40
C LYS E 5 -5.68 -13.40 65.77
N TYR E 6 -6.98 -13.44 66.05
CA TYR E 6 -7.66 -14.67 66.37
C TYR E 6 -8.94 -14.67 65.53
N PHE E 7 -9.35 -15.86 65.13
CA PHE E 7 -10.53 -16.08 64.31
C PHE E 7 -11.42 -17.07 65.04
N HIS E 8 -12.56 -16.62 65.55
CA HIS E 8 -13.47 -17.50 66.28
C HIS E 8 -14.68 -17.86 65.45
N THR E 9 -15.07 -19.14 65.49
CA THR E 9 -16.18 -19.66 64.72
C THR E 9 -17.09 -20.60 65.53
N SER E 10 -18.39 -20.33 65.50
CA SER E 10 -19.35 -21.14 66.20
C SER E 10 -20.42 -21.52 65.20
N VAL E 11 -20.65 -22.83 65.07
CA VAL E 11 -21.64 -23.34 64.14
C VAL E 11 -22.70 -24.19 64.83
N SER E 12 -23.96 -23.94 64.53
CA SER E 12 -25.02 -24.75 65.12
C SER E 12 -25.22 -25.94 64.18
N ARG E 13 -25.42 -27.13 64.75
CA ARG E 13 -25.60 -28.32 63.94
C ARG E 13 -26.85 -29.06 64.38
N PRO E 14 -28.02 -28.59 63.95
CA PRO E 14 -29.34 -29.15 64.27
C PRO E 14 -29.42 -30.65 64.58
N GLY E 15 -28.76 -31.48 63.78
CA GLY E 15 -28.84 -32.90 64.06
C GLY E 15 -27.66 -33.55 64.78
N ARG E 16 -26.56 -32.82 64.93
CA ARG E 16 -25.37 -33.38 65.57
C ARG E 16 -24.94 -32.82 66.92
N GLY E 17 -25.89 -32.42 67.74
CA GLY E 17 -25.54 -31.91 69.06
C GLY E 17 -25.30 -30.43 69.21
N GLU E 18 -24.66 -30.06 70.32
CA GLU E 18 -24.36 -28.68 70.60
C GLU E 18 -23.51 -28.04 69.53
N PRO E 19 -23.63 -26.71 69.39
CA PRO E 19 -22.84 -26.02 68.38
C PRO E 19 -21.34 -26.18 68.57
N ARG E 20 -20.66 -26.29 67.44
CA ARG E 20 -19.22 -26.46 67.41
C ARG E 20 -18.55 -25.09 67.57
N PHE E 21 -17.57 -24.99 68.46
CA PHE E 21 -16.86 -23.72 68.64
C PHE E 21 -15.37 -23.93 68.41
N ILE E 22 -14.78 -23.11 67.55
CA ILE E 22 -13.38 -23.21 67.24
C ILE E 22 -12.70 -21.86 67.30
N SER E 23 -11.46 -21.85 67.76
CA SER E 23 -10.68 -20.64 67.86
C SER E 23 -9.24 -20.90 67.42
N VAL E 24 -8.69 -20.02 66.60
CA VAL E 24 -7.30 -20.16 66.19
C VAL E 24 -6.61 -18.81 66.31
N GLY E 25 -5.40 -18.82 66.86
CA GLY E 25 -4.65 -17.59 67.01
C GLY E 25 -3.46 -17.55 66.07
N TYR E 26 -3.11 -16.35 65.64
CA TYR E 26 -2.00 -16.16 64.74
C TYR E 26 -1.07 -15.03 65.16
N VAL E 27 0.20 -15.24 64.84
CA VAL E 27 1.22 -14.21 65.05
C VAL E 27 1.68 -14.08 63.60
N ASP E 28 1.28 -12.98 62.97
CA ASP E 28 1.56 -12.71 61.56
C ASP E 28 0.98 -13.86 60.77
N ASP E 29 1.81 -14.59 60.05
CA ASP E 29 1.31 -15.71 59.26
C ASP E 29 1.57 -17.06 59.89
N THR E 30 1.73 -17.08 61.20
CA THR E 30 2.01 -18.33 61.89
C THR E 30 0.97 -18.67 62.94
N GLN E 31 0.28 -19.78 62.77
CA GLN E 31 -0.71 -20.18 63.75
C GLN E 31 0.04 -20.67 64.99
N PHE E 32 -0.36 -20.24 66.18
CA PHE E 32 0.33 -20.66 67.40
C PHE E 32 -0.55 -21.30 68.48
N VAL E 33 -1.87 -21.24 68.30
CA VAL E 33 -2.79 -21.85 69.27
C VAL E 33 -4.12 -22.20 68.63
N ARG E 34 -4.94 -22.90 69.38
CA ARG E 34 -6.24 -23.29 68.88
C ARG E 34 -7.07 -23.89 69.99
N PHE E 35 -8.39 -23.87 69.79
CA PHE E 35 -9.34 -24.44 70.74
C PHE E 35 -10.44 -25.02 69.90
N ASP E 36 -10.89 -26.21 70.27
CA ASP E 36 -11.92 -26.91 69.51
C ASP E 36 -12.77 -27.77 70.47
N ASN E 37 -13.98 -27.32 70.79
CA ASN E 37 -14.80 -28.09 71.71
C ASN E 37 -15.36 -29.35 71.08
N ASP E 38 -14.73 -29.80 70.00
CA ASP E 38 -15.16 -31.01 69.33
C ASP E 38 -14.01 -32.03 69.31
N ALA E 39 -12.83 -31.56 69.74
CA ALA E 39 -11.63 -32.40 69.78
C ALA E 39 -11.56 -33.27 71.03
N ALA E 40 -10.46 -33.99 71.19
CA ALA E 40 -10.27 -34.89 72.34
C ALA E 40 -10.03 -34.16 73.66
N SER E 41 -9.28 -33.07 73.61
CA SER E 41 -8.99 -32.24 74.76
C SER E 41 -9.58 -30.86 74.54
N PRO E 42 -10.82 -30.67 74.96
CA PRO E 42 -11.47 -29.39 74.84
C PRO E 42 -10.97 -28.35 75.78
N ARG E 43 -9.83 -27.83 75.42
CA ARG E 43 -9.13 -26.66 75.99
C ARG E 43 -8.12 -26.07 75.00
N MET E 44 -7.65 -24.85 75.28
CA MET E 44 -6.68 -24.18 74.40
C MET E 44 -5.37 -24.95 74.41
N VAL E 45 -4.84 -25.24 73.23
CA VAL E 45 -3.61 -26.00 73.12
C VAL E 45 -2.59 -25.38 72.17
N PRO E 46 -1.31 -25.78 72.31
CA PRO E 46 -0.16 -25.32 71.50
C PRO E 46 -0.22 -25.83 70.05
N ARG E 47 0.16 -24.96 69.12
CA ARG E 47 0.17 -25.28 67.69
C ARG E 47 1.44 -24.74 67.02
N ALA E 48 2.34 -24.27 67.86
CA ALA E 48 3.64 -23.75 67.43
C ALA E 48 4.59 -24.21 68.54
N PRO E 49 5.78 -24.70 68.15
CA PRO E 49 6.76 -25.18 69.13
C PRO E 49 7.10 -24.16 70.21
N TRP E 50 7.31 -22.91 69.80
CA TRP E 50 7.68 -21.86 70.73
C TRP E 50 6.64 -21.53 71.79
N MET E 51 5.65 -22.41 71.97
CA MET E 51 4.61 -22.19 72.98
C MET E 51 4.51 -23.38 73.91
N GLU E 52 5.21 -24.47 73.56
CA GLU E 52 5.18 -25.69 74.36
C GLU E 52 5.87 -25.59 75.70
N GLN E 53 6.31 -24.39 76.05
CA GLN E 53 6.98 -24.19 77.33
C GLN E 53 6.13 -23.31 78.22
N GLU E 54 4.86 -23.15 77.86
CA GLU E 54 3.97 -22.30 78.64
C GLU E 54 3.42 -22.95 79.88
N GLY E 55 3.46 -22.07 80.85
CA GLY E 55 3.02 -22.22 82.15
C GLY E 55 1.66 -22.59 81.93
N SER E 56 1.24 -23.38 82.83
CA SER E 56 -0.08 -23.87 82.64
C SER E 56 -1.08 -22.86 83.08
N GLU E 57 -0.84 -22.15 84.09
CA GLU E 57 -1.79 -21.16 84.39
C GLU E 57 -2.24 -20.43 83.11
N TYR E 58 -1.40 -20.50 82.07
CA TYR E 58 -1.71 -19.85 80.78
C TYR E 58 -2.76 -20.64 80.00
N TRP E 59 -2.60 -21.96 79.95
CA TRP E 59 -3.56 -22.78 79.23
C TRP E 59 -4.94 -22.78 79.90
N ASP E 60 -4.96 -22.78 81.23
CA ASP E 60 -6.21 -22.79 81.97
C ASP E 60 -6.99 -21.52 81.72
N ARG E 61 -6.28 -20.39 81.73
CA ARG E 61 -6.88 -19.08 81.52
C ARG E 61 -7.37 -18.94 80.08
N GLU E 62 -6.53 -19.30 79.11
CA GLU E 62 -6.93 -19.22 77.70
C GLU E 62 -8.12 -20.14 77.50
N THR E 63 -8.10 -21.25 78.21
CA THR E 63 -9.19 -22.21 78.11
C THR E 63 -10.46 -21.58 78.68
N ARG E 64 -10.29 -20.76 79.72
CA ARG E 64 -11.46 -20.13 80.34
C ARG E 64 -12.06 -19.14 79.35
N SER E 65 -11.22 -18.36 78.70
CA SER E 65 -11.67 -17.36 77.72
C SER E 65 -12.40 -18.01 76.57
N ALA E 66 -11.84 -19.09 76.02
CA ALA E 66 -12.45 -19.78 74.90
C ALA E 66 -13.78 -20.38 75.31
N ARG E 67 -13.84 -20.94 76.50
CA ARG E 67 -15.10 -21.54 76.98
C ARG E 67 -16.19 -20.53 77.24
N ASP E 68 -15.82 -19.37 77.77
CA ASP E 68 -16.80 -18.35 78.06
C ASP E 68 -17.36 -17.82 76.76
N THR E 69 -16.46 -17.62 75.79
CA THR E 69 -16.85 -17.13 74.47
C THR E 69 -17.79 -18.11 73.82
N ALA E 70 -17.48 -19.39 73.91
CA ALA E 70 -18.32 -20.42 73.32
C ALA E 70 -19.71 -20.36 73.94
N GLN E 71 -19.76 -20.23 75.26
CA GLN E 71 -21.03 -20.15 76.00
C GLN E 71 -21.88 -18.99 75.51
N ILE E 72 -21.28 -17.80 75.44
CA ILE E 72 -21.98 -16.60 75.00
C ILE E 72 -22.46 -16.76 73.57
N PHE E 73 -21.62 -17.32 72.70
CA PHE E 73 -21.96 -17.51 71.30
C PHE E 73 -23.06 -18.52 71.14
N ARG E 74 -23.11 -19.44 72.08
CA ARG E 74 -24.17 -20.43 72.06
C ARG E 74 -25.48 -19.63 72.28
N VAL E 75 -25.45 -18.63 73.16
CA VAL E 75 -26.61 -17.78 73.44
C VAL E 75 -26.87 -16.84 72.26
N ASN E 76 -25.78 -16.23 71.73
CA ASN E 76 -25.89 -15.32 70.60
C ASN E 76 -26.60 -15.95 69.40
N LEU E 77 -26.30 -17.22 69.10
CA LEU E 77 -26.93 -17.88 67.96
C LEU E 77 -28.44 -17.93 68.11
N ARG E 78 -28.89 -18.16 69.33
CA ARG E 78 -30.31 -18.22 69.64
C ARG E 78 -30.86 -16.83 69.31
N THR E 79 -30.31 -15.84 69.98
CA THR E 79 -30.72 -14.46 69.78
C THR E 79 -30.78 -14.08 68.32
N LEU E 80 -29.64 -14.13 67.63
CA LEU E 80 -29.61 -13.77 66.22
C LEU E 80 -30.66 -14.53 65.43
N ARG E 81 -30.93 -15.77 65.81
CA ARG E 81 -31.93 -16.52 65.08
C ARG E 81 -33.23 -15.72 65.13
N GLY E 82 -33.57 -15.30 66.35
CA GLY E 82 -34.77 -14.53 66.55
C GLY E 82 -34.81 -13.25 65.73
N TYR E 83 -33.73 -12.48 65.73
CA TYR E 83 -33.72 -11.24 64.94
C TYR E 83 -34.13 -11.54 63.51
N TYR E 84 -33.74 -12.70 62.99
CA TYR E 84 -34.07 -13.05 61.61
C TYR E 84 -35.24 -14.01 61.50
N ASN E 85 -35.88 -14.31 62.62
CA ASN E 85 -37.02 -15.20 62.60
C ASN E 85 -36.64 -16.42 61.81
N GLN E 86 -35.73 -17.21 62.37
CA GLN E 86 -35.31 -18.42 61.71
C GLN E 86 -35.64 -19.55 62.65
N SER E 87 -36.17 -20.63 62.13
CA SER E 87 -36.51 -21.74 63.00
C SER E 87 -35.22 -22.28 63.59
N GLU E 88 -35.33 -23.42 64.27
CA GLU E 88 -34.18 -24.05 64.89
C GLU E 88 -33.65 -25.13 63.96
N ALA E 89 -34.42 -25.46 62.93
CA ALA E 89 -34.09 -26.52 62.00
C ALA E 89 -32.84 -26.32 61.13
N GLY E 90 -32.42 -25.09 60.93
CA GLY E 90 -31.25 -24.86 60.11
C GLY E 90 -29.96 -24.53 60.85
N SER E 91 -28.84 -24.82 60.20
CA SER E 91 -27.51 -24.55 60.74
C SER E 91 -27.05 -23.14 60.43
N HIS E 92 -26.45 -22.47 61.40
CA HIS E 92 -25.98 -21.11 61.19
C HIS E 92 -24.57 -20.87 61.72
N THR E 93 -23.92 -19.83 61.22
CA THR E 93 -22.56 -19.51 61.60
C THR E 93 -22.40 -18.11 62.18
N LEU E 94 -21.74 -18.03 63.33
CA LEU E 94 -21.45 -16.76 63.98
C LEU E 94 -19.93 -16.72 64.03
N GLN E 95 -19.33 -15.70 63.42
CA GLN E 95 -17.88 -15.55 63.39
C GLN E 95 -17.46 -14.26 64.05
N TRP E 96 -16.28 -14.29 64.65
CA TRP E 96 -15.73 -13.14 65.37
C TRP E 96 -14.23 -13.09 65.16
N MET E 97 -13.70 -11.91 64.85
CA MET E 97 -12.26 -11.76 64.65
C MET E 97 -11.73 -10.46 65.22
N HIS E 98 -10.64 -10.59 65.95
CA HIS E 98 -9.99 -9.45 66.54
C HIS E 98 -8.51 -9.53 66.26
N GLY E 99 -7.86 -8.38 66.32
CA GLY E 99 -6.45 -8.36 66.07
C GLY E 99 -5.88 -6.98 66.18
N CYS E 100 -4.62 -6.92 66.59
CA CYS E 100 -3.96 -5.64 66.68
C CYS E 100 -2.74 -5.76 65.80
N GLU E 101 -2.19 -4.62 65.44
CA GLU E 101 -1.01 -4.57 64.59
C GLU E 101 -0.02 -3.56 65.10
N LEU E 102 1.25 -3.88 64.92
CA LEU E 102 2.31 -2.99 65.34
C LEU E 102 2.77 -2.23 64.12
N GLY E 103 3.31 -1.05 64.35
CA GLY E 103 3.82 -0.26 63.25
C GLY E 103 5.29 -0.64 63.14
N PRO E 104 5.98 -0.19 62.08
CA PRO E 104 7.41 -0.51 61.92
C PRO E 104 8.16 -0.14 63.19
N ASP E 105 7.63 0.86 63.88
CA ASP E 105 8.20 1.35 65.11
C ASP E 105 7.93 0.38 66.26
N ARG E 106 7.21 -0.69 65.96
CA ARG E 106 6.87 -1.72 66.94
C ARG E 106 5.82 -1.27 67.97
N ARG E 107 5.21 -0.11 67.71
CA ARG E 107 4.19 0.45 68.59
C ARG E 107 2.79 0.19 68.00
N PHE E 108 1.76 0.40 68.80
CA PHE E 108 0.38 0.19 68.35
C PHE E 108 0.12 0.98 67.08
N LEU E 109 -0.33 0.28 66.05
CA LEU E 109 -0.61 0.92 64.78
C LEU E 109 -2.09 0.93 64.47
N ARG E 110 -2.75 -0.20 64.69
CA ARG E 110 -4.17 -0.32 64.42
C ARG E 110 -4.76 -1.58 65.02
N GLY E 111 -6.01 -1.48 65.47
CA GLY E 111 -6.71 -2.61 66.04
C GLY E 111 -8.02 -2.74 65.30
N TYR E 112 -8.58 -3.95 65.25
CA TYR E 112 -9.85 -4.18 64.56
C TYR E 112 -10.63 -5.32 65.19
N GLU E 113 -11.96 -5.21 65.18
CA GLU E 113 -12.82 -6.24 65.74
C GLU E 113 -14.17 -6.29 65.04
N GLN E 114 -14.68 -7.48 64.76
CA GLN E 114 -15.98 -7.58 64.10
C GLN E 114 -16.65 -8.95 64.08
N PHE E 115 -17.98 -8.93 63.95
CA PHE E 115 -18.77 -10.14 63.94
C PHE E 115 -19.45 -10.34 62.60
N ALA E 116 -19.80 -11.60 62.32
CA ALA E 116 -20.47 -11.96 61.09
C ALA E 116 -21.47 -13.07 61.39
N TYR E 117 -22.59 -13.06 60.68
CA TYR E 117 -23.61 -14.07 60.86
C TYR E 117 -23.86 -14.64 59.48
N ASP E 118 -23.84 -15.96 59.38
CA ASP E 118 -24.05 -16.63 58.10
C ASP E 118 -23.14 -16.11 56.98
N GLY E 119 -21.89 -15.81 57.33
CA GLY E 119 -20.91 -15.36 56.35
C GLY E 119 -21.07 -13.94 55.83
N LYS E 120 -21.77 -13.11 56.57
CA LYS E 120 -22.00 -11.73 56.15
C LYS E 120 -21.80 -10.78 57.33
N ASP E 121 -21.07 -9.70 57.07
CA ASP E 121 -20.79 -8.68 58.08
C ASP E 121 -22.01 -8.41 58.92
N TYR E 122 -21.86 -8.45 60.24
CA TYR E 122 -23.00 -8.23 61.12
C TYR E 122 -22.78 -7.00 61.98
N LEU E 123 -21.85 -7.09 62.90
CA LEU E 123 -21.54 -5.96 63.77
C LEU E 123 -20.05 -5.66 63.71
N THR E 124 -19.71 -4.40 63.47
CA THR E 124 -18.32 -4.02 63.37
C THR E 124 -17.95 -2.96 64.35
N LEU E 125 -16.76 -3.08 64.92
CA LEU E 125 -16.29 -2.10 65.85
C LEU E 125 -15.73 -1.03 64.91
N ASN E 126 -15.83 0.23 65.29
CA ASN E 126 -15.33 1.28 64.42
C ASN E 126 -13.83 1.53 64.45
N GLU E 127 -13.35 2.16 63.37
CA GLU E 127 -11.94 2.48 63.21
C GLU E 127 -11.46 3.29 64.42
N ASP E 128 -12.37 4.00 65.06
CA ASP E 128 -12.01 4.80 66.23
C ASP E 128 -12.15 4.00 67.51
N LEU E 129 -12.38 2.69 67.37
CA LEU E 129 -12.56 1.76 68.50
C LEU E 129 -13.32 2.39 69.64
N ARG E 130 -14.32 3.21 69.31
CA ARG E 130 -15.13 3.89 70.32
C ARG E 130 -16.60 3.56 70.19
N SER E 131 -16.97 2.86 69.12
CA SER E 131 -18.36 2.53 68.90
C SER E 131 -18.49 1.35 67.96
N TRP E 132 -19.70 0.82 67.87
CA TRP E 132 -19.96 -0.30 67.00
C TRP E 132 -20.90 0.20 65.90
N THR E 133 -20.96 -0.50 64.77
CA THR E 133 -21.79 -0.05 63.68
C THR E 133 -22.50 -1.17 62.94
N ALA E 134 -23.75 -1.43 63.32
CA ALA E 134 -24.54 -2.47 62.67
C ALA E 134 -24.58 -2.17 61.18
N VAL E 135 -24.26 -3.15 60.36
CA VAL E 135 -24.26 -2.95 58.92
C VAL E 135 -25.43 -3.73 58.34
N ASP E 136 -26.34 -4.11 59.22
CA ASP E 136 -27.53 -4.89 58.85
C ASP E 136 -28.71 -4.44 59.73
N THR E 137 -29.80 -4.06 59.07
CA THR E 137 -31.00 -3.57 59.75
C THR E 137 -31.51 -4.42 60.91
N ALA E 138 -30.93 -5.60 61.08
CA ALA E 138 -31.31 -6.51 62.17
C ALA E 138 -30.24 -6.47 63.27
N ALA E 139 -29.11 -5.85 62.95
CA ALA E 139 -28.01 -5.75 63.89
C ALA E 139 -28.14 -4.47 64.72
N GLN E 140 -29.10 -3.63 64.35
CA GLN E 140 -29.32 -2.37 65.06
C GLN E 140 -29.59 -2.57 66.56
N ILE E 141 -30.40 -3.58 66.90
CA ILE E 141 -30.71 -3.87 68.30
C ILE E 141 -29.40 -4.13 69.04
N SER E 142 -28.57 -4.97 68.41
CA SER E 142 -27.27 -5.33 68.95
C SER E 142 -26.38 -4.10 69.08
N GLU E 143 -26.49 -3.19 68.13
CA GLU E 143 -25.68 -1.98 68.17
C GLU E 143 -25.97 -1.06 69.35
N GLN E 144 -27.25 -0.71 69.54
CA GLN E 144 -27.59 0.18 70.65
C GLN E 144 -27.26 -0.57 71.93
N LYS E 145 -27.55 -1.87 71.91
CA LYS E 145 -27.30 -2.73 73.06
C LYS E 145 -25.82 -2.63 73.44
N SER E 146 -24.95 -2.74 72.43
CA SER E 146 -23.50 -2.67 72.65
C SER E 146 -23.04 -1.28 73.03
N ASN E 147 -23.51 -0.28 72.31
CA ASN E 147 -23.10 1.08 72.62
C ASN E 147 -23.63 1.54 73.98
N ASP E 148 -24.82 1.07 74.37
CA ASP E 148 -25.38 1.46 75.67
C ASP E 148 -24.52 0.91 76.81
N ALA E 149 -24.23 -0.39 76.79
CA ALA E 149 -23.40 -1.01 77.81
C ALA E 149 -21.95 -0.54 77.72
N SER E 150 -21.64 0.20 76.66
CA SER E 150 -20.30 0.73 76.44
C SER E 150 -19.22 -0.36 76.48
N GLU E 151 -19.43 -1.43 75.73
CA GLU E 151 -18.49 -2.55 75.68
C GLU E 151 -17.28 -2.19 74.81
N ALA E 152 -17.49 -1.31 73.85
CA ALA E 152 -16.43 -0.88 72.95
C ALA E 152 -15.24 -0.29 73.70
N GLU E 153 -15.34 -0.23 75.02
CA GLU E 153 -14.27 0.31 75.83
C GLU E 153 -13.37 -0.81 76.34
N HIS E 154 -13.98 -1.94 76.69
CA HIS E 154 -13.23 -3.07 77.16
C HIS E 154 -12.44 -3.66 76.01
N GLN E 155 -13.05 -3.68 74.85
CA GLN E 155 -12.43 -4.25 73.66
C GLN E 155 -11.31 -3.39 73.06
N ARG E 156 -10.43 -2.76 73.82
CA ARG E 156 -9.46 -1.76 73.33
C ARG E 156 -8.38 -1.83 74.26
N ALA E 157 -9.00 -1.56 75.36
CA ALA E 157 -8.30 -1.79 76.50
C ALA E 157 -7.56 -3.05 75.98
N TYR E 158 -8.35 -4.10 75.56
CA TYR E 158 -7.72 -5.32 75.09
C TYR E 158 -6.87 -5.12 73.82
N LEU E 159 -7.43 -4.44 72.83
CA LEU E 159 -6.74 -4.21 71.57
C LEU E 159 -5.47 -3.36 71.63
N GLU E 160 -5.52 -2.24 72.37
CA GLU E 160 -4.36 -1.36 72.46
C GLU E 160 -3.30 -1.77 73.49
N ASP E 161 -3.73 -2.53 74.50
CA ASP E 161 -2.82 -2.95 75.56
C ASP E 161 -2.47 -4.42 75.56
N THR E 162 -3.38 -5.24 76.10
CA THR E 162 -3.14 -6.66 76.18
C THR E 162 -2.62 -7.19 74.85
N CYS E 163 -3.47 -7.19 73.84
CA CYS E 163 -3.09 -7.67 72.51
C CYS E 163 -1.67 -7.24 72.15
N VAL E 164 -1.34 -5.97 72.40
CA VAL E 164 -0.02 -5.46 72.08
C VAL E 164 1.03 -6.01 73.03
N GLU E 165 0.73 -6.00 74.32
CA GLU E 165 1.65 -6.50 75.32
C GLU E 165 1.97 -7.97 75.00
N TRP E 166 0.94 -8.78 74.78
CA TRP E 166 1.14 -10.19 74.48
C TRP E 166 1.78 -10.46 73.12
N LEU E 167 1.55 -9.57 72.15
CA LEU E 167 2.13 -9.73 70.84
C LEU E 167 3.65 -9.64 70.97
N HIS E 168 4.12 -8.82 71.91
CA HIS E 168 5.54 -8.66 72.13
C HIS E 168 6.13 -9.83 72.88
N LYS E 169 5.34 -10.47 73.74
CA LYS E 169 5.85 -11.62 74.46
C LYS E 169 5.95 -12.78 73.50
N TYR E 170 4.97 -12.92 72.59
CA TYR E 170 5.00 -14.00 71.62
C TYR E 170 6.19 -13.87 70.66
N LEU E 171 6.41 -12.65 70.16
CA LEU E 171 7.50 -12.35 69.25
C LEU E 171 8.84 -12.82 69.81
N GLU E 172 9.05 -12.56 71.09
CA GLU E 172 10.29 -12.95 71.73
C GLU E 172 10.42 -14.47 71.84
N LYS E 173 9.37 -15.10 72.37
CA LYS E 173 9.36 -16.55 72.58
C LYS E 173 9.62 -17.34 71.30
N GLY E 174 9.16 -16.82 70.17
CA GLY E 174 9.37 -17.51 68.90
C GLY E 174 10.23 -16.75 67.90
N LYS E 175 11.09 -15.87 68.40
CA LYS E 175 11.97 -15.07 67.56
C LYS E 175 12.72 -15.92 66.53
N GLU E 176 13.25 -17.06 66.98
CA GLU E 176 14.00 -17.96 66.12
C GLU E 176 13.28 -18.29 64.79
N THR E 177 11.97 -18.17 64.77
CA THR E 177 11.19 -18.47 63.56
C THR E 177 10.32 -17.30 63.09
N LEU E 178 9.73 -16.58 64.03
CA LEU E 178 8.87 -15.45 63.69
C LEU E 178 9.64 -14.32 63.03
N LEU E 179 10.81 -14.01 63.58
CA LEU E 179 11.60 -12.93 63.04
C LEU E 179 12.46 -13.27 61.80
N HIS E 180 12.54 -14.55 61.44
CA HIS E 180 13.32 -14.96 60.28
C HIS E 180 12.52 -14.89 58.96
N LEU E 181 13.01 -14.13 57.99
CA LEU E 181 12.33 -14.04 56.71
C LEU E 181 12.88 -15.13 55.81
N GLU E 182 12.00 -15.96 55.26
CA GLU E 182 12.44 -17.04 54.40
C GLU E 182 12.17 -16.69 52.94
N PRO E 183 13.21 -16.31 52.18
CA PRO E 183 13.08 -15.96 50.76
C PRO E 183 12.68 -17.14 49.91
N PRO E 184 12.02 -16.89 48.76
CA PRO E 184 11.59 -17.97 47.88
C PRO E 184 12.64 -18.58 46.98
N LYS E 185 12.50 -19.87 46.72
CA LYS E 185 13.40 -20.57 45.82
C LYS E 185 12.64 -20.40 44.51
N THR E 186 13.29 -19.82 43.52
CA THR E 186 12.62 -19.59 42.25
C THR E 186 13.19 -20.32 41.03
N HIS E 187 12.29 -20.70 40.14
CA HIS E 187 12.65 -21.37 38.90
C HIS E 187 11.55 -21.27 37.86
N VAL E 188 11.94 -21.18 36.60
CA VAL E 188 10.98 -21.09 35.51
C VAL E 188 10.85 -22.43 34.79
N THR E 189 9.63 -22.76 34.38
CA THR E 189 9.41 -24.02 33.66
C THR E 189 8.71 -23.75 32.34
N HIS E 190 9.14 -24.48 31.31
CA HIS E 190 8.58 -24.34 29.97
C HIS E 190 7.59 -25.49 29.71
N HIS E 191 6.39 -25.14 29.25
CA HIS E 191 5.36 -26.14 28.97
C HIS E 191 4.76 -25.91 27.57
N PRO E 192 5.13 -26.75 26.60
CA PRO E 192 4.59 -26.58 25.24
C PRO E 192 3.14 -27.04 25.07
N ILE E 193 2.29 -26.15 24.54
CA ILE E 193 0.88 -26.49 24.32
C ILE E 193 0.71 -26.86 22.85
N SER E 194 1.11 -25.93 21.98
CA SER E 194 1.02 -26.14 20.54
C SER E 194 2.37 -25.77 19.93
N ASP E 195 2.52 -26.02 18.63
CA ASP E 195 3.76 -25.71 17.94
C ASP E 195 3.97 -24.21 17.87
N HIS E 196 2.90 -23.47 18.19
CA HIS E 196 2.93 -22.02 18.12
C HIS E 196 2.81 -21.36 19.48
N GLU E 197 2.79 -22.16 20.55
CA GLU E 197 2.66 -21.59 21.88
C GLU E 197 3.19 -22.51 22.99
N ALA E 198 3.35 -21.91 24.17
CA ALA E 198 3.83 -22.62 25.34
C ALA E 198 3.54 -21.81 26.58
N THR E 199 3.53 -22.49 27.72
CA THR E 199 3.30 -21.85 29.00
C THR E 199 4.63 -21.69 29.74
N LEU E 200 4.81 -20.55 30.38
CA LEU E 200 5.99 -20.29 31.17
C LEU E 200 5.48 -20.07 32.60
N ARG E 201 5.70 -21.07 33.45
CA ARG E 201 5.25 -20.98 34.82
C ARG E 201 6.39 -20.59 35.74
N CYS E 202 6.30 -19.38 36.29
CA CYS E 202 7.31 -18.86 37.20
C CYS E 202 6.99 -19.32 38.62
N TRP E 203 7.89 -20.08 39.24
CA TRP E 203 7.66 -20.59 40.59
C TRP E 203 8.34 -19.82 41.73
N ALA E 204 7.69 -19.87 42.89
CA ALA E 204 8.20 -19.24 44.10
C ALA E 204 7.87 -20.25 45.19
N LEU E 205 8.90 -20.90 45.74
CA LEU E 205 8.67 -21.93 46.75
C LEU E 205 9.32 -21.74 48.12
N GLY E 206 8.65 -22.22 49.16
CA GLY E 206 9.14 -22.16 50.52
C GLY E 206 9.43 -20.79 51.13
N PHE E 207 8.58 -19.80 50.87
CA PHE E 207 8.85 -18.51 51.46
C PHE E 207 8.03 -18.22 52.72
N TYR E 208 8.40 -17.12 53.36
CA TYR E 208 7.71 -16.65 54.55
C TYR E 208 8.21 -15.27 54.91
N PRO E 209 7.29 -14.34 55.19
CA PRO E 209 5.82 -14.46 55.20
C PRO E 209 5.18 -14.73 53.85
N ALA E 210 3.85 -14.80 53.83
CA ALA E 210 3.09 -15.09 52.62
C ALA E 210 3.04 -13.99 51.57
N GLU E 211 3.05 -12.72 51.99
CA GLU E 211 3.00 -11.60 51.04
C GLU E 211 4.15 -11.77 50.06
N ILE E 212 3.80 -11.75 48.77
CA ILE E 212 4.78 -11.88 47.69
C ILE E 212 4.18 -11.31 46.40
N THR E 213 5.04 -11.01 45.43
CA THR E 213 4.58 -10.43 44.18
C THR E 213 5.31 -11.04 42.99
N LEU E 214 4.56 -11.64 42.07
CA LEU E 214 5.10 -12.28 40.88
C LEU E 214 4.51 -11.60 39.65
N THR E 215 5.35 -11.08 38.77
CA THR E 215 4.80 -10.44 37.59
C THR E 215 5.57 -10.83 36.35
N TRP E 216 4.95 -10.65 35.20
CA TRP E 216 5.59 -10.97 33.93
C TRP E 216 5.68 -9.70 33.10
N GLN E 217 6.82 -9.53 32.44
CA GLN E 217 7.06 -8.37 31.59
C GLN E 217 7.57 -8.87 30.25
N GLN E 218 7.18 -8.17 29.20
CA GLN E 218 7.60 -8.51 27.84
C GLN E 218 8.54 -7.43 27.35
N ASP E 219 9.81 -7.79 27.18
CA ASP E 219 10.82 -6.83 26.72
C ASP E 219 10.92 -5.68 27.72
N GLY E 220 10.49 -5.94 28.95
CA GLY E 220 10.53 -4.91 29.97
C GLY E 220 9.34 -3.98 29.91
N THR E 227 -2.19 -15.53 31.40
CA THR E 227 -1.50 -14.98 32.55
C THR E 227 -2.13 -15.46 33.85
N GLU E 228 -2.45 -16.76 33.91
CA GLU E 228 -3.04 -17.34 35.10
C GLU E 228 -2.13 -17.16 36.32
N LEU E 229 -2.70 -16.66 37.41
CA LEU E 229 -1.98 -16.42 38.65
C LEU E 229 -2.69 -17.05 39.86
N VAL E 230 -2.34 -18.28 40.22
CA VAL E 230 -2.97 -18.96 41.35
C VAL E 230 -2.83 -18.23 42.69
N GLU E 231 -3.72 -18.58 43.61
CA GLU E 231 -3.77 -18.00 44.94
C GLU E 231 -2.57 -18.53 45.76
N THR E 232 -1.93 -17.67 46.55
CA THR E 232 -0.82 -18.09 47.39
C THR E 232 -1.28 -19.22 48.30
N ARG E 233 -0.56 -20.35 48.29
CA ARG E 233 -0.94 -21.52 49.10
C ARG E 233 0.13 -21.98 50.11
N PRO E 234 -0.31 -22.66 51.20
CA PRO E 234 0.60 -23.15 52.23
C PRO E 234 1.25 -24.50 51.88
N ALA E 235 2.57 -24.57 52.01
CA ALA E 235 3.30 -25.79 51.69
C ALA E 235 2.96 -26.89 52.69
N GLY E 236 2.64 -26.48 53.91
CA GLY E 236 2.31 -27.43 54.95
C GLY E 236 3.37 -27.52 56.02
N ASP E 237 4.47 -26.80 55.83
CA ASP E 237 5.59 -26.80 56.76
C ASP E 237 5.91 -25.40 57.27
N GLY E 238 4.90 -24.54 57.29
CA GLY E 238 5.07 -23.18 57.76
C GLY E 238 5.40 -22.21 56.65
N THR E 239 5.79 -22.71 55.48
CA THR E 239 6.13 -21.81 54.39
C THR E 239 5.03 -21.75 53.35
N PHE E 240 5.22 -20.91 52.33
CA PHE E 240 4.23 -20.75 51.29
C PHE E 240 4.81 -20.92 49.88
N GLN E 241 3.93 -21.19 48.92
CA GLN E 241 4.35 -21.36 47.54
C GLN E 241 3.29 -20.80 46.58
N LYS E 242 3.75 -20.13 45.53
CA LYS E 242 2.86 -19.51 44.55
C LYS E 242 3.51 -19.53 43.16
N TRP E 243 2.74 -19.26 42.11
CA TRP E 243 3.27 -19.19 40.75
C TRP E 243 2.38 -18.35 39.83
N ALA E 244 3.01 -17.78 38.80
CA ALA E 244 2.30 -16.98 37.83
C ALA E 244 2.74 -17.57 36.51
N ALA E 245 1.80 -17.79 35.60
CA ALA E 245 2.13 -18.35 34.29
C ALA E 245 1.81 -17.34 33.20
N VAL E 246 2.40 -17.55 32.02
CA VAL E 246 2.18 -16.69 30.87
C VAL E 246 2.28 -17.56 29.62
N VAL E 247 1.37 -17.35 28.69
CA VAL E 247 1.35 -18.12 27.45
C VAL E 247 2.12 -17.34 26.40
N VAL E 248 3.15 -17.98 25.86
CA VAL E 248 4.04 -17.33 24.91
C VAL E 248 4.20 -18.03 23.58
N PRO E 249 4.43 -17.25 22.51
CA PRO E 249 4.61 -17.84 21.17
C PRO E 249 6.01 -18.45 21.14
N SER E 250 6.06 -19.76 20.91
CA SER E 250 7.35 -20.46 20.88
C SER E 250 8.28 -19.56 20.07
N GLY E 251 9.53 -19.54 20.47
CA GLY E 251 10.50 -18.70 19.84
C GLY E 251 10.64 -17.27 20.30
N GLU E 252 10.12 -16.97 21.47
CA GLU E 252 9.91 -15.60 21.90
C GLU E 252 10.07 -15.59 23.40
N GLU E 253 10.49 -16.73 23.91
CA GLU E 253 10.66 -16.89 25.33
C GLU E 253 11.58 -16.01 26.15
N GLN E 254 12.64 -15.50 25.53
CA GLN E 254 13.57 -14.55 26.14
C GLN E 254 13.04 -13.12 26.24
N ARG E 255 11.88 -12.87 25.66
CA ARG E 255 11.27 -11.54 25.73
C ARG E 255 10.32 -11.54 26.93
N TYR E 256 10.55 -12.50 27.83
CA TYR E 256 9.71 -12.63 29.02
C TYR E 256 10.52 -12.78 30.29
N THR E 257 10.25 -11.88 31.22
CA THR E 257 10.93 -11.84 32.51
C THR E 257 9.92 -11.78 33.66
N CYS E 258 10.16 -12.62 34.67
CA CYS E 258 9.33 -12.74 35.86
C CYS E 258 9.89 -11.86 36.98
N HIS E 259 9.07 -11.00 37.57
CA HIS E 259 9.56 -10.14 38.65
C HIS E 259 9.12 -10.61 40.03
N VAL E 260 10.07 -11.14 40.80
CA VAL E 260 9.75 -11.62 42.14
C VAL E 260 10.16 -10.62 43.23
N GLN E 261 9.18 -10.19 44.03
CA GLN E 261 9.42 -9.25 45.14
C GLN E 261 8.94 -9.86 46.44
N HIS E 262 9.82 -9.92 47.44
CA HIS E 262 9.45 -10.51 48.73
C HIS E 262 10.31 -9.90 49.83
N GLU E 263 9.75 -9.82 51.04
CA GLU E 263 10.46 -9.24 52.19
C GLU E 263 11.79 -9.91 52.54
N GLY E 264 11.95 -11.17 52.13
CA GLY E 264 13.17 -11.90 52.44
C GLY E 264 14.30 -11.80 51.42
N LEU E 265 14.01 -11.25 50.25
CA LEU E 265 15.02 -11.09 49.21
C LEU E 265 15.73 -9.76 49.37
N PRO E 266 17.07 -9.80 49.50
CA PRO E 266 17.85 -8.58 49.66
C PRO E 266 17.57 -7.61 48.52
N GLU E 267 17.02 -8.15 47.45
CA GLU E 267 16.66 -7.36 46.29
C GLU E 267 15.83 -8.19 45.34
N PRO E 268 14.78 -7.61 44.75
CA PRO E 268 13.92 -8.33 43.82
C PRO E 268 14.72 -9.12 42.77
N VAL E 269 14.24 -10.32 42.45
CA VAL E 269 14.86 -11.23 41.51
C VAL E 269 14.15 -11.27 40.17
N THR E 270 14.90 -11.61 39.13
CA THR E 270 14.31 -11.72 37.81
C THR E 270 14.84 -13.01 37.21
N LEU E 271 13.91 -13.90 36.83
CA LEU E 271 14.23 -15.17 36.21
C LEU E 271 14.01 -14.93 34.72
N ARG E 272 14.28 -15.96 33.91
CA ARG E 272 14.10 -15.81 32.46
C ARG E 272 13.56 -17.21 32.25
N TRP E 273 14.43 -18.21 32.46
CA TRP E 273 14.45 -19.56 31.87
C TRP E 273 15.59 -19.73 30.87
N MET F 1 -28.20 -15.22 53.91
CA MET F 1 -27.16 -16.27 54.01
C MET F 1 -26.52 -16.49 52.64
N ILE F 2 -25.25 -16.14 52.54
CA ILE F 2 -24.52 -16.29 51.30
C ILE F 2 -23.78 -17.61 51.32
N GLN F 3 -23.63 -18.21 50.16
CA GLN F 3 -22.92 -19.48 50.02
C GLN F 3 -21.81 -19.28 49.02
N ARG F 4 -20.61 -19.73 49.38
CA ARG F 4 -19.47 -19.60 48.46
C ARG F 4 -18.86 -20.95 48.11
N THR F 5 -18.57 -21.13 46.84
CA THR F 5 -17.98 -22.37 46.33
C THR F 5 -16.51 -22.44 46.71
N PRO F 6 -16.05 -23.62 47.16
CA PRO F 6 -14.65 -23.73 47.53
C PRO F 6 -13.70 -23.72 46.33
N LYS F 7 -12.57 -23.04 46.52
CA LYS F 7 -11.54 -23.00 45.50
C LYS F 7 -10.67 -24.19 45.89
N ILE F 8 -10.05 -24.82 44.91
CA ILE F 8 -9.27 -26.01 45.19
C ILE F 8 -7.94 -26.05 44.47
N GLN F 9 -6.89 -26.46 45.20
CA GLN F 9 -5.56 -26.60 44.65
C GLN F 9 -4.96 -27.91 45.16
N VAL F 10 -4.47 -28.74 44.24
CA VAL F 10 -3.83 -30.00 44.62
C VAL F 10 -2.35 -29.88 44.23
N TYR F 11 -1.47 -30.16 45.19
CA TYR F 11 -0.03 -30.04 44.96
C TYR F 11 0.81 -30.76 46.01
N SER F 12 2.11 -30.83 45.76
CA SER F 12 3.05 -31.47 46.68
C SER F 12 3.80 -30.45 47.51
N ARG F 13 4.15 -30.84 48.74
CA ARG F 13 4.87 -29.95 49.64
C ARG F 13 6.22 -29.57 49.04
N HIS F 14 6.90 -30.60 48.61
CA HIS F 14 8.16 -30.51 47.98
C HIS F 14 7.98 -30.96 46.56
N PRO F 15 8.97 -30.69 45.76
CA PRO F 15 8.91 -31.06 44.37
C PRO F 15 8.97 -32.53 44.16
N ALA F 16 7.89 -33.00 43.57
CA ALA F 16 7.73 -34.17 42.91
C ALA F 16 9.01 -34.67 42.31
N GLU F 17 9.49 -35.73 42.94
CA GLU F 17 10.64 -36.50 42.60
C GLU F 17 10.39 -37.96 42.73
N ASN F 18 9.83 -38.54 41.73
CA ASN F 18 9.47 -39.95 41.79
C ASN F 18 10.39 -40.75 42.70
N GLY F 19 9.80 -41.56 43.58
CA GLY F 19 10.57 -42.36 44.50
C GLY F 19 10.83 -41.65 45.82
N LYS F 20 10.89 -40.33 45.78
CA LYS F 20 11.14 -39.56 47.00
C LYS F 20 9.86 -39.27 47.77
N SER F 21 9.90 -39.52 49.08
CA SER F 21 8.76 -39.26 49.94
C SER F 21 8.47 -37.77 49.84
N ASN F 22 7.20 -37.42 49.99
CA ASN F 22 6.76 -36.04 49.90
C ASN F 22 5.44 -35.99 50.65
N PHE F 23 4.77 -34.85 50.57
CA PHE F 23 3.49 -34.69 51.23
C PHE F 23 2.47 -34.17 50.22
N LEU F 24 1.35 -34.88 50.13
CA LEU F 24 0.27 -34.53 49.22
C LEU F 24 -0.63 -33.48 49.88
N ASN F 25 -0.95 -32.42 49.14
CA ASN F 25 -1.77 -31.35 49.67
C ASN F 25 -2.99 -30.97 48.86
N CYS F 26 -4.09 -30.70 49.59
CA CYS F 26 -5.30 -30.22 48.97
C CYS F 26 -5.70 -29.03 49.83
N TYR F 27 -5.66 -27.85 49.23
CA TYR F 27 -6.02 -26.62 49.94
C TYR F 27 -7.37 -26.12 49.43
N VAL F 28 -8.35 -26.08 50.34
CA VAL F 28 -9.68 -25.59 49.99
C VAL F 28 -9.87 -24.25 50.68
N SER F 29 -10.21 -23.23 49.91
CA SER F 29 -10.42 -21.91 50.46
C SER F 29 -11.57 -21.15 49.80
N GLY F 30 -11.95 -20.04 50.42
CA GLY F 30 -13.02 -19.20 49.91
C GLY F 30 -14.41 -19.79 49.98
N PHE F 31 -14.61 -20.82 50.79
CA PHE F 31 -15.92 -21.44 50.90
C PHE F 31 -16.75 -21.01 52.13
N HIS F 32 -18.06 -21.19 52.05
CA HIS F 32 -18.98 -20.83 53.14
C HIS F 32 -20.31 -21.51 52.85
N PRO F 33 -20.89 -22.20 53.84
CA PRO F 33 -20.44 -22.42 55.21
C PRO F 33 -19.30 -23.44 55.34
N SER F 34 -18.73 -23.51 56.55
CA SER F 34 -17.61 -24.38 56.88
C SER F 34 -17.75 -25.89 56.65
N ASP F 35 -18.95 -26.45 56.73
CA ASP F 35 -19.03 -27.88 56.49
C ASP F 35 -18.34 -28.18 55.17
N ILE F 36 -17.62 -29.27 55.11
CA ILE F 36 -16.94 -29.64 53.88
C ILE F 36 -16.24 -30.98 54.04
N GLU F 37 -16.25 -31.80 52.99
CA GLU F 37 -15.62 -33.11 53.00
C GLU F 37 -14.49 -33.19 51.98
N VAL F 38 -13.29 -33.46 52.45
CA VAL F 38 -12.15 -33.54 51.56
C VAL F 38 -11.41 -34.87 51.69
N ASP F 39 -11.21 -35.53 50.56
CA ASP F 39 -10.53 -36.82 50.52
C ASP F 39 -9.44 -36.85 49.47
N LEU F 40 -8.27 -37.35 49.86
CA LEU F 40 -7.14 -37.46 48.93
C LEU F 40 -7.21 -38.86 48.35
N LEU F 41 -7.03 -38.97 47.04
CA LEU F 41 -7.12 -40.28 46.40
C LEU F 41 -5.86 -40.76 45.69
N LYS F 42 -5.73 -42.09 45.59
CA LYS F 42 -4.61 -42.74 44.92
C LYS F 42 -5.22 -43.81 44.02
N ASN F 43 -5.07 -43.65 42.71
CA ASN F 43 -5.65 -44.61 41.79
C ASN F 43 -7.13 -44.49 41.94
N GLY F 44 -7.45 -43.72 42.89
CA GLY F 44 -8.85 -43.35 42.91
C GLY F 44 -9.33 -43.69 44.28
N GLU F 45 -8.64 -44.68 44.79
CA GLU F 45 -8.86 -45.22 46.06
C GLU F 45 -8.89 -44.11 47.12
N ARG F 46 -9.44 -44.40 48.30
CA ARG F 46 -9.53 -43.41 49.37
C ARG F 46 -8.40 -43.52 50.40
N ILE F 47 -7.36 -42.73 50.21
CA ILE F 47 -6.21 -42.71 51.12
C ILE F 47 -6.66 -42.38 52.54
N GLU F 48 -6.67 -43.36 53.43
CA GLU F 48 -7.07 -43.12 54.81
C GLU F 48 -5.94 -42.46 55.58
N LYS F 49 -6.25 -41.88 56.72
CA LYS F 49 -5.26 -41.20 57.56
C LYS F 49 -4.84 -39.84 56.97
N VAL F 50 -5.82 -38.96 56.78
CA VAL F 50 -5.59 -37.61 56.26
C VAL F 50 -5.66 -36.62 57.40
N GLU F 51 -4.71 -35.69 57.46
CA GLU F 51 -4.68 -34.69 58.51
C GLU F 51 -4.95 -33.30 57.96
N HIS F 52 -5.84 -32.56 58.63
CA HIS F 52 -6.17 -31.22 58.20
C HIS F 52 -5.90 -30.17 59.27
N SER F 53 -5.62 -28.95 58.82
CA SER F 53 -5.35 -27.78 59.67
C SER F 53 -6.62 -27.31 60.39
N ASP F 54 -6.45 -26.58 61.48
CA ASP F 54 -7.60 -26.06 62.23
C ASP F 54 -8.42 -25.08 61.38
N LEU F 55 -9.74 -25.22 61.40
CA LEU F 55 -10.58 -24.34 60.60
C LEU F 55 -10.30 -22.87 60.89
N SER F 56 -10.16 -22.09 59.84
CA SER F 56 -9.90 -20.66 59.98
C SER F 56 -10.61 -19.92 58.82
N PHE F 57 -10.53 -18.60 58.81
CA PHE F 57 -11.15 -17.85 57.74
C PHE F 57 -10.43 -16.56 57.51
N SER F 58 -10.66 -15.94 56.36
CA SER F 58 -10.00 -14.70 56.02
C SER F 58 -10.91 -13.50 56.20
N LYS F 59 -10.41 -12.31 55.92
CA LYS F 59 -11.20 -11.10 56.13
C LYS F 59 -12.52 -10.95 55.38
N ASP F 60 -12.81 -11.88 54.47
CA ASP F 60 -14.07 -11.83 53.74
C ASP F 60 -15.00 -12.91 54.33
N TRP F 61 -14.57 -13.45 55.47
CA TRP F 61 -15.30 -14.47 56.22
C TRP F 61 -15.26 -15.87 55.63
N SER F 62 -14.70 -16.05 54.43
CA SER F 62 -14.66 -17.39 53.86
C SER F 62 -13.58 -18.22 54.58
N PHE F 63 -13.88 -19.50 54.79
CA PHE F 63 -13.00 -20.44 55.46
C PHE F 63 -11.93 -21.02 54.52
N TYR F 64 -10.88 -21.57 55.12
CA TYR F 64 -9.84 -22.23 54.36
C TYR F 64 -9.24 -23.34 55.18
N LEU F 65 -8.95 -24.46 54.54
CA LEU F 65 -8.38 -25.62 55.22
C LEU F 65 -7.31 -26.29 54.38
N LEU F 66 -6.35 -26.86 55.10
CA LEU F 66 -5.26 -27.58 54.46
C LEU F 66 -5.33 -29.08 54.74
N TYR F 67 -5.57 -29.87 53.72
CA TYR F 67 -5.62 -31.32 53.89
C TYR F 67 -4.32 -31.90 53.35
N TYR F 68 -3.68 -32.79 54.12
CA TYR F 68 -2.43 -33.38 53.68
C TYR F 68 -2.16 -34.78 54.20
N THR F 69 -1.39 -35.53 53.43
CA THR F 69 -1.03 -36.89 53.78
C THR F 69 0.34 -37.21 53.19
N GLU F 70 1.03 -38.16 53.80
CA GLU F 70 2.34 -38.56 53.32
C GLU F 70 2.15 -39.47 52.11
N PHE F 71 2.91 -39.24 51.05
CA PHE F 71 2.80 -40.10 49.86
C PHE F 71 4.12 -40.24 49.10
N THR F 72 4.17 -41.24 48.24
CA THR F 72 5.36 -41.51 47.42
C THR F 72 4.96 -41.47 45.95
N PRO F 73 5.33 -40.40 45.23
CA PRO F 73 5.00 -40.25 43.81
C PRO F 73 5.70 -41.24 42.86
N THR F 74 4.92 -42.11 42.22
CA THR F 74 5.44 -43.11 41.28
C THR F 74 4.86 -42.82 39.90
N GLU F 75 5.72 -42.78 38.88
CA GLU F 75 5.29 -42.48 37.50
C GLU F 75 3.96 -43.13 37.08
N LYS F 76 3.77 -44.29 37.59
CA LYS F 76 2.68 -45.07 37.21
C LYS F 76 1.46 -44.63 37.93
N ASP F 77 1.70 -44.15 39.09
CA ASP F 77 0.64 -43.90 40.10
C ASP F 77 -0.22 -42.58 40.02
N GLU F 78 -1.62 -42.51 40.32
CA GLU F 78 -2.28 -41.23 40.08
C GLU F 78 -2.90 -40.68 41.38
N TYR F 79 -2.93 -39.35 41.51
CA TYR F 79 -3.47 -38.71 42.71
C TYR F 79 -4.49 -37.61 42.42
N ALA F 80 -5.40 -37.39 43.35
CA ALA F 80 -6.43 -36.35 43.18
C ALA F 80 -7.10 -35.97 44.48
N CYS F 81 -7.85 -34.87 44.44
CA CYS F 81 -8.57 -34.38 45.60
C CYS F 81 -10.06 -34.38 45.29
N ARG F 82 -10.84 -35.03 46.15
CA ARG F 82 -12.28 -35.08 45.98
C ARG F 82 -12.93 -34.19 47.03
N VAL F 83 -13.63 -33.16 46.59
CA VAL F 83 -14.26 -32.23 47.51
C VAL F 83 -15.78 -32.18 47.41
N ASN F 84 -16.43 -32.22 48.56
CA ASN F 84 -17.87 -32.16 48.60
C ASN F 84 -18.31 -30.98 49.47
N HIS F 85 -19.21 -30.17 48.95
CA HIS F 85 -19.69 -28.99 49.65
C HIS F 85 -21.12 -28.71 49.20
N VAL F 86 -21.94 -28.13 50.08
CA VAL F 86 -23.33 -27.85 49.73
C VAL F 86 -23.49 -27.11 48.39
N THR F 87 -22.50 -26.30 48.05
CA THR F 87 -22.58 -25.55 46.82
C THR F 87 -22.25 -26.37 45.59
N LEU F 88 -21.93 -27.65 45.77
CA LEU F 88 -21.59 -28.51 44.63
C LEU F 88 -22.67 -29.53 44.33
N SER F 89 -23.16 -29.54 43.09
CA SER F 89 -24.20 -30.48 42.70
C SER F 89 -23.77 -31.92 42.87
N GLN F 90 -22.46 -32.14 42.76
CA GLN F 90 -21.86 -33.46 42.92
C GLN F 90 -20.38 -33.27 43.28
N PRO F 91 -19.81 -34.21 44.03
CA PRO F 91 -18.40 -34.08 44.42
C PRO F 91 -17.53 -33.70 43.23
N LYS F 92 -16.63 -32.74 43.48
CA LYS F 92 -15.72 -32.25 42.47
C LYS F 92 -14.35 -32.87 42.66
N ILE F 93 -13.84 -33.50 41.60
CA ILE F 93 -12.54 -34.13 41.65
C ILE F 93 -11.53 -33.37 40.80
N VAL F 94 -10.41 -33.03 41.41
CA VAL F 94 -9.33 -32.32 40.72
C VAL F 94 -8.10 -33.20 40.94
N LYS F 95 -7.55 -33.77 39.87
CA LYS F 95 -6.39 -34.64 40.00
C LYS F 95 -5.05 -33.90 40.08
N TRP F 96 -4.09 -34.51 40.76
CA TRP F 96 -2.77 -33.94 40.97
C TRP F 96 -1.84 -33.85 39.75
N ASP F 97 -1.43 -32.63 39.42
CA ASP F 97 -0.54 -32.36 38.30
C ASP F 97 0.75 -31.81 38.90
N ARG F 98 1.83 -32.59 38.82
CA ARG F 98 3.10 -32.17 39.39
C ARG F 98 3.64 -30.85 38.83
N ASP F 99 3.12 -30.43 37.68
CA ASP F 99 3.54 -29.18 37.03
C ASP F 99 2.72 -27.96 37.47
N MET F 100 1.93 -28.11 38.53
CA MET F 100 1.12 -27.00 39.00
C MET F 100 0.98 -26.90 40.52
N SER G 1 -6.48 -11.14 20.97
CA SER G 1 -7.28 -11.17 19.71
C SER G 1 -7.31 -9.75 19.13
N HIS G 2 -7.04 -9.63 17.85
CA HIS G 2 -7.02 -8.33 17.20
C HIS G 2 -7.50 -8.35 15.74
N SER G 3 -7.72 -7.16 15.20
CA SER G 3 -8.22 -7.07 13.85
C SER G 3 -7.89 -5.78 13.10
N LEU G 4 -7.88 -5.91 11.77
CA LEU G 4 -7.62 -4.80 10.90
C LEU G 4 -8.69 -4.82 9.82
N LYS G 5 -9.47 -3.75 9.71
CA LYS G 5 -10.50 -3.71 8.68
C LYS G 5 -10.75 -2.34 8.07
N TYR G 6 -11.08 -2.35 6.79
CA TYR G 6 -11.38 -1.12 6.10
C TYR G 6 -12.87 -1.05 5.80
N PHE G 7 -13.37 0.17 5.67
CA PHE G 7 -14.77 0.37 5.36
C PHE G 7 -14.85 1.39 4.22
N HIS G 8 -15.22 0.91 3.04
CA HIS G 8 -15.31 1.71 1.83
C HIS G 8 -16.75 1.98 1.40
N THR G 9 -17.06 3.26 1.26
CA THR G 9 -18.39 3.68 0.87
C THR G 9 -18.34 4.58 -0.35
N SER G 10 -19.16 4.24 -1.34
CA SER G 10 -19.25 5.00 -2.58
C SER G 10 -20.73 5.36 -2.82
N VAL G 11 -21.01 6.65 -2.94
CA VAL G 11 -22.37 7.15 -3.13
C VAL G 11 -22.50 7.97 -4.40
N SER G 12 -23.25 7.45 -5.37
CA SER G 12 -23.45 8.15 -6.62
C SER G 12 -24.31 9.39 -6.42
N ARG G 13 -23.91 10.49 -7.08
CA ARG G 13 -24.59 11.79 -7.01
C ARG G 13 -24.95 12.13 -8.43
N PRO G 14 -26.21 11.89 -8.85
CA PRO G 14 -26.63 12.19 -10.21
C PRO G 14 -26.35 13.62 -10.70
N GLY G 15 -26.67 14.61 -9.88
CA GLY G 15 -26.43 15.97 -10.30
C GLY G 15 -25.02 16.50 -10.09
N ARG G 16 -24.20 15.77 -9.35
CA ARG G 16 -22.84 16.20 -9.07
C ARG G 16 -21.89 15.56 -10.06
N GLY G 17 -22.44 14.70 -10.91
CA GLY G 17 -21.65 14.04 -11.93
C GLY G 17 -20.66 12.96 -11.51
N GLU G 18 -20.02 13.12 -10.37
CA GLU G 18 -19.06 12.13 -9.91
C GLU G 18 -19.44 11.67 -8.50
N PRO G 19 -19.44 10.35 -8.28
CA PRO G 19 -19.78 9.80 -6.97
C PRO G 19 -18.75 10.05 -5.88
N ARG G 20 -19.22 10.08 -4.64
CA ARG G 20 -18.39 10.29 -3.46
C ARG G 20 -17.69 8.95 -3.12
N PHE G 21 -16.53 9.00 -2.48
CA PHE G 21 -15.85 7.77 -2.07
C PHE G 21 -15.09 8.02 -0.78
N ILE G 22 -15.40 7.22 0.24
CA ILE G 22 -14.75 7.35 1.54
C ILE G 22 -14.21 5.99 2.01
N SER G 23 -13.11 6.01 2.74
CA SER G 23 -12.51 4.80 3.25
C SER G 23 -12.00 5.10 4.65
N VAL G 24 -12.19 4.16 5.56
CA VAL G 24 -11.66 4.33 6.90
C VAL G 24 -11.08 3.00 7.32
N GLY G 25 -9.98 3.06 8.07
CA GLY G 25 -9.32 1.87 8.54
C GLY G 25 -9.34 1.85 10.04
N TYR G 26 -9.49 0.67 10.61
CA TYR G 26 -9.52 0.53 12.05
C TYR G 26 -8.63 -0.64 12.48
N VAL G 27 -7.99 -0.47 13.64
CA VAL G 27 -7.17 -1.49 14.23
C VAL G 27 -7.99 -1.69 15.49
N ASP G 28 -8.71 -2.80 15.56
CA ASP G 28 -9.58 -3.11 16.69
C ASP G 28 -10.68 -2.05 16.71
N ASP G 29 -10.76 -1.31 17.79
CA ASP G 29 -11.74 -0.25 17.88
C ASP G 29 -11.08 1.11 17.78
N THR G 30 -9.94 1.20 17.08
CA THR G 30 -9.25 2.48 16.90
C THR G 30 -9.07 2.83 15.44
N GLN G 31 -9.65 3.94 15.01
CA GLN G 31 -9.50 4.35 13.62
C GLN G 31 -8.08 4.92 13.43
N PHE G 32 -7.38 4.51 12.38
CA PHE G 32 -6.03 5.01 12.17
C PHE G 32 -5.78 5.68 10.83
N VAL G 33 -6.73 5.59 9.90
CA VAL G 33 -6.58 6.22 8.59
C VAL G 33 -7.93 6.49 7.96
N ARG G 34 -7.94 7.32 6.92
CA ARG G 34 -9.15 7.68 6.20
C ARG G 34 -8.78 8.32 4.85
N PHE G 35 -9.69 8.20 3.87
CA PHE G 35 -9.52 8.77 2.55
C PHE G 35 -10.87 9.34 2.10
N ASP G 36 -10.85 10.51 1.46
CA ASP G 36 -12.07 11.18 0.96
C ASP G 36 -11.85 11.89 -0.38
N ASN G 37 -12.37 11.34 -1.47
CA ASN G 37 -12.16 11.95 -2.78
C ASN G 37 -12.75 13.36 -2.87
N ASP G 38 -13.46 13.78 -1.83
CA ASP G 38 -14.08 15.09 -1.81
C ASP G 38 -13.16 16.12 -1.17
N ALA G 39 -12.30 15.65 -0.28
CA ALA G 39 -11.36 16.50 0.45
C ALA G 39 -10.46 17.33 -0.46
N ALA G 40 -9.85 18.39 0.05
CA ALA G 40 -8.97 19.20 -0.76
C ALA G 40 -7.80 18.33 -1.19
N SER G 41 -7.32 17.56 -0.20
CA SER G 41 -6.28 16.52 -0.31
C SER G 41 -7.04 15.27 -0.72
N PRO G 42 -7.02 14.92 -1.99
CA PRO G 42 -7.48 13.60 -2.44
C PRO G 42 -6.53 12.44 -2.21
N ARG G 43 -6.25 12.15 -0.95
CA ARG G 43 -5.44 10.99 -0.59
C ARG G 43 -5.57 10.43 0.83
N MET G 44 -4.96 9.27 1.05
CA MET G 44 -5.00 8.59 2.34
C MET G 44 -4.21 9.40 3.36
N VAL G 45 -4.81 9.67 4.52
CA VAL G 45 -4.15 10.45 5.56
C VAL G 45 -4.24 9.77 6.92
N PRO G 46 -3.33 10.09 7.84
CA PRO G 46 -3.31 9.51 9.18
C PRO G 46 -4.52 9.98 9.96
N ARG G 47 -4.86 9.29 11.05
CA ARG G 47 -6.01 9.64 11.88
C ARG G 47 -5.71 9.19 13.30
N ALA G 48 -4.52 8.64 13.47
CA ALA G 48 -4.07 8.19 14.78
C ALA G 48 -2.66 8.75 14.87
N PRO G 49 -2.26 9.24 16.04
CA PRO G 49 -0.92 9.81 16.22
C PRO G 49 0.19 8.89 15.69
N TRP G 50 0.12 7.63 16.11
CA TRP G 50 1.09 6.62 15.73
C TRP G 50 1.19 6.26 14.26
N MET G 51 0.54 7.05 13.40
CA MET G 51 0.64 6.77 11.96
C MET G 51 1.32 7.92 11.22
N GLU G 52 1.85 8.88 11.97
CA GLU G 52 2.50 10.06 11.42
C GLU G 52 3.92 9.85 10.89
N GLN G 53 4.64 8.92 11.52
CA GLN G 53 6.02 8.63 11.14
C GLN G 53 6.15 7.78 9.89
N GLU G 54 5.02 7.37 9.30
CA GLU G 54 5.09 6.58 8.08
C GLU G 54 5.74 7.41 6.99
N GLY G 55 6.30 6.75 5.99
CA GLY G 55 6.96 7.48 4.92
C GLY G 55 6.10 7.78 3.72
N SER G 56 6.45 8.87 3.03
CA SER G 56 5.71 9.27 1.84
C SER G 56 5.51 8.16 0.82
N GLU G 57 6.13 7.01 1.03
CA GLU G 57 5.96 5.91 0.09
C GLU G 57 4.66 5.16 0.41
N TYR G 58 4.45 4.92 1.71
CA TYR G 58 3.26 4.25 2.20
C TYR G 58 2.03 5.02 1.74
N TRP G 59 1.94 6.28 2.14
CA TRP G 59 0.84 7.14 1.77
C TRP G 59 0.66 7.19 0.25
N ASP G 60 1.76 7.21 -0.49
CA ASP G 60 1.64 7.22 -1.95
C ASP G 60 0.92 5.95 -2.37
N ARG G 61 1.29 4.86 -1.70
CA ARG G 61 0.78 3.52 -1.96
C ARG G 61 -0.71 3.34 -1.62
N GLU G 62 -1.11 3.84 -0.45
CA GLU G 62 -2.48 3.73 0.01
C GLU G 62 -3.38 4.65 -0.80
N THR G 63 -2.85 5.79 -1.18
CA THR G 63 -3.61 6.73 -1.97
C THR G 63 -3.93 6.09 -3.31
N ARG G 64 -2.97 5.34 -3.85
CA ARG G 64 -3.18 4.70 -5.14
C ARG G 64 -4.30 3.68 -5.02
N SER G 65 -4.27 2.90 -3.93
CA SER G 65 -5.28 1.87 -3.69
C SER G 65 -6.66 2.49 -3.56
N ALA G 66 -6.80 3.48 -2.70
CA ALA G 66 -8.09 4.13 -2.50
C ALA G 66 -8.64 4.70 -3.81
N ARG G 67 -7.78 5.30 -4.62
CA ARG G 67 -8.21 5.88 -5.89
C ARG G 67 -8.64 4.86 -6.89
N ASP G 68 -7.91 3.75 -6.99
CA ASP G 68 -8.26 2.72 -7.95
C ASP G 68 -9.59 2.13 -7.53
N THR G 69 -9.74 1.90 -6.23
CA THR G 69 -11.00 1.38 -5.72
C THR G 69 -12.12 2.35 -6.12
N ALA G 70 -11.93 3.66 -5.85
CA ALA G 70 -12.94 4.67 -6.19
C ALA G 70 -13.33 4.65 -7.66
N GLN G 71 -12.35 4.45 -8.53
CA GLN G 71 -12.59 4.39 -9.96
C GLN G 71 -13.39 3.16 -10.33
N ILE G 72 -13.04 2.01 -9.76
CA ILE G 72 -13.78 0.77 -10.05
C ILE G 72 -15.22 0.91 -9.55
N PHE G 73 -15.37 1.40 -8.33
CA PHE G 73 -16.68 1.56 -7.76
C PHE G 73 -17.57 2.50 -8.57
N ARG G 74 -16.98 3.48 -9.23
CA ARG G 74 -17.83 4.33 -10.06
C ARG G 74 -18.37 3.42 -11.16
N VAL G 75 -17.51 2.62 -11.74
CA VAL G 75 -17.94 1.72 -12.79
C VAL G 75 -19.01 0.75 -12.24
N ASN G 76 -18.77 0.24 -11.05
CA ASN G 76 -19.69 -0.70 -10.44
C ASN G 76 -21.08 -0.13 -10.31
N LEU G 77 -21.16 1.08 -9.75
CA LEU G 77 -22.43 1.76 -9.56
C LEU G 77 -23.24 1.84 -10.84
N ARG G 78 -22.57 2.03 -11.96
CA ARG G 78 -23.30 2.12 -13.21
C ARG G 78 -23.72 0.73 -13.67
N THR G 79 -22.91 -0.28 -13.36
CA THR G 79 -23.20 -1.67 -13.71
C THR G 79 -24.36 -2.13 -12.83
N LEU G 80 -24.25 -1.92 -11.53
CA LEU G 80 -25.31 -2.32 -10.63
C LEU G 80 -26.65 -1.73 -11.06
N ARG G 81 -26.64 -0.43 -11.36
CA ARG G 81 -27.82 0.30 -11.78
C ARG G 81 -28.50 -0.42 -12.92
N GLY G 82 -27.70 -1.04 -13.77
CA GLY G 82 -28.25 -1.79 -14.88
C GLY G 82 -28.83 -3.15 -14.50
N TYR G 83 -28.20 -3.86 -13.57
CA TYR G 83 -28.74 -5.16 -13.21
C TYR G 83 -30.11 -4.98 -12.53
N TYR G 84 -30.29 -3.82 -11.91
CA TYR G 84 -31.51 -3.53 -11.17
C TYR G 84 -32.47 -2.70 -11.97
N ASN G 85 -32.21 -2.56 -13.26
CA ASN G 85 -33.07 -1.74 -14.09
C ASN G 85 -33.40 -0.41 -13.41
N GLN G 86 -32.40 0.21 -12.82
CA GLN G 86 -32.59 1.49 -12.16
C GLN G 86 -32.15 2.62 -13.11
N SER G 87 -32.76 3.79 -12.97
CA SER G 87 -32.40 4.91 -13.84
C SER G 87 -31.27 5.72 -13.23
N GLU G 88 -30.86 6.77 -13.93
CA GLU G 88 -29.80 7.60 -13.42
C GLU G 88 -30.32 8.79 -12.64
N ALA G 89 -31.58 8.73 -12.21
CA ALA G 89 -32.18 9.82 -11.46
C ALA G 89 -32.05 9.72 -9.94
N GLY G 90 -31.68 8.56 -9.43
CA GLY G 90 -31.54 8.42 -7.99
C GLY G 90 -30.14 8.11 -7.50
N SER G 91 -29.91 8.40 -6.23
CA SER G 91 -28.63 8.16 -5.56
C SER G 91 -28.59 6.76 -4.98
N HIS G 92 -27.45 6.08 -5.13
CA HIS G 92 -27.27 4.74 -4.62
C HIS G 92 -25.98 4.55 -3.83
N THR G 93 -25.92 3.49 -3.02
CA THR G 93 -24.75 3.23 -2.21
C THR G 93 -24.13 1.85 -2.42
N LEU G 94 -22.82 1.83 -2.63
CA LEU G 94 -22.08 0.59 -2.81
C LEU G 94 -21.09 0.58 -1.66
N GLN G 95 -21.18 -0.47 -0.84
CA GLN G 95 -20.29 -0.59 0.30
C GLN G 95 -19.42 -1.84 0.18
N TRP G 96 -18.23 -1.77 0.76
CA TRP G 96 -17.30 -2.89 0.73
C TRP G 96 -16.53 -2.84 2.03
N MET G 97 -16.57 -3.95 2.77
CA MET G 97 -15.83 -4.06 4.02
C MET G 97 -15.01 -5.34 3.92
N HIS G 98 -13.80 -5.29 4.44
CA HIS G 98 -12.93 -6.44 4.45
C HIS G 98 -12.09 -6.31 5.69
N GLY G 99 -11.72 -7.45 6.24
CA GLY G 99 -10.91 -7.46 7.44
C GLY G 99 -10.34 -8.81 7.81
N CYS G 100 -9.25 -8.78 8.58
CA CYS G 100 -8.60 -10.00 9.03
C CYS G 100 -8.42 -9.90 10.53
N GLU G 101 -8.52 -11.04 11.21
CA GLU G 101 -8.39 -11.11 12.67
C GLU G 101 -7.29 -12.06 13.13
N LEU G 102 -6.64 -11.70 14.23
CA LEU G 102 -5.59 -12.50 14.81
C LEU G 102 -6.14 -13.21 16.04
N GLY G 103 -5.80 -14.46 16.17
CA GLY G 103 -6.17 -15.21 17.34
C GLY G 103 -5.16 -14.94 18.40
N PRO G 104 -5.55 -15.27 19.60
CA PRO G 104 -4.67 -15.12 20.75
C PRO G 104 -3.27 -15.61 20.48
N ASP G 105 -3.13 -16.62 19.65
CA ASP G 105 -1.81 -17.06 19.29
C ASP G 105 -1.10 -16.00 18.51
N ARG G 106 -1.83 -14.97 18.10
CA ARG G 106 -1.26 -13.94 17.22
C ARG G 106 -1.18 -14.35 15.76
N ARG G 107 -1.82 -15.45 15.40
CA ARG G 107 -1.79 -15.89 14.02
C ARG G 107 -3.12 -15.66 13.33
N PHE G 108 -3.14 -15.84 12.01
CA PHE G 108 -4.36 -15.65 11.26
C PHE G 108 -5.44 -16.54 11.83
N LEU G 109 -6.51 -15.91 12.27
CA LEU G 109 -7.62 -16.65 12.82
C LEU G 109 -8.68 -16.74 11.74
N ARG G 110 -9.01 -15.58 11.20
CA ARG G 110 -10.05 -15.51 10.19
C ARG G 110 -10.00 -14.24 9.37
N GLY G 111 -10.61 -14.32 8.19
CA GLY G 111 -10.68 -13.19 7.29
C GLY G 111 -12.05 -13.11 6.68
N TYR G 112 -12.45 -11.94 6.21
CA TYR G 112 -13.77 -11.77 5.60
C TYR G 112 -13.86 -10.59 4.68
N GLU G 113 -14.77 -10.67 3.74
CA GLU G 113 -14.93 -9.62 2.79
C GLU G 113 -16.32 -9.59 2.16
N GLN G 114 -16.91 -8.40 2.08
CA GLN G 114 -18.23 -8.24 1.43
C GLN G 114 -18.71 -6.91 0.90
N PHE G 115 -19.59 -7.04 -0.09
CA PHE G 115 -20.18 -5.89 -0.76
C PHE G 115 -21.65 -5.75 -0.44
N ALA G 116 -22.11 -4.51 -0.47
CA ALA G 116 -23.51 -4.18 -0.22
C ALA G 116 -23.95 -3.13 -1.22
N TYR G 117 -25.21 -3.22 -1.64
CA TYR G 117 -25.76 -2.24 -2.55
C TYR G 117 -27.01 -1.69 -1.86
N ASP G 118 -27.16 -0.37 -1.82
CA ASP G 118 -28.30 0.25 -1.16
C ASP G 118 -28.61 -0.33 0.24
N GLY G 119 -27.54 -0.54 1.02
CA GLY G 119 -27.63 -1.03 2.39
C GLY G 119 -28.10 -2.46 2.60
N LYS G 120 -27.96 -3.28 1.56
CA LYS G 120 -28.38 -4.66 1.59
C LYS G 120 -27.24 -5.55 1.05
N ASP G 121 -26.98 -6.67 1.73
CA ASP G 121 -25.94 -7.64 1.33
C ASP G 121 -26.03 -7.92 -0.15
N TYR G 122 -24.91 -7.86 -0.85
CA TYR G 122 -24.93 -8.12 -2.28
C TYR G 122 -24.05 -9.30 -2.71
N LEU G 123 -22.76 -9.21 -2.42
CA LEU G 123 -21.83 -10.29 -2.78
C LEU G 123 -20.94 -10.53 -1.58
N THR G 124 -20.85 -11.79 -1.20
CA THR G 124 -20.06 -12.15 -0.06
C THR G 124 -19.00 -13.16 -0.42
N LEU G 125 -17.88 -13.06 0.27
CA LEU G 125 -16.80 -14.00 0.05
C LEU G 125 -17.06 -15.15 1.02
N ASN G 126 -17.04 -16.38 0.51
CA ASN G 126 -17.32 -17.53 1.38
C ASN G 126 -16.24 -17.73 2.43
N GLU G 127 -16.58 -18.42 3.53
CA GLU G 127 -15.63 -18.65 4.60
C GLU G 127 -14.28 -19.13 4.08
N ASP G 128 -14.29 -20.02 3.11
CA ASP G 128 -13.05 -20.56 2.57
C ASP G 128 -12.14 -19.51 1.95
N LEU G 129 -12.72 -18.38 1.56
CA LEU G 129 -11.99 -17.29 0.91
C LEU G 129 -11.58 -17.79 -0.45
N ARG G 130 -12.37 -18.72 -0.99
CA ARG G 130 -12.10 -19.31 -2.30
C ARG G 130 -13.19 -19.05 -3.33
N SER G 131 -14.35 -18.58 -2.88
CA SER G 131 -15.39 -18.27 -3.85
C SER G 131 -16.38 -17.25 -3.33
N TRP G 132 -17.16 -16.70 -4.25
CA TRP G 132 -18.16 -15.69 -3.95
C TRP G 132 -19.60 -16.18 -4.01
N THR G 133 -20.43 -15.63 -3.14
CA THR G 133 -21.84 -15.97 -3.05
C THR G 133 -22.74 -14.74 -3.18
N ALA G 134 -23.61 -14.78 -4.19
CA ALA G 134 -24.58 -13.72 -4.44
C ALA G 134 -25.61 -13.76 -3.35
N VAL G 135 -25.91 -12.62 -2.73
CA VAL G 135 -26.90 -12.60 -1.68
C VAL G 135 -28.12 -11.89 -2.22
N ASP G 136 -28.33 -11.98 -3.52
CA ASP G 136 -29.44 -11.30 -4.15
C ASP G 136 -29.49 -11.89 -5.54
N THR G 137 -30.68 -12.20 -6.05
CA THR G 137 -30.73 -12.78 -7.39
C THR G 137 -30.10 -11.87 -8.45
N ALA G 138 -30.07 -10.56 -8.18
CA ALA G 138 -29.50 -9.62 -9.12
C ALA G 138 -27.96 -9.69 -9.11
N ALA G 139 -27.40 -10.25 -8.04
CA ALA G 139 -25.96 -10.43 -7.90
C ALA G 139 -25.43 -11.72 -8.49
N GLN G 140 -26.25 -12.48 -9.21
CA GLN G 140 -25.80 -13.75 -9.78
C GLN G 140 -24.71 -13.57 -10.82
N ILE G 141 -24.96 -12.67 -11.76
CA ILE G 141 -24.00 -12.37 -12.81
C ILE G 141 -22.67 -11.96 -12.17
N SER G 142 -22.73 -11.14 -11.13
CA SER G 142 -21.53 -10.71 -10.43
C SER G 142 -20.78 -11.89 -9.83
N GLU G 143 -21.54 -12.79 -9.24
CA GLU G 143 -20.97 -13.97 -8.60
C GLU G 143 -20.23 -14.87 -9.60
N GLN G 144 -20.90 -15.18 -10.72
CA GLN G 144 -20.35 -16.03 -11.74
C GLN G 144 -19.17 -15.38 -12.46
N LYS G 145 -19.18 -14.05 -12.50
CA LYS G 145 -18.14 -13.24 -13.12
C LYS G 145 -16.86 -13.32 -12.26
N SER G 146 -17.01 -13.19 -10.95
CA SER G 146 -15.88 -13.23 -10.01
C SER G 146 -15.35 -14.63 -9.72
N ASN G 147 -16.14 -15.67 -10.02
CA ASN G 147 -15.68 -17.03 -9.77
C ASN G 147 -14.89 -17.50 -10.98
N ASP G 148 -15.41 -17.19 -12.16
CA ASP G 148 -14.74 -17.55 -13.41
C ASP G 148 -13.40 -16.80 -13.51
N ALA G 149 -13.37 -15.59 -12.96
CA ALA G 149 -12.18 -14.74 -12.99
C ALA G 149 -11.21 -15.06 -11.86
N SER G 150 -11.55 -16.07 -11.07
CA SER G 150 -10.69 -16.51 -9.99
C SER G 150 -10.22 -15.38 -9.05
N GLU G 151 -10.87 -14.24 -9.11
CA GLU G 151 -10.49 -13.09 -8.28
C GLU G 151 -10.43 -13.34 -6.77
N ALA G 152 -11.04 -14.41 -6.29
CA ALA G 152 -10.99 -14.71 -4.87
C ALA G 152 -9.56 -14.95 -4.41
N GLU G 153 -8.75 -15.52 -5.31
CA GLU G 153 -7.35 -15.81 -5.05
C GLU G 153 -6.61 -14.61 -4.44
N HIS G 154 -6.65 -13.48 -5.13
CA HIS G 154 -6.00 -12.29 -4.64
C HIS G 154 -6.55 -11.78 -3.31
N GLN G 155 -7.85 -11.87 -3.11
CA GLN G 155 -8.41 -11.41 -1.84
C GLN G 155 -7.91 -12.28 -0.70
N ARG G 156 -7.81 -13.59 -0.93
CA ARG G 156 -7.32 -14.49 0.11
C ARG G 156 -5.87 -14.16 0.44
N ALA G 157 -5.07 -13.95 -0.60
CA ALA G 157 -3.68 -13.62 -0.40
C ALA G 157 -3.62 -12.40 0.50
N TYR G 158 -4.42 -11.39 0.17
CA TYR G 158 -4.43 -10.17 0.94
C TYR G 158 -4.89 -10.37 2.39
N LEU G 159 -5.98 -11.11 2.58
CA LEU G 159 -6.50 -11.36 3.93
C LEU G 159 -5.58 -12.23 4.78
N GLU G 160 -4.89 -13.20 4.16
CA GLU G 160 -4.01 -14.11 4.92
C GLU G 160 -2.57 -13.63 5.14
N ASP G 161 -1.92 -13.10 4.10
CA ASP G 161 -0.55 -12.61 4.22
C ASP G 161 -0.49 -11.12 4.53
N THR G 162 -0.74 -10.30 3.50
CA THR G 162 -0.69 -8.83 3.60
C THR G 162 -1.42 -8.25 4.80
N CYS G 163 -2.73 -8.44 4.85
CA CYS G 163 -3.55 -7.92 5.96
C CYS G 163 -2.99 -8.26 7.37
N VAL G 164 -2.61 -9.53 7.56
CA VAL G 164 -2.06 -10.00 8.82
C VAL G 164 -0.70 -9.35 9.08
N GLU G 165 0.15 -9.31 8.08
CA GLU G 165 1.46 -8.69 8.26
C GLU G 165 1.29 -7.29 8.81
N TRP G 166 0.69 -6.40 8.02
CA TRP G 166 0.50 -5.02 8.47
C TRP G 166 -0.24 -4.89 9.78
N LEU G 167 -1.11 -5.84 10.09
CA LEU G 167 -1.82 -5.76 11.36
C LEU G 167 -0.76 -5.79 12.46
N HIS G 168 0.29 -6.58 12.26
CA HIS G 168 1.35 -6.64 13.25
C HIS G 168 2.14 -5.34 13.27
N LYS G 169 2.57 -4.87 12.09
CA LYS G 169 3.31 -3.64 12.04
C LYS G 169 2.55 -2.52 12.75
N TYR G 170 1.24 -2.43 12.53
CA TYR G 170 0.45 -1.38 13.18
C TYR G 170 0.37 -1.54 14.68
N LEU G 171 0.11 -2.76 15.14
CA LEU G 171 0.02 -3.03 16.56
C LEU G 171 1.32 -2.63 17.24
N GLU G 172 2.39 -2.55 16.46
CA GLU G 172 3.67 -2.14 16.99
C GLU G 172 3.63 -0.62 17.05
N LYS G 173 3.70 -0.01 15.88
CA LYS G 173 3.69 1.45 15.78
C LYS G 173 2.81 2.13 16.82
N GLY G 174 1.75 1.45 17.27
CA GLY G 174 0.87 2.04 18.26
C GLY G 174 0.66 1.27 19.55
N LYS G 175 1.65 0.47 19.94
CA LYS G 175 1.56 -0.34 21.15
C LYS G 175 1.16 0.44 22.41
N GLU G 176 1.84 1.56 22.65
CA GLU G 176 1.58 2.37 23.83
C GLU G 176 0.09 2.68 24.01
N THR G 177 -0.70 2.61 22.93
CA THR G 177 -2.12 2.88 23.08
C THR G 177 -2.97 1.66 22.74
N LEU G 178 -2.88 1.19 21.50
CA LEU G 178 -3.66 0.03 21.07
C LEU G 178 -3.72 -1.15 22.03
N LEU G 179 -2.56 -1.69 22.40
CA LEU G 179 -2.48 -2.85 23.27
C LEU G 179 -2.68 -2.56 24.75
N HIS G 180 -3.26 -1.41 25.06
CA HIS G 180 -3.51 -1.01 26.44
C HIS G 180 -4.98 -1.18 26.84
N LEU G 181 -5.23 -1.82 27.98
CA LEU G 181 -6.59 -2.01 28.45
C LEU G 181 -6.97 -0.91 29.43
N GLU G 182 -7.98 -0.14 29.06
CA GLU G 182 -8.43 0.97 29.89
C GLU G 182 -9.77 0.61 30.53
N PRO G 183 -9.74 0.10 31.77
CA PRO G 183 -10.94 -0.27 32.51
C PRO G 183 -11.84 0.94 32.75
N PRO G 184 -13.16 0.72 32.90
CA PRO G 184 -14.14 1.78 33.13
C PRO G 184 -14.21 2.37 34.53
N LYS G 185 -14.58 3.66 34.59
CA LYS G 185 -14.77 4.35 35.86
C LYS G 185 -16.24 4.14 36.08
N THR G 186 -16.60 3.53 37.20
CA THR G 186 -18.00 3.24 37.48
C THR G 186 -18.54 3.85 38.78
N HIS G 187 -19.84 4.09 38.79
CA HIS G 187 -20.47 4.65 39.95
C HIS G 187 -21.97 4.52 39.74
N VAL G 188 -22.71 4.48 40.84
CA VAL G 188 -24.15 4.36 40.75
C VAL G 188 -24.77 5.68 41.17
N THR G 189 -25.49 6.31 40.26
CA THR G 189 -26.12 7.57 40.62
C THR G 189 -27.56 7.28 41.06
N HIS G 190 -28.09 8.15 41.90
CA HIS G 190 -29.44 8.00 42.41
C HIS G 190 -30.32 9.17 41.96
N HIS G 191 -31.40 8.85 41.25
CA HIS G 191 -32.30 9.88 40.74
C HIS G 191 -33.74 9.61 41.16
N PRO G 192 -34.21 10.26 42.23
CA PRO G 192 -35.59 10.02 42.65
C PRO G 192 -36.59 10.35 41.53
N ILE G 193 -37.57 9.46 41.35
CA ILE G 193 -38.59 9.63 40.33
C ILE G 193 -39.75 10.37 40.98
N SER G 194 -40.48 9.66 41.84
CA SER G 194 -41.61 10.23 42.54
C SER G 194 -41.25 10.22 44.03
N ASP G 195 -42.18 9.78 44.86
CA ASP G 195 -41.94 9.70 46.29
C ASP G 195 -41.71 8.24 46.65
N HIS G 196 -42.19 7.35 45.80
CA HIS G 196 -42.08 5.90 45.99
C HIS G 196 -41.06 5.24 45.08
N GLU G 197 -40.62 5.95 44.03
CA GLU G 197 -39.66 5.36 43.11
C GLU G 197 -38.43 6.22 42.82
N ALA G 198 -37.29 5.55 42.67
CA ALA G 198 -36.02 6.21 42.39
C ALA G 198 -35.14 5.37 41.44
N THR G 199 -34.68 5.98 40.36
CA THR G 199 -33.85 5.28 39.37
C THR G 199 -32.40 5.07 39.83
N LEU G 200 -31.93 3.84 39.72
CA LEU G 200 -30.56 3.51 40.06
C LEU G 200 -29.86 3.32 38.73
N ARG G 201 -29.03 4.28 38.33
CA ARG G 201 -28.33 4.20 37.06
C ARG G 201 -26.89 3.77 37.21
N CYS G 202 -26.50 2.78 36.41
CA CYS G 202 -25.14 2.27 36.49
C CYS G 202 -24.31 2.80 35.32
N TRP G 203 -23.25 3.55 35.65
CA TRP G 203 -22.39 4.13 34.63
C TRP G 203 -21.06 3.42 34.46
N ALA G 204 -20.55 3.46 33.24
CA ALA G 204 -19.27 2.88 32.87
C ALA G 204 -18.68 3.93 31.93
N LEU G 205 -17.65 4.64 32.38
CA LEU G 205 -17.05 5.70 31.57
C LEU G 205 -15.58 5.52 31.23
N GLY G 206 -15.20 6.07 30.09
CA GLY G 206 -13.83 6.03 29.61
C GLY G 206 -13.12 4.69 29.51
N PHE G 207 -13.78 3.68 28.97
CA PHE G 207 -13.13 2.38 28.85
C PHE G 207 -12.77 2.01 27.41
N TYR G 208 -11.82 1.10 27.27
CA TYR G 208 -11.36 0.66 25.96
C TYR G 208 -10.74 -0.72 26.13
N PRO G 209 -11.05 -1.65 25.21
CA PRO G 209 -11.92 -1.53 24.04
C PRO G 209 -13.40 -1.33 24.35
N ALA G 210 -14.23 -1.30 23.30
CA ALA G 210 -15.67 -1.07 23.46
C ALA G 210 -16.47 -2.20 24.11
N GLU G 211 -16.06 -3.45 23.88
CA GLU G 211 -16.77 -4.61 24.44
C GLU G 211 -16.88 -4.55 25.98
N ILE G 212 -18.12 -4.49 26.46
CA ILE G 212 -18.38 -4.40 27.88
C ILE G 212 -19.77 -4.99 28.18
N THR G 213 -20.02 -5.31 29.44
CA THR G 213 -21.29 -5.88 29.86
C THR G 213 -21.71 -5.24 31.17
N LEU G 214 -22.96 -4.82 31.23
CA LEU G 214 -23.50 -4.19 32.43
C LEU G 214 -24.79 -4.91 32.82
N THR G 215 -24.96 -5.17 34.12
CA THR G 215 -26.15 -5.86 34.60
C THR G 215 -26.58 -5.51 36.03
N TRP G 216 -27.89 -5.55 36.27
CA TRP G 216 -28.44 -5.29 37.59
C TRP G 216 -29.07 -6.57 38.11
N GLN G 217 -28.99 -6.78 39.42
CA GLN G 217 -29.55 -7.97 40.07
C GLN G 217 -29.96 -7.63 41.49
N GLN G 218 -31.15 -8.05 41.88
CA GLN G 218 -31.70 -7.68 43.18
C GLN G 218 -31.66 -8.89 44.08
N ASP G 219 -30.82 -8.84 45.12
CA ASP G 219 -30.64 -9.95 45.88
C ASP G 219 -31.60 -11.07 46.09
N GLY G 220 -32.76 -10.94 46.68
CA GLY G 220 -33.44 -12.19 46.97
C GLY G 220 -34.15 -12.91 45.85
N GLU G 221 -34.09 -12.27 44.71
CA GLU G 221 -35.14 -12.44 43.70
C GLU G 221 -34.55 -12.88 42.36
N GLY G 222 -35.35 -13.71 41.65
CA GLY G 222 -34.96 -14.15 40.33
C GLY G 222 -35.03 -13.42 39.00
N HIS G 223 -36.10 -12.86 38.47
CA HIS G 223 -36.08 -11.63 37.59
C HIS G 223 -37.18 -10.63 37.86
N THR G 224 -36.85 -9.38 37.72
CA THR G 224 -37.76 -8.40 38.20
C THR G 224 -38.12 -7.45 37.10
N GLN G 225 -37.21 -6.59 36.73
CA GLN G 225 -37.65 -5.60 35.95
C GLN G 225 -36.56 -5.40 34.99
N ASP G 226 -36.99 -4.60 34.10
CA ASP G 226 -36.24 -4.63 32.85
C ASP G 226 -35.18 -3.52 32.82
N THR G 227 -34.02 -3.88 32.68
CA THR G 227 -33.02 -2.87 32.72
C THR G 227 -33.10 -2.01 31.47
N GLU G 228 -33.25 -0.69 31.58
CA GLU G 228 -32.96 0.18 30.44
C GLU G 228 -31.45 0.23 30.18
N LEU G 229 -31.08 -0.09 28.95
CA LEU G 229 -29.69 -0.11 28.55
C LEU G 229 -29.48 0.71 27.28
N VAL G 230 -28.44 1.54 27.25
CA VAL G 230 -28.15 2.36 26.09
C VAL G 230 -27.01 1.78 25.26
N GLU G 231 -26.98 2.12 23.98
CA GLU G 231 -25.96 1.63 23.07
C GLU G 231 -24.59 2.19 23.38
N THR G 232 -23.58 1.31 23.47
CA THR G 232 -22.22 1.74 23.74
C THR G 232 -21.86 2.88 22.80
N ARG G 233 -21.42 3.99 23.37
CA ARG G 233 -21.10 5.17 22.58
C ARG G 233 -19.67 5.68 22.79
N PRO G 234 -18.79 6.52 22.06
CA PRO G 234 -17.44 7.04 22.21
C PRO G 234 -17.44 8.32 23.04
N ALA G 235 -16.40 8.47 23.83
CA ALA G 235 -16.20 9.66 24.61
C ALA G 235 -15.57 10.70 23.70
N GLY G 236 -15.28 10.32 22.45
CA GLY G 236 -14.68 11.31 21.57
C GLY G 236 -13.19 11.46 21.76
N ASP G 237 -12.66 10.78 22.78
CA ASP G 237 -11.23 10.81 23.13
C ASP G 237 -10.64 9.40 23.06
N GLY G 238 -11.13 8.61 22.12
CA GLY G 238 -10.62 7.27 21.97
C GLY G 238 -11.28 6.25 22.88
N THR G 239 -11.97 6.70 23.93
CA THR G 239 -12.64 5.77 24.83
C THR G 239 -14.13 5.67 24.61
N PHE G 240 -14.76 4.77 25.36
CA PHE G 240 -16.20 4.55 25.25
C PHE G 240 -16.92 4.64 26.60
N GLN G 241 -18.25 4.68 26.52
CA GLN G 241 -19.09 4.75 27.70
C GLN G 241 -20.43 4.06 27.50
N LYS G 242 -21.05 3.70 28.62
CA LYS G 242 -22.33 3.01 28.57
C LYS G 242 -23.01 2.98 29.94
N TRP G 243 -24.31 2.77 29.94
CA TRP G 243 -25.04 2.68 31.19
C TRP G 243 -26.29 1.81 31.15
N ALA G 244 -26.70 1.37 32.34
CA ALA G 244 -27.87 0.52 32.57
C ALA G 244 -28.70 1.01 33.78
N ALA G 245 -30.00 1.19 33.58
CA ALA G 245 -30.88 1.67 34.64
C ALA G 245 -32.01 0.68 34.91
N VAL G 246 -32.48 0.67 36.15
CA VAL G 246 -33.54 -0.22 36.58
C VAL G 246 -34.44 0.47 37.60
N VAL G 247 -35.62 0.93 37.17
CA VAL G 247 -36.52 1.60 38.12
C VAL G 247 -36.80 0.62 39.24
N VAL G 248 -36.64 1.12 40.44
CA VAL G 248 -36.78 0.32 41.65
C VAL G 248 -37.30 1.31 42.70
N PRO G 249 -38.19 0.84 43.55
CA PRO G 249 -38.84 1.53 44.65
C PRO G 249 -38.00 2.13 45.73
N SER G 250 -38.46 3.24 46.24
CA SER G 250 -37.76 3.90 47.31
C SER G 250 -37.60 2.92 48.43
N GLY G 251 -36.65 3.22 49.31
CA GLY G 251 -36.30 2.42 50.47
C GLY G 251 -35.77 1.02 50.18
N GLU G 252 -35.62 0.66 48.91
CA GLU G 252 -35.11 -0.66 48.58
C GLU G 252 -33.88 -0.58 47.68
N GLU G 253 -33.35 0.62 47.52
CA GLU G 253 -32.17 0.83 46.69
C GLU G 253 -31.04 -0.11 47.10
N GLN G 254 -30.82 -0.23 48.40
CA GLN G 254 -29.75 -1.06 48.94
C GLN G 254 -29.82 -2.52 48.49
N ARG G 255 -30.99 -2.96 48.05
CA ARG G 255 -31.18 -4.34 47.62
C ARG G 255 -30.58 -4.66 46.25
N TYR G 256 -30.42 -3.65 45.41
CA TYR G 256 -29.89 -3.85 44.07
C TYR G 256 -28.40 -3.62 43.96
N THR G 257 -27.76 -4.45 43.13
CA THR G 257 -26.33 -4.34 42.89
C THR G 257 -26.08 -4.33 41.40
N CYS G 258 -25.03 -3.63 40.98
CA CYS G 258 -24.69 -3.57 39.56
C CYS G 258 -23.47 -4.46 39.35
N HIS G 259 -23.34 -4.99 38.14
CA HIS G 259 -22.23 -5.87 37.81
C HIS G 259 -21.63 -5.41 36.48
N VAL G 260 -20.31 -5.24 36.46
CA VAL G 260 -19.61 -4.77 35.26
C VAL G 260 -18.51 -5.74 34.85
N GLN G 261 -18.58 -6.24 33.61
CA GLN G 261 -17.60 -7.18 33.08
C GLN G 261 -16.81 -6.49 31.97
N HIS G 262 -15.52 -6.30 32.21
CA HIS G 262 -14.65 -5.66 31.22
C HIS G 262 -13.22 -6.14 31.27
N GLU G 263 -12.71 -6.50 30.11
CA GLU G 263 -11.35 -7.00 29.95
C GLU G 263 -10.31 -6.22 30.77
N GLY G 264 -10.38 -4.89 30.73
CA GLY G 264 -9.44 -4.07 31.48
C GLY G 264 -9.50 -4.20 32.99
N LEU G 265 -10.67 -4.69 33.43
CA LEU G 265 -11.08 -4.75 34.82
C LEU G 265 -10.75 -6.11 35.37
N PRO G 266 -9.51 -6.20 35.83
CA PRO G 266 -8.89 -7.44 36.31
C PRO G 266 -9.94 -8.52 36.57
N GLU G 267 -11.13 -8.26 37.22
CA GLU G 267 -12.31 -9.12 37.41
C GLU G 267 -13.56 -8.26 37.59
N PRO G 268 -14.75 -8.82 37.29
CA PRO G 268 -16.05 -8.13 37.41
C PRO G 268 -16.32 -7.33 38.69
N VAL G 269 -16.58 -6.04 38.51
CA VAL G 269 -16.88 -5.12 39.61
C VAL G 269 -18.36 -5.12 39.96
N THR G 270 -18.66 -4.88 41.24
CA THR G 270 -20.03 -4.82 41.73
C THR G 270 -20.25 -3.49 42.46
N LEU G 271 -21.29 -2.76 42.08
CA LEU G 271 -21.60 -1.51 42.76
C LEU G 271 -23.01 -1.54 43.31
N ARG G 272 -23.33 -0.72 44.29
CA ARG G 272 -24.53 -0.88 45.07
C ARG G 272 -25.17 0.42 45.47
N TRP G 273 -24.46 1.51 45.29
CA TRP G 273 -24.95 2.76 45.81
C TRP G 273 -24.82 2.73 47.32
N MET H 1 -34.26 -0.81 -2.28
CA MET H 1 -33.68 0.24 -1.39
C MET H 1 -33.93 -0.08 0.07
N ILE H 2 -33.04 0.37 0.93
CA ILE H 2 -33.20 0.16 2.35
C ILE H 2 -32.74 1.44 3.01
N GLN H 3 -33.45 1.88 4.04
CA GLN H 3 -33.08 3.06 4.76
C GLN H 3 -33.24 2.70 6.22
N ARG H 4 -32.59 3.46 7.09
CA ARG H 4 -32.68 3.22 8.50
C ARG H 4 -32.66 4.58 9.16
N THR H 5 -33.50 4.74 10.19
CA THR H 5 -33.62 5.97 10.94
C THR H 5 -32.42 6.10 11.86
N PRO H 6 -31.82 7.29 11.93
CA PRO H 6 -30.66 7.45 12.80
C PRO H 6 -31.04 7.43 14.28
N LYS H 7 -30.26 6.72 15.08
CA LYS H 7 -30.49 6.70 16.52
C LYS H 7 -29.58 7.82 16.99
N ILE H 8 -29.97 8.48 18.09
CA ILE H 8 -29.23 9.64 18.60
C ILE H 8 -28.95 9.63 20.09
N GLN H 9 -27.76 10.10 20.46
CA GLN H 9 -27.39 10.19 21.87
C GLN H 9 -26.61 11.49 22.07
N VAL H 10 -27.08 12.32 23.01
CA VAL H 10 -26.41 13.58 23.32
C VAL H 10 -25.81 13.46 24.70
N TYR H 11 -24.52 13.75 24.83
CA TYR H 11 -23.83 13.61 26.11
C TYR H 11 -22.50 14.35 26.14
N SER H 12 -21.89 14.40 27.32
CA SER H 12 -20.60 15.06 27.52
C SER H 12 -19.48 14.05 27.62
N ARG H 13 -18.27 14.44 27.23
CA ARG H 13 -17.13 13.54 27.29
C ARG H 13 -16.83 13.13 28.74
N HIS H 14 -16.95 14.09 29.65
CA HIS H 14 -16.69 13.87 31.05
C HIS H 14 -17.90 14.27 31.87
N PRO H 15 -18.02 13.70 33.05
CA PRO H 15 -19.12 14.02 33.98
C PRO H 15 -19.28 15.53 34.14
N ALA H 16 -20.33 16.08 33.53
CA ALA H 16 -20.60 17.51 33.59
C ALA H 16 -20.44 18.10 34.99
N GLU H 17 -19.64 19.16 35.10
CA GLU H 17 -19.41 19.81 36.39
C GLU H 17 -19.34 21.32 36.14
N ASN H 18 -20.46 21.99 36.31
CA ASN H 18 -20.58 23.39 35.97
C ASN H 18 -19.43 24.37 36.09
N GLY H 19 -19.03 24.91 34.97
CA GLY H 19 -17.93 25.86 34.94
C GLY H 19 -16.65 25.18 34.52
N LYS H 20 -16.67 23.86 34.48
CA LYS H 20 -15.54 23.07 33.98
C LYS H 20 -15.62 22.97 32.46
N SER H 21 -14.46 22.84 31.81
CA SER H 21 -14.42 22.72 30.36
C SER H 21 -14.70 21.27 30.02
N ASN H 22 -15.47 21.06 28.96
CA ASN H 22 -15.85 19.71 28.54
C ASN H 22 -16.09 19.74 27.04
N PHE H 23 -16.68 18.67 26.52
CA PHE H 23 -16.97 18.59 25.08
C PHE H 23 -18.39 18.11 24.89
N LEU H 24 -19.08 18.71 23.93
CA LEU H 24 -20.47 18.35 23.65
C LEU H 24 -20.55 17.29 22.54
N ASN H 25 -21.13 16.13 22.86
CA ASN H 25 -21.21 15.06 21.88
C ASN H 25 -22.60 14.68 21.39
N CYS H 26 -22.65 14.40 20.09
CA CYS H 26 -23.87 13.92 19.46
C CYS H 26 -23.44 12.77 18.56
N TYR H 27 -23.84 11.57 18.96
CA TYR H 27 -23.47 10.37 18.22
C TYR H 27 -24.68 9.84 17.47
N VAL H 28 -24.69 9.99 16.14
CA VAL H 28 -25.79 9.47 15.32
C VAL H 28 -25.32 8.19 14.65
N SER H 29 -26.07 7.11 14.86
CA SER H 29 -25.72 5.80 14.30
C SER H 29 -26.92 5.02 13.79
N GLY H 30 -26.66 3.95 13.03
CA GLY H 30 -27.72 3.10 12.53
C GLY H 30 -28.56 3.64 11.39
N PHE H 31 -28.07 4.66 10.69
CA PHE H 31 -28.82 5.21 9.60
C PHE H 31 -28.35 4.79 8.24
N HIS H 32 -29.18 5.07 7.25
CA HIS H 32 -28.85 4.75 5.89
C HIS H 32 -29.96 5.38 5.06
N PRO H 33 -29.60 6.05 3.95
CA PRO H 33 -28.25 6.24 3.41
C PRO H 33 -27.29 7.13 4.19
N SER H 34 -26.22 7.49 3.52
CA SER H 34 -25.11 8.29 4.05
C SER H 34 -25.35 9.76 4.43
N ASP H 35 -26.01 10.52 3.56
CA ASP H 35 -26.25 11.94 3.85
C ASP H 35 -27.03 12.21 5.13
N ILE H 36 -26.49 13.10 5.97
CA ILE H 36 -27.12 13.46 7.23
C ILE H 36 -26.65 14.85 7.71
N GLU H 37 -27.50 15.56 8.42
CA GLU H 37 -27.13 16.91 8.91
C GLU H 37 -27.22 16.93 10.42
N VAL H 38 -26.12 17.31 11.07
CA VAL H 38 -26.12 17.36 12.53
C VAL H 38 -25.58 18.68 13.03
N ASP H 39 -26.38 19.38 13.82
CA ASP H 39 -25.95 20.65 14.38
C ASP H 39 -26.16 20.60 15.87
N LEU H 40 -25.18 21.15 16.60
CA LEU H 40 -25.27 21.21 18.04
C LEU H 40 -25.84 22.59 18.38
N LEU H 41 -26.61 22.67 19.46
CA LEU H 41 -27.22 23.94 19.84
C LEU H 41 -26.98 24.38 21.27
N LYS H 42 -26.77 25.68 21.43
CA LYS H 42 -26.61 26.28 22.75
C LYS H 42 -27.82 27.19 22.87
N ASN H 43 -28.74 26.82 23.75
CA ASN H 43 -29.95 27.60 23.95
C ASN H 43 -30.55 27.93 22.59
N GLY H 44 -30.95 26.90 21.86
CA GLY H 44 -31.56 27.08 20.56
C GLY H 44 -30.67 27.63 19.45
N GLU H 45 -29.54 28.23 19.82
CA GLU H 45 -28.63 28.78 18.82
C GLU H 45 -27.77 27.70 18.18
N ARG H 46 -27.35 27.83 16.85
CA ARG H 46 -26.43 26.84 16.16
C ARG H 46 -24.96 27.04 16.37
N ILE H 47 -24.59 26.31 17.32
CA ILE H 47 -23.23 26.39 17.60
C ILE H 47 -22.54 26.11 16.28
N GLU H 48 -21.47 26.87 16.04
CA GLU H 48 -20.63 26.67 14.85
C GLU H 48 -19.31 26.04 15.27
N LYS H 49 -18.33 26.07 14.38
CA LYS H 49 -17.02 25.50 14.70
C LYS H 49 -17.18 24.13 15.35
N VAL H 50 -18.03 23.30 14.76
CA VAL H 50 -18.28 21.95 15.29
C VAL H 50 -17.64 20.92 14.37
N GLU H 51 -16.96 19.95 14.97
CA GLU H 51 -16.30 18.90 14.21
C GLU H 51 -17.03 17.57 14.28
N HIS H 52 -16.71 16.68 13.33
CA HIS H 52 -17.33 15.36 13.26
C HIS H 52 -16.33 14.30 12.80
N SER H 53 -16.53 13.07 13.29
CA SER H 53 -15.68 11.93 12.96
C SER H 53 -15.84 11.58 11.48
N ASP H 54 -15.08 10.61 11.02
CA ASP H 54 -15.23 10.11 9.67
C ASP H 54 -16.39 9.16 9.49
N LEU H 55 -16.96 9.20 8.30
CA LEU H 55 -18.10 8.37 8.02
C LEU H 55 -17.65 6.95 7.93
N SER H 56 -18.15 6.17 8.84
CA SER H 56 -17.84 4.75 8.91
C SER H 56 -19.18 4.00 9.05
N PHE H 57 -19.13 2.69 9.04
CA PHE H 57 -20.35 1.91 9.20
C PHE H 57 -20.06 0.60 9.90
N SER H 58 -21.10 -0.03 10.42
CA SER H 58 -20.95 -1.29 11.13
C SER H 58 -21.36 -2.52 10.33
N LYS H 59 -21.32 -3.68 10.96
CA LYS H 59 -21.63 -4.95 10.30
C LYS H 59 -22.91 -4.95 9.46
N ASP H 60 -23.93 -4.26 9.94
CA ASP H 60 -25.22 -4.21 9.25
C ASP H 60 -25.29 -3.14 8.16
N TRP H 61 -24.15 -2.54 7.87
CA TRP H 61 -24.02 -1.52 6.84
C TRP H 61 -24.51 -0.15 7.23
N SER H 62 -25.03 0.02 8.44
CA SER H 62 -25.50 1.34 8.83
C SER H 62 -24.34 2.25 9.25
N PHE H 63 -24.44 3.52 8.91
CA PHE H 63 -23.39 4.50 9.21
C PHE H 63 -23.47 5.07 10.60
N TYR H 64 -22.34 5.57 11.09
CA TYR H 64 -22.31 6.19 12.40
C TYR H 64 -21.29 7.33 12.39
N LEU H 65 -21.60 8.38 13.13
CA LEU H 65 -20.72 9.55 13.19
C LEU H 65 -20.80 10.19 14.57
N LEU H 66 -19.69 10.77 14.99
CA LEU H 66 -19.67 11.47 16.26
C LEU H 66 -19.48 12.95 15.95
N TYR H 67 -20.40 13.78 16.45
CA TYR H 67 -20.29 15.21 16.26
C TYR H 67 -19.92 15.77 17.62
N TYR H 68 -18.95 16.68 17.65
CA TYR H 68 -18.49 17.25 18.92
C TYR H 68 -17.99 18.70 18.85
N THR H 69 -18.10 19.39 19.97
CA THR H 69 -17.65 20.77 20.09
C THR H 69 -17.31 21.02 21.55
N GLU H 70 -16.40 21.97 21.79
CA GLU H 70 -16.03 22.27 23.16
C GLU H 70 -17.06 23.24 23.74
N PHE H 71 -17.34 23.09 25.03
CA PHE H 71 -18.34 23.93 25.69
C PHE H 71 -18.14 23.91 27.22
N THR H 72 -18.86 24.80 27.91
CA THR H 72 -18.77 24.89 29.37
C THR H 72 -20.17 24.88 29.99
N PRO H 73 -20.55 23.75 30.62
CA PRO H 73 -21.86 23.61 31.26
C PRO H 73 -22.19 24.63 32.35
N THR H 74 -23.40 25.19 32.24
CA THR H 74 -23.90 26.19 33.18
C THR H 74 -25.27 25.71 33.67
N GLU H 75 -25.76 26.28 34.76
CA GLU H 75 -27.08 25.91 35.28
C GLU H 75 -28.14 26.59 34.42
N LYS H 76 -27.75 27.67 33.76
CA LYS H 76 -28.68 28.43 32.91
C LYS H 76 -28.66 28.06 31.42
N ASP H 77 -27.46 27.83 30.87
CA ASP H 77 -27.35 27.47 29.46
C ASP H 77 -28.00 26.13 29.13
N GLU H 78 -28.42 25.96 27.88
CA GLU H 78 -29.09 24.75 27.48
C GLU H 78 -28.42 24.20 26.30
N TYR H 79 -28.62 22.97 26.12
CA TYR H 79 -27.91 22.36 25.00
C TYR H 79 -28.72 21.20 24.37
N ALA H 80 -28.57 20.94 23.03
CA ALA H 80 -29.31 19.88 22.31
C ALA H 80 -28.67 19.55 20.92
N CYS H 81 -29.09 18.43 20.33
CA CYS H 81 -28.57 18.03 19.02
C CYS H 81 -29.75 18.10 18.09
N ARG H 82 -29.56 18.68 16.92
CA ARG H 82 -30.63 18.75 15.94
C ARG H 82 -30.17 17.91 14.76
N VAL H 83 -30.92 16.86 14.45
CA VAL H 83 -30.55 15.97 13.37
C VAL H 83 -31.56 15.88 12.23
N ASN H 84 -31.05 15.93 11.01
CA ASN H 84 -31.91 15.78 9.86
C ASN H 84 -31.47 14.59 9.03
N HIS H 85 -32.44 13.91 8.45
CA HIS H 85 -32.16 12.74 7.66
C HIS H 85 -33.37 12.44 6.78
N VAL H 86 -33.14 11.95 5.57
CA VAL H 86 -34.22 11.63 4.65
C VAL H 86 -35.34 10.76 5.24
N THR H 87 -35.10 10.16 6.40
CA THR H 87 -36.11 9.29 7.04
C THR H 87 -36.86 10.03 8.11
N LEU H 88 -36.54 11.29 8.30
CA LEU H 88 -37.22 12.09 9.30
C LEU H 88 -38.20 13.08 8.71
N SER H 89 -39.44 12.98 9.20
CA SER H 89 -40.51 13.86 8.78
C SER H 89 -40.07 15.29 9.00
N GLN H 90 -39.26 15.49 10.03
CA GLN H 90 -38.76 16.83 10.35
C GLN H 90 -37.50 16.71 11.22
N PRO H 91 -36.66 17.75 11.24
CA PRO H 91 -35.43 17.73 12.05
C PRO H 91 -35.68 17.28 13.47
N LYS H 92 -35.07 16.18 13.89
CA LYS H 92 -35.26 15.68 15.26
C LYS H 92 -34.35 16.35 16.26
N ILE H 93 -34.95 16.92 17.31
CA ILE H 93 -34.18 17.59 18.34
C ILE H 93 -34.22 16.80 19.64
N VAL H 94 -33.03 16.49 20.16
CA VAL H 94 -32.92 15.77 21.41
C VAL H 94 -32.04 16.64 22.29
N LYS H 95 -32.51 16.95 23.49
CA LYS H 95 -31.74 17.80 24.40
C LYS H 95 -30.76 17.09 25.30
N TRP H 96 -29.71 17.81 25.69
CA TRP H 96 -28.69 17.23 26.54
C TRP H 96 -29.06 17.15 28.00
N ASP H 97 -29.13 15.92 28.49
CA ASP H 97 -29.43 15.65 29.87
C ASP H 97 -28.13 15.14 30.52
N ARG H 98 -27.54 15.94 31.40
CA ARG H 98 -26.30 15.56 32.04
C ARG H 98 -26.40 14.25 32.80
N ASP H 99 -27.67 13.83 33.17
CA ASP H 99 -28.02 12.62 34.00
C ASP H 99 -28.29 11.48 33.14
N MET H 100 -27.61 11.63 32.05
CA MET H 100 -27.80 10.61 31.08
C MET H 100 -26.80 10.70 29.96
N VAL I 1 38.98 25.44 -39.96
CA VAL I 1 38.35 25.29 -41.30
C VAL I 1 37.59 23.98 -41.37
N MET I 2 36.70 23.86 -42.34
CA MET I 2 35.93 22.64 -42.49
C MET I 2 36.67 21.66 -43.38
N ALA I 3 36.26 20.41 -43.34
CA ALA I 3 36.87 19.37 -44.15
C ALA I 3 36.80 19.80 -45.60
N PRO I 4 37.94 19.81 -46.31
CA PRO I 4 38.01 20.22 -47.71
C PRO I 4 37.60 19.13 -48.69
N ARG I 5 37.30 17.95 -48.16
CA ARG I 5 36.91 16.83 -48.99
C ARG I 5 35.76 16.09 -48.27
N THR I 6 34.83 15.56 -49.06
CA THR I 6 33.69 14.83 -48.52
C THR I 6 33.58 13.52 -49.28
N LEU I 7 32.50 12.77 -49.06
CA LEU I 7 32.30 11.50 -49.72
C LEU I 7 31.19 11.50 -50.76
N PHE I 8 31.40 10.75 -51.82
CA PHE I 8 30.38 10.54 -52.81
C PHE I 8 29.77 9.26 -52.25
N LEU I 9 28.56 9.33 -51.71
CA LEU I 9 27.90 8.16 -51.15
C LEU I 9 27.46 7.19 -52.24
N VAL J 1 7.94 -8.30 -19.82
CA VAL J 1 6.53 -8.35 -19.35
C VAL J 1 5.81 -7.12 -19.85
N MET J 2 4.50 -7.21 -19.96
CA MET J 2 3.69 -6.08 -20.40
C MET J 2 3.38 -5.14 -19.23
N ALA J 3 2.98 -3.92 -19.55
CA ALA J 3 2.63 -2.92 -18.55
C ALA J 3 1.56 -3.48 -17.60
N PRO J 4 1.83 -3.46 -16.29
CA PRO J 4 0.93 -3.95 -15.26
C PRO J 4 -0.21 -3.00 -14.90
N ARG J 5 -0.22 -1.83 -15.54
CA ARG J 5 -1.24 -0.83 -15.28
C ARG J 5 -1.50 -0.09 -16.57
N THR J 6 -2.72 0.40 -16.75
CA THR J 6 -3.06 1.10 -17.98
C THR J 6 -4.01 2.25 -17.65
N LEU J 7 -4.85 2.68 -18.59
CA LEU J 7 -5.72 3.82 -18.31
C LEU J 7 -7.20 3.67 -18.44
N PHE J 8 -7.92 4.25 -17.48
CA PHE J 8 -9.37 4.27 -17.55
C PHE J 8 -9.59 5.52 -18.40
N LEU J 9 -9.95 5.33 -19.65
CA LEU J 9 -10.15 6.47 -20.53
C LEU J 9 -11.40 7.28 -20.15
N VAL K 1 -2.65 -13.63 73.86
CA VAL K 1 -3.91 -14.23 74.39
C VAL K 1 -5.11 -13.64 73.65
N MET K 2 -6.19 -14.41 73.57
CA MET K 2 -7.40 -13.94 72.89
C MET K 2 -8.17 -13.02 73.84
N ALA K 3 -9.08 -12.25 73.28
CA ALA K 3 -9.90 -11.35 74.08
C ALA K 3 -10.60 -12.14 75.19
N PRO K 4 -10.49 -11.67 76.45
CA PRO K 4 -11.11 -12.30 77.61
C PRO K 4 -12.58 -11.94 77.79
N ARG K 5 -13.10 -11.12 76.89
CA ARG K 5 -14.48 -10.68 76.98
C ARG K 5 -15.04 -10.52 75.59
N THR K 6 -16.29 -10.94 75.40
CA THR K 6 -16.93 -10.81 74.10
C THR K 6 -18.29 -10.08 74.22
N LEU K 7 -19.14 -10.14 73.19
CA LEU K 7 -20.41 -9.45 73.25
C LEU K 7 -21.64 -10.34 73.24
N PHE K 8 -22.62 -9.96 74.04
CA PHE K 8 -23.90 -10.67 74.04
C PHE K 8 -24.61 -9.88 72.92
N LEU K 9 -24.81 -10.51 71.78
CA LEU K 9 -25.46 -9.85 70.67
C LEU K 9 -26.95 -9.62 70.90
N VAL L 1 -2.56 -2.01 5.65
CA VAL L 1 -2.93 -1.42 4.35
C VAL L 1 -4.23 -2.05 3.86
N MET L 2 -4.88 -1.37 2.94
CA MET L 2 -6.15 -1.82 2.39
C MET L 2 -5.92 -2.64 1.15
N ALA L 3 -6.83 -3.59 0.90
CA ALA L 3 -6.71 -4.45 -0.27
C ALA L 3 -6.35 -3.62 -1.50
N PRO L 4 -5.28 -4.01 -2.21
CA PRO L 4 -4.80 -3.36 -3.41
C PRO L 4 -5.55 -3.75 -4.67
N ARG L 5 -6.55 -4.60 -4.50
CA ARG L 5 -7.32 -5.05 -5.64
C ARG L 5 -8.78 -5.22 -5.20
N THR L 6 -9.72 -5.01 -6.12
CA THR L 6 -11.11 -5.17 -5.77
C THR L 6 -11.87 -5.86 -6.92
N LEU L 7 -13.19 -5.77 -6.93
CA LEU L 7 -13.91 -6.43 -8.00
C LEU L 7 -14.68 -5.55 -8.94
N PHE L 8 -14.73 -5.97 -10.20
CA PHE L 8 -15.53 -5.29 -11.19
C PHE L 8 -16.82 -6.13 -11.08
N LEU L 9 -17.84 -5.55 -10.47
CA LEU L 9 -19.08 -6.27 -10.32
C LEU L 9 -19.78 -6.44 -11.65
#